data_1FIO
# 
_entry.id   1FIO 
# 
_audit_conform.dict_name       mmcif_pdbx.dic 
_audit_conform.dict_version    5.392 
_audit_conform.dict_location   http://mmcif.pdb.org/dictionaries/ascii/mmcif_pdbx.dic 
# 
loop_
_database_2.database_id 
_database_2.database_code 
_database_2.pdbx_database_accession 
_database_2.pdbx_DOI 
PDB   1FIO         pdb_00001fio 10.2210/pdb1fio/pdb 
RCSB  RCSB011620   ?            ?                   
WWPDB D_1000011620 ?            ?                   
# 
loop_
_pdbx_audit_revision_history.ordinal 
_pdbx_audit_revision_history.data_content_type 
_pdbx_audit_revision_history.major_revision 
_pdbx_audit_revision_history.minor_revision 
_pdbx_audit_revision_history.revision_date 
1 'Structure model' 1 0 2000-10-11 
2 'Structure model' 1 1 2008-04-27 
3 'Structure model' 1 2 2011-07-13 
4 'Structure model' 1 3 2022-12-21 
5 'Structure model' 1 4 2024-05-22 
# 
_pdbx_audit_revision_details.ordinal             1 
_pdbx_audit_revision_details.revision_ordinal    1 
_pdbx_audit_revision_details.data_content_type   'Structure model' 
_pdbx_audit_revision_details.provider            repository 
_pdbx_audit_revision_details.type                'Initial release' 
_pdbx_audit_revision_details.description         ? 
_pdbx_audit_revision_details.details             ? 
# 
loop_
_pdbx_audit_revision_group.ordinal 
_pdbx_audit_revision_group.revision_ordinal 
_pdbx_audit_revision_group.data_content_type 
_pdbx_audit_revision_group.group 
1 2 'Structure model' 'Version format compliance' 
2 3 'Structure model' 'Version format compliance' 
3 4 'Structure model' 'Database references'       
4 4 'Structure model' 'Derived calculations'      
5 5 'Structure model' 'Data collection'           
# 
loop_
_pdbx_audit_revision_category.ordinal 
_pdbx_audit_revision_category.revision_ordinal 
_pdbx_audit_revision_category.data_content_type 
_pdbx_audit_revision_category.category 
1 4 'Structure model' database_2             
2 4 'Structure model' pdbx_struct_conn_angle 
3 4 'Structure model' struct_conn            
4 4 'Structure model' struct_ref_seq_dif     
5 4 'Structure model' struct_site            
6 5 'Structure model' chem_comp_atom         
7 5 'Structure model' chem_comp_bond         
# 
loop_
_pdbx_audit_revision_item.ordinal 
_pdbx_audit_revision_item.revision_ordinal 
_pdbx_audit_revision_item.data_content_type 
_pdbx_audit_revision_item.item 
1  4 'Structure model' '_database_2.pdbx_DOI'                        
2  4 'Structure model' '_database_2.pdbx_database_accession'         
3  4 'Structure model' '_pdbx_struct_conn_angle.ptnr1_auth_comp_id'  
4  4 'Structure model' '_pdbx_struct_conn_angle.ptnr1_auth_seq_id'   
5  4 'Structure model' '_pdbx_struct_conn_angle.ptnr1_label_atom_id' 
6  4 'Structure model' '_pdbx_struct_conn_angle.ptnr1_label_comp_id' 
7  4 'Structure model' '_pdbx_struct_conn_angle.ptnr1_label_seq_id'  
8  4 'Structure model' '_pdbx_struct_conn_angle.ptnr3_auth_comp_id'  
9  4 'Structure model' '_pdbx_struct_conn_angle.ptnr3_auth_seq_id'   
10 4 'Structure model' '_pdbx_struct_conn_angle.ptnr3_label_atom_id' 
11 4 'Structure model' '_pdbx_struct_conn_angle.ptnr3_label_comp_id' 
12 4 'Structure model' '_pdbx_struct_conn_angle.ptnr3_label_seq_id'  
13 4 'Structure model' '_pdbx_struct_conn_angle.value'               
14 4 'Structure model' '_struct_conn.pdbx_dist_value'                
15 4 'Structure model' '_struct_conn.ptnr1_auth_comp_id'             
16 4 'Structure model' '_struct_conn.ptnr1_auth_seq_id'              
17 4 'Structure model' '_struct_conn.ptnr1_label_asym_id'            
18 4 'Structure model' '_struct_conn.ptnr1_label_atom_id'            
19 4 'Structure model' '_struct_conn.ptnr1_label_comp_id'            
20 4 'Structure model' '_struct_conn.ptnr1_label_seq_id'             
21 4 'Structure model' '_struct_conn.ptnr1_symmetry'                 
22 4 'Structure model' '_struct_conn.ptnr2_auth_comp_id'             
23 4 'Structure model' '_struct_conn.ptnr2_auth_seq_id'              
24 4 'Structure model' '_struct_conn.ptnr2_label_asym_id'            
25 4 'Structure model' '_struct_conn.ptnr2_label_atom_id'            
26 4 'Structure model' '_struct_conn.ptnr2_label_comp_id'            
27 4 'Structure model' '_struct_conn.ptnr2_label_seq_id'             
28 4 'Structure model' '_struct_conn.ptnr2_symmetry'                 
29 4 'Structure model' '_struct_ref_seq_dif.details'                 
30 4 'Structure model' '_struct_site.pdbx_auth_asym_id'              
31 4 'Structure model' '_struct_site.pdbx_auth_comp_id'              
32 4 'Structure model' '_struct_site.pdbx_auth_seq_id'               
# 
_pdbx_database_status.status_code                     REL 
_pdbx_database_status.entry_id                        1FIO 
_pdbx_database_status.recvd_initial_deposition_date   2000-08-04 
_pdbx_database_status.deposit_site                    RCSB 
_pdbx_database_status.process_site                    RCSB 
_pdbx_database_status.status_code_sf                  REL 
_pdbx_database_status.SG_entry                        . 
_pdbx_database_status.pdb_format_compatible           Y 
_pdbx_database_status.status_code_mr                  ? 
_pdbx_database_status.status_code_cs                  ? 
_pdbx_database_status.status_code_nmr_data            ? 
_pdbx_database_status.methods_development_category    ? 
# 
loop_
_audit_author.name 
_audit_author.pdbx_ordinal 
'Munson, M.'    1 
'Chen, X.'      2 
'Cocina, A.E.'  3 
'Schultz, S.M.' 4 
'Hughson, F.M.' 5 
# 
_citation.id                        primary 
_citation.title                     'Interactions within the yeast t-SNARE Sso1p that control SNARE complex assembly.' 
_citation.journal_abbrev            Nat.Struct.Biol. 
_citation.journal_volume            7 
_citation.page_first                894 
_citation.page_last                 902 
_citation.year                      2000 
_citation.journal_id_ASTM           NSBIEW 
_citation.country                   US 
_citation.journal_id_ISSN           1072-8368 
_citation.journal_id_CSD            2024 
_citation.book_publisher            ? 
_citation.pdbx_database_id_PubMed   11017200 
_citation.pdbx_database_id_DOI      10.1038/79659 
# 
loop_
_citation_author.citation_id 
_citation_author.name 
_citation_author.ordinal 
_citation_author.identifier_ORCID 
primary 'Munson, M.'    1 ? 
primary 'Chen, X.'      2 ? 
primary 'Cocina, A.E.'  3 ? 
primary 'Schultz, S.M.' 4 ? 
primary 'Hughson, F.M.' 5 ? 
# 
loop_
_entity.id 
_entity.type 
_entity.src_method 
_entity.pdbx_description 
_entity.formula_weight 
_entity.pdbx_number_of_molecules 
_entity.pdbx_ec 
_entity.pdbx_mutation 
_entity.pdbx_fragment 
_entity.details 
1 polymer     man 'SSO1 PROTEIN' 22798.424 1   ? ? 'CYTOPLASMIC DOMAIN' 'YEAST T-SNARE PROTEIN' 
2 non-polymer syn 'ZINC ION'     65.409    2   ? ? ?                    ?                       
3 water       nat water          18.015    153 ? ? ?                    ?                       
# 
_entity_poly.entity_id                      1 
_entity_poly.type                           'polypeptide(L)' 
_entity_poly.nstd_linkage                   no 
_entity_poly.nstd_monomer                   no 
_entity_poly.pdbx_seq_one_letter_code       
;MHDFVGFMNKISQINRDLDKYDHTINQVDSLHKRLLTEVNEEQASHLRHSLDNFVAQATDLQFKLKNEIKSAQRDGIHDT
NKQAQAENSRQRFLKLIQDYRIVDSNYKEENKEQAKRQYMIIQPEATEDEVEAAISDVGGQQIFSQALLNANRRGEAKTA
LAEVQARHQELLKLEKSMAELTQLFNDMEELVIEQQ
;
_entity_poly.pdbx_seq_one_letter_code_can   
;MHDFVGFMNKISQINRDLDKYDHTINQVDSLHKRLLTEVNEEQASHLRHSLDNFVAQATDLQFKLKNEIKSAQRDGIHDT
NKQAQAENSRQRFLKLIQDYRIVDSNYKEENKEQAKRQYMIIQPEATEDEVEAAISDVGGQQIFSQALLNANRRGEAKTA
LAEVQARHQELLKLEKSMAELTQLFNDMEELVIEQQ
;
_entity_poly.pdbx_strand_id                 A 
_entity_poly.pdbx_target_identifier         ? 
# 
loop_
_pdbx_entity_nonpoly.entity_id 
_pdbx_entity_nonpoly.name 
_pdbx_entity_nonpoly.comp_id 
2 'ZINC ION' ZN  
3 water      HOH 
# 
loop_
_entity_poly_seq.entity_id 
_entity_poly_seq.num 
_entity_poly_seq.mon_id 
_entity_poly_seq.hetero 
1 1   MET n 
1 2   HIS n 
1 3   ASP n 
1 4   PHE n 
1 5   VAL n 
1 6   GLY n 
1 7   PHE n 
1 8   MET n 
1 9   ASN n 
1 10  LYS n 
1 11  ILE n 
1 12  SER n 
1 13  GLN n 
1 14  ILE n 
1 15  ASN n 
1 16  ARG n 
1 17  ASP n 
1 18  LEU n 
1 19  ASP n 
1 20  LYS n 
1 21  TYR n 
1 22  ASP n 
1 23  HIS n 
1 24  THR n 
1 25  ILE n 
1 26  ASN n 
1 27  GLN n 
1 28  VAL n 
1 29  ASP n 
1 30  SER n 
1 31  LEU n 
1 32  HIS n 
1 33  LYS n 
1 34  ARG n 
1 35  LEU n 
1 36  LEU n 
1 37  THR n 
1 38  GLU n 
1 39  VAL n 
1 40  ASN n 
1 41  GLU n 
1 42  GLU n 
1 43  GLN n 
1 44  ALA n 
1 45  SER n 
1 46  HIS n 
1 47  LEU n 
1 48  ARG n 
1 49  HIS n 
1 50  SER n 
1 51  LEU n 
1 52  ASP n 
1 53  ASN n 
1 54  PHE n 
1 55  VAL n 
1 56  ALA n 
1 57  GLN n 
1 58  ALA n 
1 59  THR n 
1 60  ASP n 
1 61  LEU n 
1 62  GLN n 
1 63  PHE n 
1 64  LYS n 
1 65  LEU n 
1 66  LYS n 
1 67  ASN n 
1 68  GLU n 
1 69  ILE n 
1 70  LYS n 
1 71  SER n 
1 72  ALA n 
1 73  GLN n 
1 74  ARG n 
1 75  ASP n 
1 76  GLY n 
1 77  ILE n 
1 78  HIS n 
1 79  ASP n 
1 80  THR n 
1 81  ASN n 
1 82  LYS n 
1 83  GLN n 
1 84  ALA n 
1 85  GLN n 
1 86  ALA n 
1 87  GLU n 
1 88  ASN n 
1 89  SER n 
1 90  ARG n 
1 91  GLN n 
1 92  ARG n 
1 93  PHE n 
1 94  LEU n 
1 95  LYS n 
1 96  LEU n 
1 97  ILE n 
1 98  GLN n 
1 99  ASP n 
1 100 TYR n 
1 101 ARG n 
1 102 ILE n 
1 103 VAL n 
1 104 ASP n 
1 105 SER n 
1 106 ASN n 
1 107 TYR n 
1 108 LYS n 
1 109 GLU n 
1 110 GLU n 
1 111 ASN n 
1 112 LYS n 
1 113 GLU n 
1 114 GLN n 
1 115 ALA n 
1 116 LYS n 
1 117 ARG n 
1 118 GLN n 
1 119 TYR n 
1 120 MET n 
1 121 ILE n 
1 122 ILE n 
1 123 GLN n 
1 124 PRO n 
1 125 GLU n 
1 126 ALA n 
1 127 THR n 
1 128 GLU n 
1 129 ASP n 
1 130 GLU n 
1 131 VAL n 
1 132 GLU n 
1 133 ALA n 
1 134 ALA n 
1 135 ILE n 
1 136 SER n 
1 137 ASP n 
1 138 VAL n 
1 139 GLY n 
1 140 GLY n 
1 141 GLN n 
1 142 GLN n 
1 143 ILE n 
1 144 PHE n 
1 145 SER n 
1 146 GLN n 
1 147 ALA n 
1 148 LEU n 
1 149 LEU n 
1 150 ASN n 
1 151 ALA n 
1 152 ASN n 
1 153 ARG n 
1 154 ARG n 
1 155 GLY n 
1 156 GLU n 
1 157 ALA n 
1 158 LYS n 
1 159 THR n 
1 160 ALA n 
1 161 LEU n 
1 162 ALA n 
1 163 GLU n 
1 164 VAL n 
1 165 GLN n 
1 166 ALA n 
1 167 ARG n 
1 168 HIS n 
1 169 GLN n 
1 170 GLU n 
1 171 LEU n 
1 172 LEU n 
1 173 LYS n 
1 174 LEU n 
1 175 GLU n 
1 176 LYS n 
1 177 SER n 
1 178 MET n 
1 179 ALA n 
1 180 GLU n 
1 181 LEU n 
1 182 THR n 
1 183 GLN n 
1 184 LEU n 
1 185 PHE n 
1 186 ASN n 
1 187 ASP n 
1 188 MET n 
1 189 GLU n 
1 190 GLU n 
1 191 LEU n 
1 192 VAL n 
1 193 ILE n 
1 194 GLU n 
1 195 GLN n 
1 196 GLN n 
# 
_entity_src_gen.entity_id                          1 
_entity_src_gen.pdbx_src_id                        1 
_entity_src_gen.pdbx_alt_source_flag               sample 
_entity_src_gen.pdbx_seq_type                      ? 
_entity_src_gen.pdbx_beg_seq_num                   ? 
_entity_src_gen.pdbx_end_seq_num                   ? 
_entity_src_gen.gene_src_common_name               
;baker's yeast
;
_entity_src_gen.gene_src_genus                     Saccharomyces 
_entity_src_gen.pdbx_gene_src_gene                 ? 
_entity_src_gen.gene_src_species                   ? 
_entity_src_gen.gene_src_strain                    ? 
_entity_src_gen.gene_src_tissue                    ? 
_entity_src_gen.gene_src_tissue_fraction           ? 
_entity_src_gen.gene_src_details                   ? 
_entity_src_gen.pdbx_gene_src_fragment             ? 
_entity_src_gen.pdbx_gene_src_scientific_name      'Saccharomyces cerevisiae' 
_entity_src_gen.pdbx_gene_src_ncbi_taxonomy_id     4932 
_entity_src_gen.pdbx_gene_src_variant              ? 
_entity_src_gen.pdbx_gene_src_cell_line            ? 
_entity_src_gen.pdbx_gene_src_atcc                 ? 
_entity_src_gen.pdbx_gene_src_organ                ? 
_entity_src_gen.pdbx_gene_src_organelle            ? 
_entity_src_gen.pdbx_gene_src_cell                 ? 
_entity_src_gen.pdbx_gene_src_cellular_location    ? 
_entity_src_gen.host_org_common_name               ? 
_entity_src_gen.pdbx_host_org_scientific_name      'Escherichia coli' 
_entity_src_gen.pdbx_host_org_ncbi_taxonomy_id     562 
_entity_src_gen.host_org_genus                     Escherichia 
_entity_src_gen.pdbx_host_org_gene                 ? 
_entity_src_gen.pdbx_host_org_organ                ? 
_entity_src_gen.host_org_species                   ? 
_entity_src_gen.pdbx_host_org_tissue               ? 
_entity_src_gen.pdbx_host_org_tissue_fraction      ? 
_entity_src_gen.pdbx_host_org_strain               ? 
_entity_src_gen.pdbx_host_org_variant              ? 
_entity_src_gen.pdbx_host_org_cell_line            ? 
_entity_src_gen.pdbx_host_org_atcc                 ? 
_entity_src_gen.pdbx_host_org_culture_collection   ? 
_entity_src_gen.pdbx_host_org_cell                 ? 
_entity_src_gen.pdbx_host_org_organelle            ? 
_entity_src_gen.pdbx_host_org_cellular_location    ? 
_entity_src_gen.pdbx_host_org_vector_type          ? 
_entity_src_gen.pdbx_host_org_vector               ? 
_entity_src_gen.host_org_details                   ? 
_entity_src_gen.expression_system_id               ? 
_entity_src_gen.plasmid_name                       PLM-1 
_entity_src_gen.plasmid_details                    ? 
_entity_src_gen.pdbx_description                   ? 
# 
loop_
_chem_comp.id 
_chem_comp.type 
_chem_comp.mon_nstd_flag 
_chem_comp.name 
_chem_comp.pdbx_synonyms 
_chem_comp.formula 
_chem_comp.formula_weight 
ALA 'L-peptide linking' y ALANINE         ? 'C3 H7 N O2'     89.093  
ARG 'L-peptide linking' y ARGININE        ? 'C6 H15 N4 O2 1' 175.209 
ASN 'L-peptide linking' y ASPARAGINE      ? 'C4 H8 N2 O3'    132.118 
ASP 'L-peptide linking' y 'ASPARTIC ACID' ? 'C4 H7 N O4'     133.103 
GLN 'L-peptide linking' y GLUTAMINE       ? 'C5 H10 N2 O3'   146.144 
GLU 'L-peptide linking' y 'GLUTAMIC ACID' ? 'C5 H9 N O4'     147.129 
GLY 'peptide linking'   y GLYCINE         ? 'C2 H5 N O2'     75.067  
HIS 'L-peptide linking' y HISTIDINE       ? 'C6 H10 N3 O2 1' 156.162 
HOH non-polymer         . WATER           ? 'H2 O'           18.015  
ILE 'L-peptide linking' y ISOLEUCINE      ? 'C6 H13 N O2'    131.173 
LEU 'L-peptide linking' y LEUCINE         ? 'C6 H13 N O2'    131.173 
LYS 'L-peptide linking' y LYSINE          ? 'C6 H15 N2 O2 1' 147.195 
MET 'L-peptide linking' y METHIONINE      ? 'C5 H11 N O2 S'  149.211 
PHE 'L-peptide linking' y PHENYLALANINE   ? 'C9 H11 N O2'    165.189 
PRO 'L-peptide linking' y PROLINE         ? 'C5 H9 N O2'     115.130 
SER 'L-peptide linking' y SERINE          ? 'C3 H7 N O3'     105.093 
THR 'L-peptide linking' y THREONINE       ? 'C4 H9 N O3'     119.119 
TYR 'L-peptide linking' y TYROSINE        ? 'C9 H11 N O3'    181.189 
VAL 'L-peptide linking' y VALINE          ? 'C5 H11 N O2'    117.146 
ZN  non-polymer         . 'ZINC ION'      ? 'Zn 2'           65.409  
# 
loop_
_pdbx_poly_seq_scheme.asym_id 
_pdbx_poly_seq_scheme.entity_id 
_pdbx_poly_seq_scheme.seq_id 
_pdbx_poly_seq_scheme.mon_id 
_pdbx_poly_seq_scheme.ndb_seq_num 
_pdbx_poly_seq_scheme.pdb_seq_num 
_pdbx_poly_seq_scheme.auth_seq_num 
_pdbx_poly_seq_scheme.pdb_mon_id 
_pdbx_poly_seq_scheme.auth_mon_id 
_pdbx_poly_seq_scheme.pdb_strand_id 
_pdbx_poly_seq_scheme.pdb_ins_code 
_pdbx_poly_seq_scheme.hetero 
A 1 1   MET 1   30  30  MET MET A . n 
A 1 2   HIS 2   31  31  HIS HIS A . n 
A 1 3   ASP 3   32  32  ASP ASP A . n 
A 1 4   PHE 4   33  33  PHE PHE A . n 
A 1 5   VAL 5   34  34  VAL VAL A . n 
A 1 6   GLY 6   35  35  GLY GLY A . n 
A 1 7   PHE 7   36  36  PHE PHE A . n 
A 1 8   MET 8   37  37  MET MET A . n 
A 1 9   ASN 9   38  38  ASN ASN A . n 
A 1 10  LYS 10  39  39  LYS LYS A . n 
A 1 11  ILE 11  40  40  ILE ILE A . n 
A 1 12  SER 12  41  41  SER SER A . n 
A 1 13  GLN 13  42  42  GLN GLN A . n 
A 1 14  ILE 14  43  43  ILE ILE A . n 
A 1 15  ASN 15  44  44  ASN ASN A . n 
A 1 16  ARG 16  45  45  ARG ARG A . n 
A 1 17  ASP 17  46  46  ASP ASP A . n 
A 1 18  LEU 18  47  47  LEU LEU A . n 
A 1 19  ASP 19  48  48  ASP ASP A . n 
A 1 20  LYS 20  49  49  LYS LYS A . n 
A 1 21  TYR 21  50  50  TYR TYR A . n 
A 1 22  ASP 22  51  51  ASP ASP A . n 
A 1 23  HIS 23  52  52  HIS HIS A . n 
A 1 24  THR 24  53  53  THR THR A . n 
A 1 25  ILE 25  54  54  ILE ILE A . n 
A 1 26  ASN 26  55  55  ASN ASN A . n 
A 1 27  GLN 27  56  56  GLN GLN A . n 
A 1 28  VAL 28  57  57  VAL VAL A . n 
A 1 29  ASP 29  58  58  ASP ASP A . n 
A 1 30  SER 30  59  59  SER SER A . n 
A 1 31  LEU 31  60  60  LEU LEU A . n 
A 1 32  HIS 32  61  61  HIS HIS A . n 
A 1 33  LYS 33  62  62  LYS LYS A . n 
A 1 34  ARG 34  63  63  ARG ARG A . n 
A 1 35  LEU 35  64  64  LEU LEU A . n 
A 1 36  LEU 36  65  65  LEU LEU A . n 
A 1 37  THR 37  66  66  THR THR A . n 
A 1 38  GLU 38  67  67  GLU GLU A . n 
A 1 39  VAL 39  68  68  VAL VAL A . n 
A 1 40  ASN 40  69  69  ASN ASN A . n 
A 1 41  GLU 41  70  70  GLU GLU A . n 
A 1 42  GLU 42  71  71  GLU GLU A . n 
A 1 43  GLN 43  72  72  GLN GLN A . n 
A 1 44  ALA 44  73  73  ALA ALA A . n 
A 1 45  SER 45  74  74  SER SER A . n 
A 1 46  HIS 46  75  75  HIS HIS A . n 
A 1 47  LEU 47  76  76  LEU LEU A . n 
A 1 48  ARG 48  77  77  ARG ARG A . n 
A 1 49  HIS 49  78  78  HIS HIS A . n 
A 1 50  SER 50  79  79  SER SER A . n 
A 1 51  LEU 51  80  80  LEU LEU A . n 
A 1 52  ASP 52  81  81  ASP ASP A . n 
A 1 53  ASN 53  82  82  ASN ASN A . n 
A 1 54  PHE 54  83  83  PHE PHE A . n 
A 1 55  VAL 55  84  84  VAL VAL A . n 
A 1 56  ALA 56  85  85  ALA ALA A . n 
A 1 57  GLN 57  86  86  GLN GLN A . n 
A 1 58  ALA 58  87  87  ALA ALA A . n 
A 1 59  THR 59  88  88  THR THR A . n 
A 1 60  ASP 60  89  89  ASP ASP A . n 
A 1 61  LEU 61  90  90  LEU LEU A . n 
A 1 62  GLN 62  91  91  GLN GLN A . n 
A 1 63  PHE 63  92  92  PHE PHE A . n 
A 1 64  LYS 64  93  93  LYS LYS A . n 
A 1 65  LEU 65  94  94  LEU LEU A . n 
A 1 66  LYS 66  95  95  LYS LYS A . n 
A 1 67  ASN 67  96  96  ASN ASN A . n 
A 1 68  GLU 68  97  97  GLU GLU A . n 
A 1 69  ILE 69  98  98  ILE ILE A . n 
A 1 70  LYS 70  99  99  LYS LYS A . n 
A 1 71  SER 71  100 100 SER SER A . n 
A 1 72  ALA 72  101 101 ALA ALA A . n 
A 1 73  GLN 73  102 102 GLN GLN A . n 
A 1 74  ARG 74  103 103 ARG ARG A . n 
A 1 75  ASP 75  104 104 ASP ASP A . n 
A 1 76  GLY 76  105 105 GLY GLY A . n 
A 1 77  ILE 77  106 106 ILE ILE A . n 
A 1 78  HIS 78  107 107 HIS HIS A . n 
A 1 79  ASP 79  108 108 ASP ASP A . n 
A 1 80  THR 80  109 109 THR THR A . n 
A 1 81  ASN 81  110 110 ASN ASN A . n 
A 1 82  LYS 82  111 111 LYS LYS A . n 
A 1 83  GLN 83  112 112 GLN GLN A . n 
A 1 84  ALA 84  113 113 ALA ALA A . n 
A 1 85  GLN 85  114 114 GLN GLN A . n 
A 1 86  ALA 86  115 115 ALA ALA A . n 
A 1 87  GLU 87  116 116 GLU GLU A . n 
A 1 88  ASN 88  117 117 ASN ASN A . n 
A 1 89  SER 89  118 118 SER SER A . n 
A 1 90  ARG 90  119 119 ARG ARG A . n 
A 1 91  GLN 91  120 120 GLN GLN A . n 
A 1 92  ARG 92  121 121 ARG ARG A . n 
A 1 93  PHE 93  122 122 PHE PHE A . n 
A 1 94  LEU 94  123 123 LEU LEU A . n 
A 1 95  LYS 95  124 124 LYS LYS A . n 
A 1 96  LEU 96  125 125 LEU LEU A . n 
A 1 97  ILE 97  126 126 ILE ILE A . n 
A 1 98  GLN 98  127 127 GLN GLN A . n 
A 1 99  ASP 99  128 128 ASP ASP A . n 
A 1 100 TYR 100 129 129 TYR TYR A . n 
A 1 101 ARG 101 130 130 ARG ARG A . n 
A 1 102 ILE 102 131 131 ILE ILE A . n 
A 1 103 VAL 103 132 132 VAL VAL A . n 
A 1 104 ASP 104 133 133 ASP ASP A . n 
A 1 105 SER 105 134 134 SER SER A . n 
A 1 106 ASN 106 135 135 ASN ASN A . n 
A 1 107 TYR 107 136 136 TYR TYR A . n 
A 1 108 LYS 108 137 137 LYS LYS A . n 
A 1 109 GLU 109 138 138 GLU GLU A . n 
A 1 110 GLU 110 139 139 GLU GLU A . n 
A 1 111 ASN 111 140 140 ASN ASN A . n 
A 1 112 LYS 112 141 141 LYS LYS A . n 
A 1 113 GLU 113 142 142 GLU GLU A . n 
A 1 114 GLN 114 143 143 GLN GLN A . n 
A 1 115 ALA 115 144 144 ALA ALA A . n 
A 1 116 LYS 116 145 145 LYS LYS A . n 
A 1 117 ARG 117 146 146 ARG ARG A . n 
A 1 118 GLN 118 147 147 GLN GLN A . n 
A 1 119 TYR 119 148 148 TYR TYR A . n 
A 1 120 MET 120 149 149 MET MET A . n 
A 1 121 ILE 121 150 150 ILE ILE A . n 
A 1 122 ILE 122 151 151 ILE ILE A . n 
A 1 123 GLN 123 152 152 GLN GLN A . n 
A 1 124 PRO 124 153 153 PRO PRO A . n 
A 1 125 GLU 125 154 154 GLU GLU A . n 
A 1 126 ALA 126 155 155 ALA ALA A . n 
A 1 127 THR 127 156 156 THR THR A . n 
A 1 128 GLU 128 157 157 GLU GLU A . n 
A 1 129 ASP 129 158 158 ASP ASP A . n 
A 1 130 GLU 130 159 159 GLU GLU A . n 
A 1 131 VAL 131 160 160 VAL VAL A . n 
A 1 132 GLU 132 161 161 GLU GLU A . n 
A 1 133 ALA 133 162 162 ALA ALA A . n 
A 1 134 ALA 134 163 163 ALA ALA A . n 
A 1 135 ILE 135 164 164 ILE ILE A . n 
A 1 136 SER 136 165 165 SER SER A . n 
A 1 137 ASP 137 166 166 ASP ASP A . n 
A 1 138 VAL 138 167 167 VAL VAL A . n 
A 1 139 GLY 139 168 168 GLY GLY A . n 
A 1 140 GLY 140 169 169 GLY GLY A . n 
A 1 141 GLN 141 170 170 GLN GLN A . n 
A 1 142 GLN 142 171 171 GLN GLN A . n 
A 1 143 ILE 143 172 172 ILE ILE A . n 
A 1 144 PHE 144 173 173 PHE PHE A . n 
A 1 145 SER 145 174 174 SER SER A . n 
A 1 146 GLN 146 175 175 GLN GLN A . n 
A 1 147 ALA 147 176 176 ALA ALA A . n 
A 1 148 LEU 148 177 177 LEU LEU A . n 
A 1 149 LEU 149 178 178 LEU LEU A . n 
A 1 150 ASN 150 179 ?   ?   ?   A . n 
A 1 151 ALA 151 180 ?   ?   ?   A . n 
A 1 152 ASN 152 181 ?   ?   ?   A . n 
A 1 153 ARG 153 182 ?   ?   ?   A . n 
A 1 154 ARG 154 183 ?   ?   ?   A . n 
A 1 155 GLY 155 184 ?   ?   ?   A . n 
A 1 156 GLU 156 185 185 GLU GLU A . n 
A 1 157 ALA 157 186 186 ALA ALA A . n 
A 1 158 LYS 158 187 187 LYS LYS A . n 
A 1 159 THR 159 188 188 THR THR A . n 
A 1 160 ALA 160 189 189 ALA ALA A . n 
A 1 161 LEU 161 190 190 LEU LEU A . n 
A 1 162 ALA 162 191 191 ALA ALA A . n 
A 1 163 GLU 163 192 192 GLU GLU A . n 
A 1 164 VAL 164 193 193 VAL VAL A . n 
A 1 165 GLN 165 194 194 GLN GLN A . n 
A 1 166 ALA 166 195 195 ALA ALA A . n 
A 1 167 ARG 167 196 196 ARG ARG A . n 
A 1 168 HIS 168 197 197 HIS HIS A . n 
A 1 169 GLN 169 198 198 GLN GLN A . n 
A 1 170 GLU 170 199 199 GLU GLU A . n 
A 1 171 LEU 171 200 200 LEU LEU A . n 
A 1 172 LEU 172 201 201 LEU LEU A . n 
A 1 173 LYS 173 202 202 LYS LYS A . n 
A 1 174 LEU 174 203 203 LEU LEU A . n 
A 1 175 GLU 175 204 204 GLU GLU A . n 
A 1 176 LYS 176 205 205 LYS LYS A . n 
A 1 177 SER 177 206 206 SER SER A . n 
A 1 178 MET 178 207 207 MET MET A . n 
A 1 179 ALA 179 208 208 ALA ALA A . n 
A 1 180 GLU 180 209 209 GLU GLU A . n 
A 1 181 LEU 181 210 210 LEU LEU A . n 
A 1 182 THR 182 211 211 THR THR A . n 
A 1 183 GLN 183 212 212 GLN GLN A . n 
A 1 184 LEU 184 213 213 LEU LEU A . n 
A 1 185 PHE 185 214 214 PHE PHE A . n 
A 1 186 ASN 186 215 215 ASN ASN A . n 
A 1 187 ASP 187 216 216 ASP ASP A . n 
A 1 188 MET 188 217 217 MET MET A . n 
A 1 189 GLU 189 218 218 GLU GLU A . n 
A 1 190 GLU 190 219 219 GLU GLU A . n 
A 1 191 LEU 191 220 220 LEU LEU A . n 
A 1 192 VAL 192 221 221 VAL VAL A . n 
A 1 193 ILE 193 222 222 ILE ILE A . n 
A 1 194 GLU 194 223 223 GLU GLU A . n 
A 1 195 GLN 195 224 224 GLN GLN A . n 
A 1 196 GLN 196 225 225 GLN GLN A . n 
# 
loop_
_pdbx_nonpoly_scheme.asym_id 
_pdbx_nonpoly_scheme.entity_id 
_pdbx_nonpoly_scheme.mon_id 
_pdbx_nonpoly_scheme.ndb_seq_num 
_pdbx_nonpoly_scheme.pdb_seq_num 
_pdbx_nonpoly_scheme.auth_seq_num 
_pdbx_nonpoly_scheme.pdb_mon_id 
_pdbx_nonpoly_scheme.auth_mon_id 
_pdbx_nonpoly_scheme.pdb_strand_id 
_pdbx_nonpoly_scheme.pdb_ins_code 
B 2 ZN  1   501 501 ZN  ZN2 A . 
C 2 ZN  1   502 502 ZN  ZN2 A . 
D 3 HOH 1   301 301 HOH HOH A . 
D 3 HOH 2   302 302 HOH HOH A . 
D 3 HOH 3   303 303 HOH HOH A . 
D 3 HOH 4   304 304 HOH HOH A . 
D 3 HOH 5   305 305 HOH HOH A . 
D 3 HOH 6   306 306 HOH HOH A . 
D 3 HOH 7   307 307 HOH HOH A . 
D 3 HOH 8   308 308 HOH HOH A . 
D 3 HOH 9   309 309 HOH HOH A . 
D 3 HOH 10  310 310 HOH HOH A . 
D 3 HOH 11  311 311 HOH HOH A . 
D 3 HOH 12  312 312 HOH HOH A . 
D 3 HOH 13  313 313 HOH HOH A . 
D 3 HOH 14  314 314 HOH HOH A . 
D 3 HOH 15  315 315 HOH HOH A . 
D 3 HOH 16  316 316 HOH HOH A . 
D 3 HOH 17  317 317 HOH HOH A . 
D 3 HOH 18  318 318 HOH HOH A . 
D 3 HOH 19  319 319 HOH HOH A . 
D 3 HOH 20  320 320 HOH HOH A . 
D 3 HOH 21  321 321 HOH HOH A . 
D 3 HOH 22  322 322 HOH HOH A . 
D 3 HOH 23  323 323 HOH HOH A . 
D 3 HOH 24  324 324 HOH HOH A . 
D 3 HOH 25  325 325 HOH HOH A . 
D 3 HOH 26  326 326 HOH HOH A . 
D 3 HOH 27  327 327 HOH HOH A . 
D 3 HOH 28  328 328 HOH HOH A . 
D 3 HOH 29  329 329 HOH HOH A . 
D 3 HOH 30  330 330 HOH HOH A . 
D 3 HOH 31  331 331 HOH HOH A . 
D 3 HOH 32  332 332 HOH HOH A . 
D 3 HOH 33  333 333 HOH HOH A . 
D 3 HOH 34  334 334 HOH HOH A . 
D 3 HOH 35  335 335 HOH HOH A . 
D 3 HOH 36  336 336 HOH HOH A . 
D 3 HOH 37  337 337 HOH HOH A . 
D 3 HOH 38  338 338 HOH HOH A . 
D 3 HOH 39  339 339 HOH HOH A . 
D 3 HOH 40  340 340 HOH HOH A . 
D 3 HOH 41  341 341 HOH HOH A . 
D 3 HOH 42  342 342 HOH HOH A . 
D 3 HOH 43  343 343 HOH HOH A . 
D 3 HOH 44  344 344 HOH HOH A . 
D 3 HOH 45  345 345 HOH HOH A . 
D 3 HOH 46  346 346 HOH HOH A . 
D 3 HOH 47  347 347 HOH HOH A . 
D 3 HOH 48  348 348 HOH HOH A . 
D 3 HOH 49  349 349 HOH HOH A . 
D 3 HOH 50  350 350 HOH HOH A . 
D 3 HOH 51  351 351 HOH HOH A . 
D 3 HOH 52  352 352 HOH HOH A . 
D 3 HOH 53  353 353 HOH HOH A . 
D 3 HOH 54  354 354 HOH HOH A . 
D 3 HOH 55  355 355 HOH HOH A . 
D 3 HOH 56  356 356 HOH HOH A . 
D 3 HOH 57  357 357 HOH HOH A . 
D 3 HOH 58  358 358 HOH HOH A . 
D 3 HOH 59  359 359 HOH HOH A . 
D 3 HOH 60  360 360 HOH HOH A . 
D 3 HOH 61  361 361 HOH HOH A . 
D 3 HOH 62  362 362 HOH HOH A . 
D 3 HOH 63  363 363 HOH HOH A . 
D 3 HOH 64  364 364 HOH HOH A . 
D 3 HOH 65  365 365 HOH HOH A . 
D 3 HOH 66  366 366 HOH HOH A . 
D 3 HOH 67  367 367 HOH HOH A . 
D 3 HOH 68  368 368 HOH HOH A . 
D 3 HOH 69  369 369 HOH HOH A . 
D 3 HOH 70  370 370 HOH HOH A . 
D 3 HOH 71  371 371 HOH HOH A . 
D 3 HOH 72  372 372 HOH HOH A . 
D 3 HOH 73  373 373 HOH HOH A . 
D 3 HOH 74  374 374 HOH HOH A . 
D 3 HOH 75  375 375 HOH HOH A . 
D 3 HOH 76  376 376 HOH HOH A . 
D 3 HOH 77  377 377 HOH HOH A . 
D 3 HOH 78  378 378 HOH HOH A . 
D 3 HOH 79  379 379 HOH HOH A . 
D 3 HOH 80  380 380 HOH HOH A . 
D 3 HOH 81  381 381 HOH HOH A . 
D 3 HOH 82  382 382 HOH HOH A . 
D 3 HOH 83  383 383 HOH HOH A . 
D 3 HOH 84  384 384 HOH HOH A . 
D 3 HOH 85  385 385 HOH HOH A . 
D 3 HOH 86  386 386 HOH HOH A . 
D 3 HOH 87  387 387 HOH HOH A . 
D 3 HOH 88  388 388 HOH HOH A . 
D 3 HOH 89  389 389 HOH HOH A . 
D 3 HOH 90  390 390 HOH HOH A . 
D 3 HOH 91  391 391 HOH HOH A . 
D 3 HOH 92  392 392 HOH HOH A . 
D 3 HOH 93  393 393 HOH HOH A . 
D 3 HOH 94  394 394 HOH HOH A . 
D 3 HOH 95  395 395 HOH HOH A . 
D 3 HOH 96  396 396 HOH HOH A . 
D 3 HOH 97  397 397 HOH HOH A . 
D 3 HOH 98  398 398 HOH HOH A . 
D 3 HOH 99  399 399 HOH HOH A . 
D 3 HOH 100 400 400 HOH HOH A . 
D 3 HOH 101 401 401 HOH HOH A . 
D 3 HOH 102 402 402 HOH HOH A . 
D 3 HOH 103 403 403 HOH HOH A . 
D 3 HOH 104 404 404 HOH HOH A . 
D 3 HOH 105 405 405 HOH HOH A . 
D 3 HOH 106 406 406 HOH HOH A . 
D 3 HOH 107 407 407 HOH HOH A . 
D 3 HOH 108 408 408 HOH HOH A . 
D 3 HOH 109 409 409 HOH HOH A . 
D 3 HOH 110 410 410 HOH HOH A . 
D 3 HOH 111 411 411 HOH HOH A . 
D 3 HOH 112 412 412 HOH HOH A . 
D 3 HOH 113 413 413 HOH HOH A . 
D 3 HOH 114 414 414 HOH HOH A . 
D 3 HOH 115 415 415 HOH HOH A . 
D 3 HOH 116 416 416 HOH HOH A . 
D 3 HOH 117 417 417 HOH HOH A . 
D 3 HOH 118 418 418 HOH HOH A . 
D 3 HOH 119 419 419 HOH HOH A . 
D 3 HOH 120 420 420 HOH HOH A . 
D 3 HOH 121 421 421 HOH HOH A . 
D 3 HOH 122 422 422 HOH HOH A . 
D 3 HOH 123 423 423 HOH HOH A . 
D 3 HOH 124 424 424 HOH HOH A . 
D 3 HOH 125 425 425 HOH HOH A . 
D 3 HOH 126 426 426 HOH HOH A . 
D 3 HOH 127 427 427 HOH HOH A . 
D 3 HOH 128 428 428 HOH HOH A . 
D 3 HOH 129 429 429 HOH HOH A . 
D 3 HOH 130 430 430 HOH HOH A . 
D 3 HOH 131 431 431 HOH HOH A . 
D 3 HOH 132 432 432 HOH HOH A . 
D 3 HOH 133 433 433 HOH HOH A . 
D 3 HOH 134 434 434 HOH HOH A . 
D 3 HOH 135 435 435 HOH HOH A . 
D 3 HOH 136 436 436 HOH HOH A . 
D 3 HOH 137 437 437 HOH HOH A . 
D 3 HOH 138 438 438 HOH HOH A . 
D 3 HOH 139 439 439 HOH HOH A . 
D 3 HOH 140 440 440 HOH HOH A . 
D 3 HOH 141 441 441 HOH HOH A . 
D 3 HOH 142 442 442 HOH HOH A . 
D 3 HOH 143 443 443 HOH HOH A . 
D 3 HOH 144 444 444 HOH HOH A . 
D 3 HOH 145 445 445 HOH HOH A . 
D 3 HOH 146 446 446 HOH HOH A . 
D 3 HOH 147 447 447 HOH HOH A . 
D 3 HOH 148 448 448 HOH HOH A . 
D 3 HOH 149 449 449 HOH HOH A . 
D 3 HOH 150 450 450 HOH HOH A . 
D 3 HOH 151 451 451 HOH HOH A . 
D 3 HOH 152 452 452 HOH HOH A . 
D 3 HOH 153 453 453 HOH HOH A . 
# 
loop_
_software.name 
_software.classification 
_software.version 
_software.citation_id 
_software.pdbx_ordinal 
MLPHARE   phasing          . ? 1 
CNS       refinement       . ? 2 
DENZO     'data reduction' . ? 3 
SCALEPACK 'data scaling'   . ? 4 
# 
_cell.entry_id           1FIO 
_cell.length_a           42.517 
_cell.length_b           49.855 
_cell.length_c           113.840 
_cell.angle_alpha        90.00 
_cell.angle_beta         90.00 
_cell.angle_gamma        90.00 
_cell.Z_PDB              4 
_cell.pdbx_unique_axis   ? 
# 
_symmetry.entry_id                         1FIO 
_symmetry.space_group_name_H-M             'P 21 21 21' 
_symmetry.pdbx_full_space_group_name_H-M   ? 
_symmetry.cell_setting                     ? 
_symmetry.Int_Tables_number                19 
# 
_exptl.entry_id          1FIO 
_exptl.method            'X-RAY DIFFRACTION' 
_exptl.crystals_number   1 
# 
_exptl_crystal.id                    1 
_exptl_crystal.density_meas          ? 
_exptl_crystal.density_percent_sol   56 
_exptl_crystal.density_Matthews      2.65 
_exptl_crystal.description           ? 
# 
_exptl_crystal_grow.crystal_id      1 
_exptl_crystal_grow.method          'VAPOR DIFFUSION, HANGING DROP' 
_exptl_crystal_grow.pH              7.5 
_exptl_crystal_grow.temp            298 
_exptl_crystal_grow.temp_details    ? 
_exptl_crystal_grow.pdbx_details    'Hepes, PEG 4000, isopropanol, pH 7.5, VAPOR DIFFUSION, HANGING DROP, temperature 298K' 
_exptl_crystal_grow.pdbx_pH_range   . 
# 
_diffrn.id                     1 
_diffrn.ambient_temp           100 
_diffrn.ambient_temp_details   ? 
_diffrn.crystal_id             1 
# 
_diffrn_detector.diffrn_id              1 
_diffrn_detector.detector               CCD 
_diffrn_detector.type                   BRANDEIS 
_diffrn_detector.pdbx_collection_date   2000-03-14 
_diffrn_detector.details                ? 
# 
_diffrn_radiation.diffrn_id                        1 
_diffrn_radiation.wavelength_id                    1 
_diffrn_radiation.monochromator                    ? 
_diffrn_radiation.pdbx_monochromatic_or_laue_m_l   M 
_diffrn_radiation.pdbx_diffrn_protocol             'SINGLE WAVELENGTH' 
_diffrn_radiation.pdbx_scattering_type             x-ray 
# 
_diffrn_radiation_wavelength.id           1 
_diffrn_radiation_wavelength.wavelength   0.979345 
_diffrn_radiation_wavelength.wt           1.0 
# 
_diffrn_source.diffrn_id                   1 
_diffrn_source.source                      SYNCHROTRON 
_diffrn_source.type                        'NSLS BEAMLINE X12C' 
_diffrn_source.pdbx_wavelength             0.979345 
_diffrn_source.pdbx_synchrotron_site       NSLS 
_diffrn_source.pdbx_synchrotron_beamline   X12C 
_diffrn_source.pdbx_wavelength_list        ? 
# 
_reflns.entry_id                     1FIO 
_reflns.observed_criterion_sigma_I   0 
_reflns.observed_criterion_sigma_F   0 
_reflns.d_resolution_low             25 
_reflns.d_resolution_high            1.95 
_reflns.number_obs                   18088 
_reflns.number_all                   18088 
_reflns.percent_possible_obs         99.1 
_reflns.pdbx_Rmerge_I_obs            0.0740000 
_reflns.pdbx_Rsym_value              0.0740000 
_reflns.pdbx_netI_over_sigmaI        17.9 
_reflns.B_iso_Wilson_estimate        20.6 
_reflns.pdbx_redundancy              4.5 
_reflns.R_free_details               ? 
_reflns.limit_h_max                  ? 
_reflns.limit_h_min                  ? 
_reflns.limit_k_max                  ? 
_reflns.limit_k_min                  ? 
_reflns.limit_l_max                  ? 
_reflns.limit_l_min                  ? 
_reflns.observed_criterion_F_max     ? 
_reflns.observed_criterion_F_min     ? 
_reflns.pdbx_diffrn_id               1 
_reflns.pdbx_ordinal                 1 
# 
_reflns_shell.d_res_high             1.95 
_reflns_shell.d_res_low              2.02 
_reflns_shell.percent_possible_obs   ? 
_reflns_shell.percent_possible_all   99.8 
_reflns_shell.Rmerge_I_obs           0.3800000 
_reflns_shell.meanI_over_sigI_obs    4.6 
_reflns_shell.pdbx_Rsym_value        0.3800000 
_reflns_shell.pdbx_redundancy        4.4 
_reflns_shell.number_unique_all      1797 
_reflns_shell.pdbx_diffrn_id         ? 
_reflns_shell.pdbx_ordinal           1 
# 
_refine.entry_id                                 1FIO 
_refine.ls_number_reflns_obs                     14025 
_refine.ls_number_reflns_all                     14265 
_refine.pdbx_ls_sigma_I                          4 
_refine.pdbx_ls_sigma_F                          2 
_refine.pdbx_data_cutoff_high_absF               ? 
_refine.pdbx_data_cutoff_low_absF                ? 
_refine.ls_d_res_low                             8 
_refine.ls_d_res_high                            2.1 
_refine.ls_percent_reflns_obs                    97.3 
_refine.ls_R_factor_obs                          0.2210000 
_refine.ls_R_factor_all                          0.2270000 
_refine.ls_R_factor_R_work                       0.2190000 
_refine.ls_R_factor_R_free                       0.2650000 
_refine.ls_R_factor_R_free_error                 0.007 
_refine.ls_R_factor_R_free_error_details         ? 
_refine.ls_percent_reflns_R_free                 10 
_refine.ls_number_reflns_R_free                  1398 
_refine.ls_number_parameters                     ? 
_refine.ls_number_restraints                     ? 
_refine.occupancy_min                            ? 
_refine.occupancy_max                            ? 
_refine.B_iso_mean                               36.2 
_refine.aniso_B[1][1]                            ? 
_refine.aniso_B[2][2]                            ? 
_refine.aniso_B[3][3]                            ? 
_refine.aniso_B[1][2]                            ? 
_refine.aniso_B[1][3]                            ? 
_refine.aniso_B[2][3]                            ? 
_refine.solvent_model_details                    'flat model' 
_refine.solvent_model_param_ksol                 0.455486 
_refine.solvent_model_param_bsol                 80.7191 
_refine.pdbx_ls_cross_valid_method               THROUGHOUT 
_refine.details                                  'maximum likelihood target using amplitudes' 
_refine.pdbx_starting_model                      ? 
_refine.pdbx_method_to_determine_struct          'multiwavelength anomalous diffraction' 
_refine.pdbx_isotropic_thermal_model             restrained 
_refine.pdbx_stereochemistry_target_values       'Engh & Huber' 
_refine.pdbx_stereochem_target_val_spec_case     ? 
_refine.pdbx_R_Free_selection_details            RANDOM 
_refine.pdbx_overall_ESU_R_Free                  ? 
_refine.overall_SU_B                             ? 
_refine.ls_redundancy_reflns_obs                 ? 
_refine.B_iso_min                                ? 
_refine.B_iso_max                                ? 
_refine.overall_SU_ML                            ? 
_refine.pdbx_overall_ESU_R                       ? 
_refine.pdbx_data_cutoff_high_rms_absF           ? 
_refine.pdbx_refine_id                           'X-RAY DIFFRACTION' 
_refine.pdbx_diffrn_id                           1 
_refine.pdbx_TLS_residual_ADP_flag               ? 
_refine.correlation_coeff_Fo_to_Fc               ? 
_refine.correlation_coeff_Fo_to_Fc_free          ? 
_refine.pdbx_solvent_vdw_probe_radii             ? 
_refine.pdbx_solvent_ion_probe_radii             ? 
_refine.pdbx_solvent_shrinkage_radii             ? 
_refine.pdbx_overall_phase_error                 ? 
_refine.overall_SU_R_Cruickshank_DPI             ? 
_refine.pdbx_overall_SU_R_free_Cruickshank_DPI   ? 
_refine.pdbx_overall_SU_R_Blow_DPI               ? 
_refine.pdbx_overall_SU_R_free_Blow_DPI          ? 
# 
_refine_analyze.entry_id                        1FIO 
_refine_analyze.Luzzati_coordinate_error_obs    0.26 
_refine_analyze.Luzzati_sigma_a_obs             0.15 
_refine_analyze.Luzzati_d_res_low_obs           8.00 
_refine_analyze.Luzzati_coordinate_error_free   0.32 
_refine_analyze.Luzzati_sigma_a_free            0.23 
_refine_analyze.Luzzati_d_res_low_free          ? 
_refine_analyze.number_disordered_residues      ? 
_refine_analyze.occupancy_sum_hydrogen          ? 
_refine_analyze.occupancy_sum_non_hydrogen      ? 
_refine_analyze.pdbx_Luzzati_d_res_high_obs     ? 
_refine_analyze.pdbx_refine_id                  'X-RAY DIFFRACTION' 
# 
_refine_hist.pdbx_refine_id                   'X-RAY DIFFRACTION' 
_refine_hist.cycle_id                         LAST 
_refine_hist.pdbx_number_atoms_protein        1553 
_refine_hist.pdbx_number_atoms_nucleic_acid   0 
_refine_hist.pdbx_number_atoms_ligand         2 
_refine_hist.number_atoms_solvent             153 
_refine_hist.number_atoms_total               1708 
_refine_hist.d_res_high                       2.1 
_refine_hist.d_res_low                        8 
# 
loop_
_refine_ls_restr.type 
_refine_ls_restr.dev_ideal 
_refine_ls_restr.dev_ideal_target 
_refine_ls_restr.weight 
_refine_ls_restr.number 
_refine_ls_restr.pdbx_refine_id 
_refine_ls_restr.pdbx_restraint_function 
c_bond_d           0.005 ?    ? ? 'X-RAY DIFFRACTION' ? 
c_angle_deg        0.9   ?    ? ? 'X-RAY DIFFRACTION' ? 
c_dihedral_angle_d 16.0  ?    ? ? 'X-RAY DIFFRACTION' ? 
c_improper_angle_d 0.59  ?    ? ? 'X-RAY DIFFRACTION' ? 
c_mcbond_it        4.83  1.50 ? ? 'X-RAY DIFFRACTION' ? 
c_mcangle_it       6.64  2.00 ? ? 'X-RAY DIFFRACTION' ? 
c_scbond_it        5.38  2.00 ? ? 'X-RAY DIFFRACTION' ? 
c_scangle_it       8.85  2.50 ? ? 'X-RAY DIFFRACTION' ? 
# 
_refine_ls_shell.R_factor_R_free                  0.2890000 
_refine_ls_shell.R_factor_R_free_error            0.026 
_refine_ls_shell.R_factor_R_work                  0.2380000 
_refine_ls_shell.d_res_high                       2.10 
_refine_ls_shell.d_res_low                        2.17 
_refine_ls_shell.pdbx_total_number_of_bins_used   10 
_refine_ls_shell.number_reflns_R_free             126 
_refine_ls_shell.number_reflns_R_work             1239 
_refine_ls_shell.percent_reflns_R_free            9.2 
_refine_ls_shell.percent_reflns_obs               96.8 
_refine_ls_shell.redundancy_reflns_obs            ? 
_refine_ls_shell.number_reflns_all                ? 
_refine_ls_shell.number_reflns_obs                ? 
_refine_ls_shell.pdbx_refine_id                   'X-RAY DIFFRACTION' 
_refine_ls_shell.R_factor_all                     ? 
# 
loop_
_pdbx_xplor_file.serial_no 
_pdbx_xplor_file.param_file 
_pdbx_xplor_file.topol_file 
_pdbx_xplor_file.pdbx_refine_id 
1 protein_rep.param protein.top 'X-RAY DIFFRACTION' 
2 water.param       water.top   'X-RAY DIFFRACTION' 
3 ion.param         ion.top     'X-RAY DIFFRACTION' 
# 
_struct.entry_id                  1FIO 
_struct.title                     'CRYSTAL STRUCTURE OF YEAST T-SNARE PROTEIN SSO1' 
_struct.pdbx_model_details        ? 
_struct.pdbx_CASP_flag            ? 
_struct.pdbx_model_type_details   ? 
# 
_struct_keywords.entry_id        1FIO 
_struct_keywords.pdbx_keywords   'MEMBRANE PROTEIN' 
_struct_keywords.text            'four helix bundle, alpha helix, MEMBRANE PROTEIN' 
# 
loop_
_struct_asym.id 
_struct_asym.pdbx_blank_PDB_chainid_flag 
_struct_asym.pdbx_modified 
_struct_asym.entity_id 
_struct_asym.details 
A N N 1 ? 
B N N 2 ? 
C N N 2 ? 
D N N 3 ? 
# 
_struct_ref.id                         1 
_struct_ref.db_code                    SSO1_YEAST 
_struct_ref.db_name                    UNP 
_struct_ref.entity_id                  1 
_struct_ref.pdbx_db_accession          P32867 
_struct_ref.pdbx_align_begin           31 
_struct_ref.pdbx_seq_one_letter_code   
;HDFVGFMNKISQINRDLDKYDHTINQVDSLHKRLLTEVNEEQASHLRHSLDNFVAQATDLQFKLKNEIKSAQRDGIHDTN
KQAQAENSRQRFLKLIQDYRIVDSNYKEENKEQAKRQYMIIQPEATEDEVEAAISDVGGQQIFSQALLNANRRGEAKTAL
AEVQARHQELLKLEKSMAELTQLFNDMEELVIEQQ
;
_struct_ref.pdbx_db_isoform            ? 
# 
_struct_ref_seq.align_id                      1 
_struct_ref_seq.ref_id                        1 
_struct_ref_seq.pdbx_PDB_id_code              1FIO 
_struct_ref_seq.pdbx_strand_id                A 
_struct_ref_seq.seq_align_beg                 2 
_struct_ref_seq.pdbx_seq_align_beg_ins_code   ? 
_struct_ref_seq.seq_align_end                 196 
_struct_ref_seq.pdbx_seq_align_end_ins_code   ? 
_struct_ref_seq.pdbx_db_accession             P32867 
_struct_ref_seq.db_align_beg                  31 
_struct_ref_seq.pdbx_db_align_beg_ins_code    ? 
_struct_ref_seq.db_align_end                  225 
_struct_ref_seq.pdbx_db_align_end_ins_code    ? 
_struct_ref_seq.pdbx_auth_seq_align_beg       31 
_struct_ref_seq.pdbx_auth_seq_align_end       225 
# 
_struct_ref_seq_dif.align_id                     1 
_struct_ref_seq_dif.pdbx_pdb_id_code             1FIO 
_struct_ref_seq_dif.mon_id                       MET 
_struct_ref_seq_dif.pdbx_pdb_strand_id           A 
_struct_ref_seq_dif.seq_num                      1 
_struct_ref_seq_dif.pdbx_pdb_ins_code            ? 
_struct_ref_seq_dif.pdbx_seq_db_name             UNP 
_struct_ref_seq_dif.pdbx_seq_db_accession_code   P32867 
_struct_ref_seq_dif.db_mon_id                    ? 
_struct_ref_seq_dif.pdbx_seq_db_seq_num          ? 
_struct_ref_seq_dif.details                      'initiating methionine' 
_struct_ref_seq_dif.pdbx_auth_seq_num            30 
_struct_ref_seq_dif.pdbx_ordinal                 1 
# 
_pdbx_struct_assembly.id                   1 
_pdbx_struct_assembly.details              author_defined_assembly 
_pdbx_struct_assembly.method_details       ? 
_pdbx_struct_assembly.oligomeric_details   monomeric 
_pdbx_struct_assembly.oligomeric_count     1 
# 
_pdbx_struct_assembly_gen.assembly_id       1 
_pdbx_struct_assembly_gen.oper_expression   1 
_pdbx_struct_assembly_gen.asym_id_list      A,B,C,D 
# 
_pdbx_struct_oper_list.id                   1 
_pdbx_struct_oper_list.type                 'identity operation' 
_pdbx_struct_oper_list.name                 1_555 
_pdbx_struct_oper_list.symmetry_operation   x,y,z 
_pdbx_struct_oper_list.matrix[1][1]         1.0000000000 
_pdbx_struct_oper_list.matrix[1][2]         0.0000000000 
_pdbx_struct_oper_list.matrix[1][3]         0.0000000000 
_pdbx_struct_oper_list.vector[1]            0.0000000000 
_pdbx_struct_oper_list.matrix[2][1]         0.0000000000 
_pdbx_struct_oper_list.matrix[2][2]         1.0000000000 
_pdbx_struct_oper_list.matrix[2][3]         0.0000000000 
_pdbx_struct_oper_list.vector[2]            0.0000000000 
_pdbx_struct_oper_list.matrix[3][1]         0.0000000000 
_pdbx_struct_oper_list.matrix[3][2]         0.0000000000 
_pdbx_struct_oper_list.matrix[3][3]         1.0000000000 
_pdbx_struct_oper_list.vector[3]            0.0000000000 
# 
loop_
_struct_conf.conf_type_id 
_struct_conf.id 
_struct_conf.pdbx_PDB_helix_id 
_struct_conf.beg_label_comp_id 
_struct_conf.beg_label_asym_id 
_struct_conf.beg_label_seq_id 
_struct_conf.pdbx_beg_PDB_ins_code 
_struct_conf.end_label_comp_id 
_struct_conf.end_label_asym_id 
_struct_conf.end_label_seq_id 
_struct_conf.pdbx_end_PDB_ins_code 
_struct_conf.beg_auth_comp_id 
_struct_conf.beg_auth_asym_id 
_struct_conf.beg_auth_seq_id 
_struct_conf.end_auth_comp_id 
_struct_conf.end_auth_asym_id 
_struct_conf.end_auth_seq_id 
_struct_conf.pdbx_PDB_helix_class 
_struct_conf.details 
_struct_conf.pdbx_PDB_helix_length 
HELX_P HELX_P1 1 MET A 1   ? LEU A 36  ? MET A 30  LEU A 65  1 ? 36 
HELX_P HELX_P2 2 ASN A 40  ? GLY A 76  ? ASN A 69  GLY A 105 1 ? 37 
HELX_P HELX_P3 3 ASP A 79  ? GLN A 123 ? ASP A 108 GLN A 152 1 ? 45 
HELX_P HELX_P4 4 THR A 127 ? ILE A 135 ? THR A 156 ILE A 164 1 ? 9  
HELX_P HELX_P5 5 SER A 136 ? LEU A 148 ? SER A 165 LEU A 177 1 ? 13 
HELX_P HELX_P6 6 GLU A 156 ? GLU A 190 ? GLU A 185 GLU A 219 1 ? 35 
# 
_struct_conf_type.id          HELX_P 
_struct_conf_type.criteria    ? 
_struct_conf_type.reference   ? 
# 
loop_
_struct_conn.id 
_struct_conn.conn_type_id 
_struct_conn.pdbx_leaving_atom_flag 
_struct_conn.pdbx_PDB_id 
_struct_conn.ptnr1_label_asym_id 
_struct_conn.ptnr1_label_comp_id 
_struct_conn.ptnr1_label_seq_id 
_struct_conn.ptnr1_label_atom_id 
_struct_conn.pdbx_ptnr1_label_alt_id 
_struct_conn.pdbx_ptnr1_PDB_ins_code 
_struct_conn.pdbx_ptnr1_standard_comp_id 
_struct_conn.ptnr1_symmetry 
_struct_conn.ptnr2_label_asym_id 
_struct_conn.ptnr2_label_comp_id 
_struct_conn.ptnr2_label_seq_id 
_struct_conn.ptnr2_label_atom_id 
_struct_conn.pdbx_ptnr2_label_alt_id 
_struct_conn.pdbx_ptnr2_PDB_ins_code 
_struct_conn.ptnr1_auth_asym_id 
_struct_conn.ptnr1_auth_comp_id 
_struct_conn.ptnr1_auth_seq_id 
_struct_conn.ptnr2_auth_asym_id 
_struct_conn.ptnr2_auth_comp_id 
_struct_conn.ptnr2_auth_seq_id 
_struct_conn.ptnr2_symmetry 
_struct_conn.pdbx_ptnr3_label_atom_id 
_struct_conn.pdbx_ptnr3_label_seq_id 
_struct_conn.pdbx_ptnr3_label_comp_id 
_struct_conn.pdbx_ptnr3_label_asym_id 
_struct_conn.pdbx_ptnr3_label_alt_id 
_struct_conn.pdbx_ptnr3_PDB_ins_code 
_struct_conn.details 
_struct_conn.pdbx_dist_value 
_struct_conn.pdbx_value_order 
_struct_conn.pdbx_role 
metalc1  metalc ? ? A MET 1   N   ? ? ? 1_555 B ZN . ZN ? ? A MET 30  A ZN 501 1_555 ? ? ? ? ? ? ? 2.090 ? ? 
metalc2  metalc ? ? A HIS 2   N   ? ? ? 1_555 B ZN . ZN ? ? A HIS 31  A ZN 501 1_555 ? ? ? ? ? ? ? 1.955 ? ? 
metalc3  metalc ? ? A HIS 2   ND1 ? ? ? 1_555 B ZN . ZN ? ? A HIS 31  A ZN 501 1_555 ? ? ? ? ? ? ? 2.232 ? ? 
metalc4  metalc ? ? A HIS 46  ND1 ? ? ? 1_555 C ZN . ZN ? ? A HIS 75  A ZN 502 1_555 ? ? ? ? ? ? ? 2.136 ? ? 
metalc5  metalc ? ? A HIS 49  ND1 ? ? ? 1_555 C ZN . ZN ? ? A HIS 78  A ZN 502 1_555 ? ? ? ? ? ? ? 2.086 ? ? 
metalc6  metalc ? ? A HIS 78  NE2 ? ? ? 3_646 C ZN . ZN ? ? A HIS 107 A ZN 502 1_555 ? ? ? ? ? ? ? 2.017 ? ? 
metalc7  metalc ? ? A ASP 137 OD1 ? ? ? 3_646 B ZN . ZN ? ? A ASP 166 A ZN 501 1_555 ? ? ? ? ? ? ? 1.904 ? ? 
metalc8  metalc ? ? A HIS 168 NE2 ? ? ? 3_646 B ZN . ZN ? ? A HIS 197 A ZN 501 1_555 ? ? ? ? ? ? ? 2.032 ? ? 
metalc9  metalc ? ? A GLU 194 OE1 ? ? ? 3_646 C ZN . ZN ? ? A GLU 223 A ZN 502 1_555 ? ? ? ? ? ? ? 2.555 ? ? 
metalc10 metalc ? ? A GLU 194 OE2 ? ? ? 3_646 C ZN . ZN ? ? A GLU 223 A ZN 502 1_555 ? ? ? ? ? ? ? 1.877 ? ? 
# 
_struct_conn_type.id          metalc 
_struct_conn_type.criteria    ? 
_struct_conn_type.reference   ? 
# 
loop_
_pdbx_struct_conn_angle.id 
_pdbx_struct_conn_angle.ptnr1_label_atom_id 
_pdbx_struct_conn_angle.ptnr1_label_alt_id 
_pdbx_struct_conn_angle.ptnr1_label_asym_id 
_pdbx_struct_conn_angle.ptnr1_label_comp_id 
_pdbx_struct_conn_angle.ptnr1_label_seq_id 
_pdbx_struct_conn_angle.ptnr1_auth_atom_id 
_pdbx_struct_conn_angle.ptnr1_auth_asym_id 
_pdbx_struct_conn_angle.ptnr1_auth_comp_id 
_pdbx_struct_conn_angle.ptnr1_auth_seq_id 
_pdbx_struct_conn_angle.ptnr1_PDB_ins_code 
_pdbx_struct_conn_angle.ptnr1_symmetry 
_pdbx_struct_conn_angle.ptnr2_label_atom_id 
_pdbx_struct_conn_angle.ptnr2_label_alt_id 
_pdbx_struct_conn_angle.ptnr2_label_asym_id 
_pdbx_struct_conn_angle.ptnr2_label_comp_id 
_pdbx_struct_conn_angle.ptnr2_label_seq_id 
_pdbx_struct_conn_angle.ptnr2_auth_atom_id 
_pdbx_struct_conn_angle.ptnr2_auth_asym_id 
_pdbx_struct_conn_angle.ptnr2_auth_comp_id 
_pdbx_struct_conn_angle.ptnr2_auth_seq_id 
_pdbx_struct_conn_angle.ptnr2_PDB_ins_code 
_pdbx_struct_conn_angle.ptnr2_symmetry 
_pdbx_struct_conn_angle.ptnr3_label_atom_id 
_pdbx_struct_conn_angle.ptnr3_label_alt_id 
_pdbx_struct_conn_angle.ptnr3_label_asym_id 
_pdbx_struct_conn_angle.ptnr3_label_comp_id 
_pdbx_struct_conn_angle.ptnr3_label_seq_id 
_pdbx_struct_conn_angle.ptnr3_auth_atom_id 
_pdbx_struct_conn_angle.ptnr3_auth_asym_id 
_pdbx_struct_conn_angle.ptnr3_auth_comp_id 
_pdbx_struct_conn_angle.ptnr3_auth_seq_id 
_pdbx_struct_conn_angle.ptnr3_PDB_ins_code 
_pdbx_struct_conn_angle.ptnr3_symmetry 
_pdbx_struct_conn_angle.value 
_pdbx_struct_conn_angle.value_esd 
1  N   ? A MET 1   ? A MET 30  ? 1_555 ZN ? B ZN . ? A ZN 501 ? 1_555 N   ? A HIS 2   ? A HIS 31  ? 1_555 84.9  ? 
2  N   ? A MET 1   ? A MET 30  ? 1_555 ZN ? B ZN . ? A ZN 501 ? 1_555 ND1 ? A HIS 2   ? A HIS 31  ? 1_555 165.7 ? 
3  N   ? A HIS 2   ? A HIS 31  ? 1_555 ZN ? B ZN . ? A ZN 501 ? 1_555 ND1 ? A HIS 2   ? A HIS 31  ? 1_555 98.4  ? 
4  N   ? A MET 1   ? A MET 30  ? 1_555 ZN ? B ZN . ? A ZN 501 ? 1_555 OD1 ? A ASP 137 ? A ASP 166 ? 3_646 85.1  ? 
5  N   ? A HIS 2   ? A HIS 31  ? 1_555 ZN ? B ZN . ? A ZN 501 ? 1_555 OD1 ? A ASP 137 ? A ASP 166 ? 3_646 134.5 ? 
6  ND1 ? A HIS 2   ? A HIS 31  ? 1_555 ZN ? B ZN . ? A ZN 501 ? 1_555 OD1 ? A ASP 137 ? A ASP 166 ? 3_646 82.7  ? 
7  N   ? A MET 1   ? A MET 30  ? 1_555 ZN ? B ZN . ? A ZN 501 ? 1_555 NE2 ? A HIS 168 ? A HIS 197 ? 3_646 99.2  ? 
8  N   ? A HIS 2   ? A HIS 31  ? 1_555 ZN ? B ZN . ? A ZN 501 ? 1_555 NE2 ? A HIS 168 ? A HIS 197 ? 3_646 118.1 ? 
9  ND1 ? A HIS 2   ? A HIS 31  ? 1_555 ZN ? B ZN . ? A ZN 501 ? 1_555 NE2 ? A HIS 168 ? A HIS 197 ? 3_646 91.6  ? 
10 OD1 ? A ASP 137 ? A ASP 166 ? 3_646 ZN ? B ZN . ? A ZN 501 ? 1_555 NE2 ? A HIS 168 ? A HIS 197 ? 3_646 107.2 ? 
11 ND1 ? A HIS 46  ? A HIS 75  ? 1_555 ZN ? C ZN . ? A ZN 502 ? 1_555 ND1 ? A HIS 49  ? A HIS 78  ? 1_555 112.4 ? 
12 ND1 ? A HIS 46  ? A HIS 75  ? 1_555 ZN ? C ZN . ? A ZN 502 ? 1_555 NE2 ? A HIS 78  ? A HIS 107 ? 3_646 101.2 ? 
13 ND1 ? A HIS 49  ? A HIS 78  ? 1_555 ZN ? C ZN . ? A ZN 502 ? 1_555 NE2 ? A HIS 78  ? A HIS 107 ? 3_646 117.7 ? 
14 ND1 ? A HIS 46  ? A HIS 75  ? 1_555 ZN ? C ZN . ? A ZN 502 ? 1_555 OE1 ? A GLU 194 ? A GLU 223 ? 3_646 139.8 ? 
15 ND1 ? A HIS 49  ? A HIS 78  ? 1_555 ZN ? C ZN . ? A ZN 502 ? 1_555 OE1 ? A GLU 194 ? A GLU 223 ? 3_646 100.9 ? 
16 NE2 ? A HIS 78  ? A HIS 107 ? 3_646 ZN ? C ZN . ? A ZN 502 ? 1_555 OE1 ? A GLU 194 ? A GLU 223 ? 3_646 81.6  ? 
17 ND1 ? A HIS 46  ? A HIS 75  ? 1_555 ZN ? C ZN . ? A ZN 502 ? 1_555 OE2 ? A GLU 194 ? A GLU 223 ? 3_646 82.7  ? 
18 ND1 ? A HIS 49  ? A HIS 78  ? 1_555 ZN ? C ZN . ? A ZN 502 ? 1_555 OE2 ? A GLU 194 ? A GLU 223 ? 3_646 145.9 ? 
19 NE2 ? A HIS 78  ? A HIS 107 ? 3_646 ZN ? C ZN . ? A ZN 502 ? 1_555 OE2 ? A GLU 194 ? A GLU 223 ? 3_646 86.9  ? 
20 OE1 ? A GLU 194 ? A GLU 223 ? 3_646 ZN ? C ZN . ? A ZN 502 ? 1_555 OE2 ? A GLU 194 ? A GLU 223 ? 3_646 57.3  ? 
# 
loop_
_struct_site.id 
_struct_site.pdbx_evidence_code 
_struct_site.pdbx_auth_asym_id 
_struct_site.pdbx_auth_comp_id 
_struct_site.pdbx_auth_seq_id 
_struct_site.pdbx_auth_ins_code 
_struct_site.pdbx_num_residues 
_struct_site.details 
AC1 Software A ZN 501 ? 4 'BINDING SITE FOR RESIDUE ZN A 501' 
AC2 Software A ZN 502 ? 4 'BINDING SITE FOR RESIDUE ZN A 502' 
# 
loop_
_struct_site_gen.id 
_struct_site_gen.site_id 
_struct_site_gen.pdbx_num_res 
_struct_site_gen.label_comp_id 
_struct_site_gen.label_asym_id 
_struct_site_gen.label_seq_id 
_struct_site_gen.pdbx_auth_ins_code 
_struct_site_gen.auth_comp_id 
_struct_site_gen.auth_asym_id 
_struct_site_gen.auth_seq_id 
_struct_site_gen.label_atom_id 
_struct_site_gen.label_alt_id 
_struct_site_gen.symmetry 
_struct_site_gen.details 
1 AC1 4 MET A 1   ? MET A 30  . ? 1_555 ? 
2 AC1 4 HIS A 2   ? HIS A 31  . ? 1_555 ? 
3 AC1 4 ASP A 137 ? ASP A 166 . ? 3_646 ? 
4 AC1 4 HIS A 168 ? HIS A 197 . ? 3_646 ? 
5 AC2 4 HIS A 46  ? HIS A 75  . ? 1_555 ? 
6 AC2 4 HIS A 49  ? HIS A 78  . ? 1_555 ? 
7 AC2 4 HIS A 78  ? HIS A 107 . ? 3_646 ? 
8 AC2 4 GLU A 194 ? GLU A 223 . ? 3_646 ? 
# 
loop_
_pdbx_validate_torsion.id 
_pdbx_validate_torsion.PDB_model_num 
_pdbx_validate_torsion.auth_comp_id 
_pdbx_validate_torsion.auth_asym_id 
_pdbx_validate_torsion.auth_seq_id 
_pdbx_validate_torsion.PDB_ins_code 
_pdbx_validate_torsion.label_alt_id 
_pdbx_validate_torsion.phi 
_pdbx_validate_torsion.psi 
1 1 PRO A 153 ? ? -54.79 -7.95 
2 1 LEU A 177 ? ? -66.64 27.95 
# 
loop_
_pdbx_unobs_or_zero_occ_residues.id 
_pdbx_unobs_or_zero_occ_residues.PDB_model_num 
_pdbx_unobs_or_zero_occ_residues.polymer_flag 
_pdbx_unobs_or_zero_occ_residues.occupancy_flag 
_pdbx_unobs_or_zero_occ_residues.auth_asym_id 
_pdbx_unobs_or_zero_occ_residues.auth_comp_id 
_pdbx_unobs_or_zero_occ_residues.auth_seq_id 
_pdbx_unobs_or_zero_occ_residues.PDB_ins_code 
_pdbx_unobs_or_zero_occ_residues.label_asym_id 
_pdbx_unobs_or_zero_occ_residues.label_comp_id 
_pdbx_unobs_or_zero_occ_residues.label_seq_id 
1 1 Y 1 A ASN 179 ? A ASN 150 
2 1 Y 1 A ALA 180 ? A ALA 151 
3 1 Y 1 A ASN 181 ? A ASN 152 
4 1 Y 1 A ARG 182 ? A ARG 153 
5 1 Y 1 A ARG 183 ? A ARG 154 
6 1 Y 1 A GLY 184 ? A GLY 155 
# 
loop_
_chem_comp_atom.comp_id 
_chem_comp_atom.atom_id 
_chem_comp_atom.type_symbol 
_chem_comp_atom.pdbx_aromatic_flag 
_chem_comp_atom.pdbx_stereo_config 
_chem_comp_atom.pdbx_ordinal 
ALA N    N  N N 1   
ALA CA   C  N S 2   
ALA C    C  N N 3   
ALA O    O  N N 4   
ALA CB   C  N N 5   
ALA OXT  O  N N 6   
ALA H    H  N N 7   
ALA H2   H  N N 8   
ALA HA   H  N N 9   
ALA HB1  H  N N 10  
ALA HB2  H  N N 11  
ALA HB3  H  N N 12  
ALA HXT  H  N N 13  
ARG N    N  N N 14  
ARG CA   C  N S 15  
ARG C    C  N N 16  
ARG O    O  N N 17  
ARG CB   C  N N 18  
ARG CG   C  N N 19  
ARG CD   C  N N 20  
ARG NE   N  N N 21  
ARG CZ   C  N N 22  
ARG NH1  N  N N 23  
ARG NH2  N  N N 24  
ARG OXT  O  N N 25  
ARG H    H  N N 26  
ARG H2   H  N N 27  
ARG HA   H  N N 28  
ARG HB2  H  N N 29  
ARG HB3  H  N N 30  
ARG HG2  H  N N 31  
ARG HG3  H  N N 32  
ARG HD2  H  N N 33  
ARG HD3  H  N N 34  
ARG HE   H  N N 35  
ARG HH11 H  N N 36  
ARG HH12 H  N N 37  
ARG HH21 H  N N 38  
ARG HH22 H  N N 39  
ARG HXT  H  N N 40  
ASN N    N  N N 41  
ASN CA   C  N S 42  
ASN C    C  N N 43  
ASN O    O  N N 44  
ASN CB   C  N N 45  
ASN CG   C  N N 46  
ASN OD1  O  N N 47  
ASN ND2  N  N N 48  
ASN OXT  O  N N 49  
ASN H    H  N N 50  
ASN H2   H  N N 51  
ASN HA   H  N N 52  
ASN HB2  H  N N 53  
ASN HB3  H  N N 54  
ASN HD21 H  N N 55  
ASN HD22 H  N N 56  
ASN HXT  H  N N 57  
ASP N    N  N N 58  
ASP CA   C  N S 59  
ASP C    C  N N 60  
ASP O    O  N N 61  
ASP CB   C  N N 62  
ASP CG   C  N N 63  
ASP OD1  O  N N 64  
ASP OD2  O  N N 65  
ASP OXT  O  N N 66  
ASP H    H  N N 67  
ASP H2   H  N N 68  
ASP HA   H  N N 69  
ASP HB2  H  N N 70  
ASP HB3  H  N N 71  
ASP HD2  H  N N 72  
ASP HXT  H  N N 73  
GLN N    N  N N 74  
GLN CA   C  N S 75  
GLN C    C  N N 76  
GLN O    O  N N 77  
GLN CB   C  N N 78  
GLN CG   C  N N 79  
GLN CD   C  N N 80  
GLN OE1  O  N N 81  
GLN NE2  N  N N 82  
GLN OXT  O  N N 83  
GLN H    H  N N 84  
GLN H2   H  N N 85  
GLN HA   H  N N 86  
GLN HB2  H  N N 87  
GLN HB3  H  N N 88  
GLN HG2  H  N N 89  
GLN HG3  H  N N 90  
GLN HE21 H  N N 91  
GLN HE22 H  N N 92  
GLN HXT  H  N N 93  
GLU N    N  N N 94  
GLU CA   C  N S 95  
GLU C    C  N N 96  
GLU O    O  N N 97  
GLU CB   C  N N 98  
GLU CG   C  N N 99  
GLU CD   C  N N 100 
GLU OE1  O  N N 101 
GLU OE2  O  N N 102 
GLU OXT  O  N N 103 
GLU H    H  N N 104 
GLU H2   H  N N 105 
GLU HA   H  N N 106 
GLU HB2  H  N N 107 
GLU HB3  H  N N 108 
GLU HG2  H  N N 109 
GLU HG3  H  N N 110 
GLU HE2  H  N N 111 
GLU HXT  H  N N 112 
GLY N    N  N N 113 
GLY CA   C  N N 114 
GLY C    C  N N 115 
GLY O    O  N N 116 
GLY OXT  O  N N 117 
GLY H    H  N N 118 
GLY H2   H  N N 119 
GLY HA2  H  N N 120 
GLY HA3  H  N N 121 
GLY HXT  H  N N 122 
HIS N    N  N N 123 
HIS CA   C  N S 124 
HIS C    C  N N 125 
HIS O    O  N N 126 
HIS CB   C  N N 127 
HIS CG   C  Y N 128 
HIS ND1  N  Y N 129 
HIS CD2  C  Y N 130 
HIS CE1  C  Y N 131 
HIS NE2  N  Y N 132 
HIS OXT  O  N N 133 
HIS H    H  N N 134 
HIS H2   H  N N 135 
HIS HA   H  N N 136 
HIS HB2  H  N N 137 
HIS HB3  H  N N 138 
HIS HD1  H  N N 139 
HIS HD2  H  N N 140 
HIS HE1  H  N N 141 
HIS HE2  H  N N 142 
HIS HXT  H  N N 143 
HOH O    O  N N 144 
HOH H1   H  N N 145 
HOH H2   H  N N 146 
ILE N    N  N N 147 
ILE CA   C  N S 148 
ILE C    C  N N 149 
ILE O    O  N N 150 
ILE CB   C  N S 151 
ILE CG1  C  N N 152 
ILE CG2  C  N N 153 
ILE CD1  C  N N 154 
ILE OXT  O  N N 155 
ILE H    H  N N 156 
ILE H2   H  N N 157 
ILE HA   H  N N 158 
ILE HB   H  N N 159 
ILE HG12 H  N N 160 
ILE HG13 H  N N 161 
ILE HG21 H  N N 162 
ILE HG22 H  N N 163 
ILE HG23 H  N N 164 
ILE HD11 H  N N 165 
ILE HD12 H  N N 166 
ILE HD13 H  N N 167 
ILE HXT  H  N N 168 
LEU N    N  N N 169 
LEU CA   C  N S 170 
LEU C    C  N N 171 
LEU O    O  N N 172 
LEU CB   C  N N 173 
LEU CG   C  N N 174 
LEU CD1  C  N N 175 
LEU CD2  C  N N 176 
LEU OXT  O  N N 177 
LEU H    H  N N 178 
LEU H2   H  N N 179 
LEU HA   H  N N 180 
LEU HB2  H  N N 181 
LEU HB3  H  N N 182 
LEU HG   H  N N 183 
LEU HD11 H  N N 184 
LEU HD12 H  N N 185 
LEU HD13 H  N N 186 
LEU HD21 H  N N 187 
LEU HD22 H  N N 188 
LEU HD23 H  N N 189 
LEU HXT  H  N N 190 
LYS N    N  N N 191 
LYS CA   C  N S 192 
LYS C    C  N N 193 
LYS O    O  N N 194 
LYS CB   C  N N 195 
LYS CG   C  N N 196 
LYS CD   C  N N 197 
LYS CE   C  N N 198 
LYS NZ   N  N N 199 
LYS OXT  O  N N 200 
LYS H    H  N N 201 
LYS H2   H  N N 202 
LYS HA   H  N N 203 
LYS HB2  H  N N 204 
LYS HB3  H  N N 205 
LYS HG2  H  N N 206 
LYS HG3  H  N N 207 
LYS HD2  H  N N 208 
LYS HD3  H  N N 209 
LYS HE2  H  N N 210 
LYS HE3  H  N N 211 
LYS HZ1  H  N N 212 
LYS HZ2  H  N N 213 
LYS HZ3  H  N N 214 
LYS HXT  H  N N 215 
MET N    N  N N 216 
MET CA   C  N S 217 
MET C    C  N N 218 
MET O    O  N N 219 
MET CB   C  N N 220 
MET CG   C  N N 221 
MET SD   S  N N 222 
MET CE   C  N N 223 
MET OXT  O  N N 224 
MET H    H  N N 225 
MET H2   H  N N 226 
MET HA   H  N N 227 
MET HB2  H  N N 228 
MET HB3  H  N N 229 
MET HG2  H  N N 230 
MET HG3  H  N N 231 
MET HE1  H  N N 232 
MET HE2  H  N N 233 
MET HE3  H  N N 234 
MET HXT  H  N N 235 
PHE N    N  N N 236 
PHE CA   C  N S 237 
PHE C    C  N N 238 
PHE O    O  N N 239 
PHE CB   C  N N 240 
PHE CG   C  Y N 241 
PHE CD1  C  Y N 242 
PHE CD2  C  Y N 243 
PHE CE1  C  Y N 244 
PHE CE2  C  Y N 245 
PHE CZ   C  Y N 246 
PHE OXT  O  N N 247 
PHE H    H  N N 248 
PHE H2   H  N N 249 
PHE HA   H  N N 250 
PHE HB2  H  N N 251 
PHE HB3  H  N N 252 
PHE HD1  H  N N 253 
PHE HD2  H  N N 254 
PHE HE1  H  N N 255 
PHE HE2  H  N N 256 
PHE HZ   H  N N 257 
PHE HXT  H  N N 258 
PRO N    N  N N 259 
PRO CA   C  N S 260 
PRO C    C  N N 261 
PRO O    O  N N 262 
PRO CB   C  N N 263 
PRO CG   C  N N 264 
PRO CD   C  N N 265 
PRO OXT  O  N N 266 
PRO H    H  N N 267 
PRO HA   H  N N 268 
PRO HB2  H  N N 269 
PRO HB3  H  N N 270 
PRO HG2  H  N N 271 
PRO HG3  H  N N 272 
PRO HD2  H  N N 273 
PRO HD3  H  N N 274 
PRO HXT  H  N N 275 
SER N    N  N N 276 
SER CA   C  N S 277 
SER C    C  N N 278 
SER O    O  N N 279 
SER CB   C  N N 280 
SER OG   O  N N 281 
SER OXT  O  N N 282 
SER H    H  N N 283 
SER H2   H  N N 284 
SER HA   H  N N 285 
SER HB2  H  N N 286 
SER HB3  H  N N 287 
SER HG   H  N N 288 
SER HXT  H  N N 289 
THR N    N  N N 290 
THR CA   C  N S 291 
THR C    C  N N 292 
THR O    O  N N 293 
THR CB   C  N R 294 
THR OG1  O  N N 295 
THR CG2  C  N N 296 
THR OXT  O  N N 297 
THR H    H  N N 298 
THR H2   H  N N 299 
THR HA   H  N N 300 
THR HB   H  N N 301 
THR HG1  H  N N 302 
THR HG21 H  N N 303 
THR HG22 H  N N 304 
THR HG23 H  N N 305 
THR HXT  H  N N 306 
TYR N    N  N N 307 
TYR CA   C  N S 308 
TYR C    C  N N 309 
TYR O    O  N N 310 
TYR CB   C  N N 311 
TYR CG   C  Y N 312 
TYR CD1  C  Y N 313 
TYR CD2  C  Y N 314 
TYR CE1  C  Y N 315 
TYR CE2  C  Y N 316 
TYR CZ   C  Y N 317 
TYR OH   O  N N 318 
TYR OXT  O  N N 319 
TYR H    H  N N 320 
TYR H2   H  N N 321 
TYR HA   H  N N 322 
TYR HB2  H  N N 323 
TYR HB3  H  N N 324 
TYR HD1  H  N N 325 
TYR HD2  H  N N 326 
TYR HE1  H  N N 327 
TYR HE2  H  N N 328 
TYR HH   H  N N 329 
TYR HXT  H  N N 330 
VAL N    N  N N 331 
VAL CA   C  N S 332 
VAL C    C  N N 333 
VAL O    O  N N 334 
VAL CB   C  N N 335 
VAL CG1  C  N N 336 
VAL CG2  C  N N 337 
VAL OXT  O  N N 338 
VAL H    H  N N 339 
VAL H2   H  N N 340 
VAL HA   H  N N 341 
VAL HB   H  N N 342 
VAL HG11 H  N N 343 
VAL HG12 H  N N 344 
VAL HG13 H  N N 345 
VAL HG21 H  N N 346 
VAL HG22 H  N N 347 
VAL HG23 H  N N 348 
VAL HXT  H  N N 349 
ZN  ZN   ZN N N 350 
# 
loop_
_chem_comp_bond.comp_id 
_chem_comp_bond.atom_id_1 
_chem_comp_bond.atom_id_2 
_chem_comp_bond.value_order 
_chem_comp_bond.pdbx_aromatic_flag 
_chem_comp_bond.pdbx_stereo_config 
_chem_comp_bond.pdbx_ordinal 
ALA N   CA   sing N N 1   
ALA N   H    sing N N 2   
ALA N   H2   sing N N 3   
ALA CA  C    sing N N 4   
ALA CA  CB   sing N N 5   
ALA CA  HA   sing N N 6   
ALA C   O    doub N N 7   
ALA C   OXT  sing N N 8   
ALA CB  HB1  sing N N 9   
ALA CB  HB2  sing N N 10  
ALA CB  HB3  sing N N 11  
ALA OXT HXT  sing N N 12  
ARG N   CA   sing N N 13  
ARG N   H    sing N N 14  
ARG N   H2   sing N N 15  
ARG CA  C    sing N N 16  
ARG CA  CB   sing N N 17  
ARG CA  HA   sing N N 18  
ARG C   O    doub N N 19  
ARG C   OXT  sing N N 20  
ARG CB  CG   sing N N 21  
ARG CB  HB2  sing N N 22  
ARG CB  HB3  sing N N 23  
ARG CG  CD   sing N N 24  
ARG CG  HG2  sing N N 25  
ARG CG  HG3  sing N N 26  
ARG CD  NE   sing N N 27  
ARG CD  HD2  sing N N 28  
ARG CD  HD3  sing N N 29  
ARG NE  CZ   sing N N 30  
ARG NE  HE   sing N N 31  
ARG CZ  NH1  sing N N 32  
ARG CZ  NH2  doub N N 33  
ARG NH1 HH11 sing N N 34  
ARG NH1 HH12 sing N N 35  
ARG NH2 HH21 sing N N 36  
ARG NH2 HH22 sing N N 37  
ARG OXT HXT  sing N N 38  
ASN N   CA   sing N N 39  
ASN N   H    sing N N 40  
ASN N   H2   sing N N 41  
ASN CA  C    sing N N 42  
ASN CA  CB   sing N N 43  
ASN CA  HA   sing N N 44  
ASN C   O    doub N N 45  
ASN C   OXT  sing N N 46  
ASN CB  CG   sing N N 47  
ASN CB  HB2  sing N N 48  
ASN CB  HB3  sing N N 49  
ASN CG  OD1  doub N N 50  
ASN CG  ND2  sing N N 51  
ASN ND2 HD21 sing N N 52  
ASN ND2 HD22 sing N N 53  
ASN OXT HXT  sing N N 54  
ASP N   CA   sing N N 55  
ASP N   H    sing N N 56  
ASP N   H2   sing N N 57  
ASP CA  C    sing N N 58  
ASP CA  CB   sing N N 59  
ASP CA  HA   sing N N 60  
ASP C   O    doub N N 61  
ASP C   OXT  sing N N 62  
ASP CB  CG   sing N N 63  
ASP CB  HB2  sing N N 64  
ASP CB  HB3  sing N N 65  
ASP CG  OD1  doub N N 66  
ASP CG  OD2  sing N N 67  
ASP OD2 HD2  sing N N 68  
ASP OXT HXT  sing N N 69  
GLN N   CA   sing N N 70  
GLN N   H    sing N N 71  
GLN N   H2   sing N N 72  
GLN CA  C    sing N N 73  
GLN CA  CB   sing N N 74  
GLN CA  HA   sing N N 75  
GLN C   O    doub N N 76  
GLN C   OXT  sing N N 77  
GLN CB  CG   sing N N 78  
GLN CB  HB2  sing N N 79  
GLN CB  HB3  sing N N 80  
GLN CG  CD   sing N N 81  
GLN CG  HG2  sing N N 82  
GLN CG  HG3  sing N N 83  
GLN CD  OE1  doub N N 84  
GLN CD  NE2  sing N N 85  
GLN NE2 HE21 sing N N 86  
GLN NE2 HE22 sing N N 87  
GLN OXT HXT  sing N N 88  
GLU N   CA   sing N N 89  
GLU N   H    sing N N 90  
GLU N   H2   sing N N 91  
GLU CA  C    sing N N 92  
GLU CA  CB   sing N N 93  
GLU CA  HA   sing N N 94  
GLU C   O    doub N N 95  
GLU C   OXT  sing N N 96  
GLU CB  CG   sing N N 97  
GLU CB  HB2  sing N N 98  
GLU CB  HB3  sing N N 99  
GLU CG  CD   sing N N 100 
GLU CG  HG2  sing N N 101 
GLU CG  HG3  sing N N 102 
GLU CD  OE1  doub N N 103 
GLU CD  OE2  sing N N 104 
GLU OE2 HE2  sing N N 105 
GLU OXT HXT  sing N N 106 
GLY N   CA   sing N N 107 
GLY N   H    sing N N 108 
GLY N   H2   sing N N 109 
GLY CA  C    sing N N 110 
GLY CA  HA2  sing N N 111 
GLY CA  HA3  sing N N 112 
GLY C   O    doub N N 113 
GLY C   OXT  sing N N 114 
GLY OXT HXT  sing N N 115 
HIS N   CA   sing N N 116 
HIS N   H    sing N N 117 
HIS N   H2   sing N N 118 
HIS CA  C    sing N N 119 
HIS CA  CB   sing N N 120 
HIS CA  HA   sing N N 121 
HIS C   O    doub N N 122 
HIS C   OXT  sing N N 123 
HIS CB  CG   sing N N 124 
HIS CB  HB2  sing N N 125 
HIS CB  HB3  sing N N 126 
HIS CG  ND1  sing Y N 127 
HIS CG  CD2  doub Y N 128 
HIS ND1 CE1  doub Y N 129 
HIS ND1 HD1  sing N N 130 
HIS CD2 NE2  sing Y N 131 
HIS CD2 HD2  sing N N 132 
HIS CE1 NE2  sing Y N 133 
HIS CE1 HE1  sing N N 134 
HIS NE2 HE2  sing N N 135 
HIS OXT HXT  sing N N 136 
HOH O   H1   sing N N 137 
HOH O   H2   sing N N 138 
ILE N   CA   sing N N 139 
ILE N   H    sing N N 140 
ILE N   H2   sing N N 141 
ILE CA  C    sing N N 142 
ILE CA  CB   sing N N 143 
ILE CA  HA   sing N N 144 
ILE C   O    doub N N 145 
ILE C   OXT  sing N N 146 
ILE CB  CG1  sing N N 147 
ILE CB  CG2  sing N N 148 
ILE CB  HB   sing N N 149 
ILE CG1 CD1  sing N N 150 
ILE CG1 HG12 sing N N 151 
ILE CG1 HG13 sing N N 152 
ILE CG2 HG21 sing N N 153 
ILE CG2 HG22 sing N N 154 
ILE CG2 HG23 sing N N 155 
ILE CD1 HD11 sing N N 156 
ILE CD1 HD12 sing N N 157 
ILE CD1 HD13 sing N N 158 
ILE OXT HXT  sing N N 159 
LEU N   CA   sing N N 160 
LEU N   H    sing N N 161 
LEU N   H2   sing N N 162 
LEU CA  C    sing N N 163 
LEU CA  CB   sing N N 164 
LEU CA  HA   sing N N 165 
LEU C   O    doub N N 166 
LEU C   OXT  sing N N 167 
LEU CB  CG   sing N N 168 
LEU CB  HB2  sing N N 169 
LEU CB  HB3  sing N N 170 
LEU CG  CD1  sing N N 171 
LEU CG  CD2  sing N N 172 
LEU CG  HG   sing N N 173 
LEU CD1 HD11 sing N N 174 
LEU CD1 HD12 sing N N 175 
LEU CD1 HD13 sing N N 176 
LEU CD2 HD21 sing N N 177 
LEU CD2 HD22 sing N N 178 
LEU CD2 HD23 sing N N 179 
LEU OXT HXT  sing N N 180 
LYS N   CA   sing N N 181 
LYS N   H    sing N N 182 
LYS N   H2   sing N N 183 
LYS CA  C    sing N N 184 
LYS CA  CB   sing N N 185 
LYS CA  HA   sing N N 186 
LYS C   O    doub N N 187 
LYS C   OXT  sing N N 188 
LYS CB  CG   sing N N 189 
LYS CB  HB2  sing N N 190 
LYS CB  HB3  sing N N 191 
LYS CG  CD   sing N N 192 
LYS CG  HG2  sing N N 193 
LYS CG  HG3  sing N N 194 
LYS CD  CE   sing N N 195 
LYS CD  HD2  sing N N 196 
LYS CD  HD3  sing N N 197 
LYS CE  NZ   sing N N 198 
LYS CE  HE2  sing N N 199 
LYS CE  HE3  sing N N 200 
LYS NZ  HZ1  sing N N 201 
LYS NZ  HZ2  sing N N 202 
LYS NZ  HZ3  sing N N 203 
LYS OXT HXT  sing N N 204 
MET N   CA   sing N N 205 
MET N   H    sing N N 206 
MET N   H2   sing N N 207 
MET CA  C    sing N N 208 
MET CA  CB   sing N N 209 
MET CA  HA   sing N N 210 
MET C   O    doub N N 211 
MET C   OXT  sing N N 212 
MET CB  CG   sing N N 213 
MET CB  HB2  sing N N 214 
MET CB  HB3  sing N N 215 
MET CG  SD   sing N N 216 
MET CG  HG2  sing N N 217 
MET CG  HG3  sing N N 218 
MET SD  CE   sing N N 219 
MET CE  HE1  sing N N 220 
MET CE  HE2  sing N N 221 
MET CE  HE3  sing N N 222 
MET OXT HXT  sing N N 223 
PHE N   CA   sing N N 224 
PHE N   H    sing N N 225 
PHE N   H2   sing N N 226 
PHE CA  C    sing N N 227 
PHE CA  CB   sing N N 228 
PHE CA  HA   sing N N 229 
PHE C   O    doub N N 230 
PHE C   OXT  sing N N 231 
PHE CB  CG   sing N N 232 
PHE CB  HB2  sing N N 233 
PHE CB  HB3  sing N N 234 
PHE CG  CD1  doub Y N 235 
PHE CG  CD2  sing Y N 236 
PHE CD1 CE1  sing Y N 237 
PHE CD1 HD1  sing N N 238 
PHE CD2 CE2  doub Y N 239 
PHE CD2 HD2  sing N N 240 
PHE CE1 CZ   doub Y N 241 
PHE CE1 HE1  sing N N 242 
PHE CE2 CZ   sing Y N 243 
PHE CE2 HE2  sing N N 244 
PHE CZ  HZ   sing N N 245 
PHE OXT HXT  sing N N 246 
PRO N   CA   sing N N 247 
PRO N   CD   sing N N 248 
PRO N   H    sing N N 249 
PRO CA  C    sing N N 250 
PRO CA  CB   sing N N 251 
PRO CA  HA   sing N N 252 
PRO C   O    doub N N 253 
PRO C   OXT  sing N N 254 
PRO CB  CG   sing N N 255 
PRO CB  HB2  sing N N 256 
PRO CB  HB3  sing N N 257 
PRO CG  CD   sing N N 258 
PRO CG  HG2  sing N N 259 
PRO CG  HG3  sing N N 260 
PRO CD  HD2  sing N N 261 
PRO CD  HD3  sing N N 262 
PRO OXT HXT  sing N N 263 
SER N   CA   sing N N 264 
SER N   H    sing N N 265 
SER N   H2   sing N N 266 
SER CA  C    sing N N 267 
SER CA  CB   sing N N 268 
SER CA  HA   sing N N 269 
SER C   O    doub N N 270 
SER C   OXT  sing N N 271 
SER CB  OG   sing N N 272 
SER CB  HB2  sing N N 273 
SER CB  HB3  sing N N 274 
SER OG  HG   sing N N 275 
SER OXT HXT  sing N N 276 
THR N   CA   sing N N 277 
THR N   H    sing N N 278 
THR N   H2   sing N N 279 
THR CA  C    sing N N 280 
THR CA  CB   sing N N 281 
THR CA  HA   sing N N 282 
THR C   O    doub N N 283 
THR C   OXT  sing N N 284 
THR CB  OG1  sing N N 285 
THR CB  CG2  sing N N 286 
THR CB  HB   sing N N 287 
THR OG1 HG1  sing N N 288 
THR CG2 HG21 sing N N 289 
THR CG2 HG22 sing N N 290 
THR CG2 HG23 sing N N 291 
THR OXT HXT  sing N N 292 
TYR N   CA   sing N N 293 
TYR N   H    sing N N 294 
TYR N   H2   sing N N 295 
TYR CA  C    sing N N 296 
TYR CA  CB   sing N N 297 
TYR CA  HA   sing N N 298 
TYR C   O    doub N N 299 
TYR C   OXT  sing N N 300 
TYR CB  CG   sing N N 301 
TYR CB  HB2  sing N N 302 
TYR CB  HB3  sing N N 303 
TYR CG  CD1  doub Y N 304 
TYR CG  CD2  sing Y N 305 
TYR CD1 CE1  sing Y N 306 
TYR CD1 HD1  sing N N 307 
TYR CD2 CE2  doub Y N 308 
TYR CD2 HD2  sing N N 309 
TYR CE1 CZ   doub Y N 310 
TYR CE1 HE1  sing N N 311 
TYR CE2 CZ   sing Y N 312 
TYR CE2 HE2  sing N N 313 
TYR CZ  OH   sing N N 314 
TYR OH  HH   sing N N 315 
TYR OXT HXT  sing N N 316 
VAL N   CA   sing N N 317 
VAL N   H    sing N N 318 
VAL N   H2   sing N N 319 
VAL CA  C    sing N N 320 
VAL CA  CB   sing N N 321 
VAL CA  HA   sing N N 322 
VAL C   O    doub N N 323 
VAL C   OXT  sing N N 324 
VAL CB  CG1  sing N N 325 
VAL CB  CG2  sing N N 326 
VAL CB  HB   sing N N 327 
VAL CG1 HG11 sing N N 328 
VAL CG1 HG12 sing N N 329 
VAL CG1 HG13 sing N N 330 
VAL CG2 HG21 sing N N 331 
VAL CG2 HG22 sing N N 332 
VAL CG2 HG23 sing N N 333 
VAL OXT HXT  sing N N 334 
# 
_atom_sites.entry_id                    1FIO 
_atom_sites.fract_transf_matrix[1][1]   -0.02218611 
_atom_sites.fract_transf_matrix[1][2]   -0.00180812 
_atom_sites.fract_transf_matrix[1][3]   -0.00759589 
_atom_sites.fract_transf_matrix[2][1]   0.00058975 
_atom_sites.fract_transf_matrix[2][2]   0.01904807 
_atom_sites.fract_transf_matrix[2][3]   -0.00625671 
_atom_sites.fract_transf_matrix[3][1]   0.00290464 
_atom_sites.fract_transf_matrix[3][2]   -0.00266802 
_atom_sites.fract_transf_matrix[3][3]   -0.00784878 
_atom_sites.fract_transf_vector[1]      0.564123 
_atom_sites.fract_transf_vector[2]      0.020879 
_atom_sites.fract_transf_vector[3]      0.634905 
# 
loop_
_atom_type.symbol 
C  
N  
O  
S  
ZN 
# 
loop_
_atom_site.group_PDB 
_atom_site.id 
_atom_site.type_symbol 
_atom_site.label_atom_id 
_atom_site.label_alt_id 
_atom_site.label_comp_id 
_atom_site.label_asym_id 
_atom_site.label_entity_id 
_atom_site.label_seq_id 
_atom_site.pdbx_PDB_ins_code 
_atom_site.Cartn_x 
_atom_site.Cartn_y 
_atom_site.Cartn_z 
_atom_site.occupancy 
_atom_site.B_iso_or_equiv 
_atom_site.pdbx_formal_charge 
_atom_site.auth_seq_id 
_atom_site.auth_comp_id 
_atom_site.auth_asym_id 
_atom_site.auth_atom_id 
_atom_site.pdbx_PDB_model_num 
ATOM   1    N  N   . MET A 1 1   ? 6.575   -27.008 -30.936 1.00 15.71  ? 30  MET A N   1 
ATOM   2    C  CA  . MET A 1 1   ? 6.036   -26.156 -29.841 1.00 25.05  ? 30  MET A CA  1 
ATOM   3    C  C   . MET A 1 1   ? 7.138   -25.624 -28.917 1.00 23.79  ? 30  MET A C   1 
ATOM   4    O  O   . MET A 1 1   ? 6.921   -24.678 -28.148 1.00 17.23  ? 30  MET A O   1 
ATOM   5    C  CB  . MET A 1 1   ? 5.042   -26.985 -29.027 1.00 39.91  ? 30  MET A CB  1 
ATOM   6    C  CG  . MET A 1 1   ? 4.250   -26.239 -27.986 1.00 50.58  ? 30  MET A CG  1 
ATOM   7    S  SD  . MET A 1 1   ? 3.097   -27.368 -27.164 1.00 55.78  ? 30  MET A SD  1 
ATOM   8    C  CE  . MET A 1 1   ? 2.004   -27.779 -28.524 1.00 57.15  ? 30  MET A CE  1 
ATOM   9    N  N   . HIS A 1 2   ? 8.325   -26.220 -28.992 1.00 24.88  ? 31  HIS A N   1 
ATOM   10   C  CA  . HIS A 1 2   ? 9.403   -25.804 -28.104 1.00 27.50  ? 31  HIS A CA  1 
ATOM   11   C  C   . HIS A 1 2   ? 9.816   -24.338 -28.177 1.00 30.36  ? 31  HIS A C   1 
ATOM   12   O  O   . HIS A 1 2   ? 10.346  -23.799 -27.207 1.00 32.53  ? 31  HIS A O   1 
ATOM   13   C  CB  . HIS A 1 2   ? 10.620  -26.707 -28.289 1.00 24.13  ? 31  HIS A CB  1 
ATOM   14   C  CG  . HIS A 1 2   ? 11.364  -26.488 -29.568 1.00 22.01  ? 31  HIS A CG  1 
ATOM   15   N  ND1 . HIS A 1 2   ? 10.858  -26.847 -30.799 1.00 18.42  ? 31  HIS A ND1 1 
ATOM   16   C  CD2 . HIS A 1 2   ? 12.602  -25.986 -29.801 1.00 21.88  ? 31  HIS A CD2 1 
ATOM   17   C  CE1 . HIS A 1 2   ? 11.751  -26.581 -31.737 1.00 22.09  ? 31  HIS A CE1 1 
ATOM   18   N  NE2 . HIS A 1 2   ? 12.821  -26.059 -31.157 1.00 24.63  ? 31  HIS A NE2 1 
ATOM   19   N  N   . ASP A 1 3   ? 9.573   -23.680 -29.303 1.00 29.88  ? 32  ASP A N   1 
ATOM   20   C  CA  . ASP A 1 3   ? 9.929   -22.269 -29.414 1.00 29.57  ? 32  ASP A CA  1 
ATOM   21   C  C   . ASP A 1 3   ? 8.882   -21.335 -28.798 1.00 27.49  ? 32  ASP A C   1 
ATOM   22   O  O   . ASP A 1 3   ? 9.137   -20.147 -28.654 1.00 30.21  ? 32  ASP A O   1 
ATOM   23   C  CB  . ASP A 1 3   ? 10.124  -21.865 -30.880 1.00 29.56  ? 32  ASP A CB  1 
ATOM   24   C  CG  . ASP A 1 3   ? 11.394  -22.420 -31.476 1.00 32.54  ? 32  ASP A CG  1 
ATOM   25   O  OD1 . ASP A 1 3   ? 12.409  -22.495 -30.749 1.00 32.48  ? 32  ASP A OD1 1 
ATOM   26   O  OD2 . ASP A 1 3   ? 11.384  -22.766 -32.675 1.00 34.90  ? 32  ASP A OD2 1 
ATOM   27   N  N   . PHE A 1 4   ? 7.715   -21.859 -28.432 1.00 20.77  ? 33  PHE A N   1 
ATOM   28   C  CA  . PHE A 1 4   ? 6.663   -21.003 -27.878 1.00 19.83  ? 33  PHE A CA  1 
ATOM   29   C  C   . PHE A 1 4   ? 6.218   -21.384 -26.473 1.00 20.17  ? 33  PHE A C   1 
ATOM   30   O  O   . PHE A 1 4   ? 5.709   -20.547 -25.735 1.00 19.04  ? 33  PHE A O   1 
ATOM   31   C  CB  . PHE A 1 4   ? 5.442   -21.025 -28.806 1.00 21.78  ? 33  PHE A CB  1 
ATOM   32   C  CG  . PHE A 1 4   ? 4.535   -19.832 -28.665 1.00 23.52  ? 33  PHE A CG  1 
ATOM   33   C  CD1 . PHE A 1 4   ? 4.999   -18.548 -28.950 1.00 25.45  ? 33  PHE A CD1 1 
ATOM   34   C  CD2 . PHE A 1 4   ? 3.200   -19.997 -28.314 1.00 24.01  ? 33  PHE A CD2 1 
ATOM   35   C  CE1 . PHE A 1 4   ? 4.141   -17.441 -28.895 1.00 26.34  ? 33  PHE A CE1 1 
ATOM   36   C  CE2 . PHE A 1 4   ? 2.333   -18.903 -28.257 1.00 25.57  ? 33  PHE A CE2 1 
ATOM   37   C  CZ  . PHE A 1 4   ? 2.804   -17.620 -28.549 1.00 25.12  ? 33  PHE A CZ  1 
ATOM   38   N  N   . VAL A 1 5   ? 6.418   -22.642 -26.099 1.00 25.90  ? 34  VAL A N   1 
ATOM   39   C  CA  . VAL A 1 5   ? 5.993   -23.106 -24.786 1.00 29.92  ? 34  VAL A CA  1 
ATOM   40   C  C   . VAL A 1 5   ? 6.637   -22.327 -23.641 1.00 26.04  ? 34  VAL A C   1 
ATOM   41   O  O   . VAL A 1 5   ? 5.970   -21.998 -22.662 1.00 26.21  ? 34  VAL A O   1 
ATOM   42   C  CB  . VAL A 1 5   ? 6.275   -24.624 -24.617 1.00 34.25  ? 34  VAL A CB  1 
ATOM   43   C  CG1 . VAL A 1 5   ? 7.765   -24.873 -24.410 1.00 38.97  ? 34  VAL A CG1 1 
ATOM   44   C  CG2 . VAL A 1 5   ? 5.464   -25.169 -23.463 1.00 40.80  ? 34  VAL A CG2 1 
ATOM   45   N  N   . GLY A 1 6   ? 7.923   -22.018 -23.771 1.00 22.56  ? 35  GLY A N   1 
ATOM   46   C  CA  . GLY A 1 6   ? 8.611   -21.279 -22.724 1.00 19.05  ? 35  GLY A CA  1 
ATOM   47   C  C   . GLY A 1 6   ? 7.955   -19.934 -22.447 1.00 20.18  ? 35  GLY A C   1 
ATOM   48   O  O   . GLY A 1 6   ? 7.735   -19.557 -21.296 1.00 19.50  ? 35  GLY A O   1 
ATOM   49   N  N   . PHE A 1 7   ? 7.631   -19.207 -23.509 1.00 19.22  ? 36  PHE A N   1 
ATOM   50   C  CA  . PHE A 1 7   ? 6.991   -17.908 -23.358 1.00 20.74  ? 36  PHE A CA  1 
ATOM   51   C  C   . PHE A 1 7   ? 5.611   -18.019 -22.714 1.00 20.24  ? 36  PHE A C   1 
ATOM   52   O  O   . PHE A 1 7   ? 5.280   -17.250 -21.811 1.00 20.41  ? 36  PHE A O   1 
ATOM   53   C  CB  . PHE A 1 7   ? 6.843   -17.229 -24.716 1.00 24.30  ? 36  PHE A CB  1 
ATOM   54   C  CG  . PHE A 1 7   ? 6.236   -15.864 -24.636 1.00 27.71  ? 36  PHE A CG  1 
ATOM   55   C  CD1 . PHE A 1 7   ? 7.003   -14.773 -24.237 1.00 27.42  ? 36  PHE A CD1 1 
ATOM   56   C  CD2 . PHE A 1 7   ? 4.890   -15.671 -24.926 1.00 26.38  ? 36  PHE A CD2 1 
ATOM   57   C  CE1 . PHE A 1 7   ? 6.438   -13.511 -24.126 1.00 28.78  ? 36  PHE A CE1 1 
ATOM   58   C  CE2 . PHE A 1 7   ? 4.314   -14.408 -24.819 1.00 28.83  ? 36  PHE A CE2 1 
ATOM   59   C  CZ  . PHE A 1 7   ? 5.091   -13.326 -24.418 1.00 27.21  ? 36  PHE A CZ  1 
ATOM   60   N  N   . MET A 1 8   ? 4.791   -18.954 -23.190 1.00 19.93  ? 37  MET A N   1 
ATOM   61   C  CA  . MET A 1 8   ? 3.458   -19.117 -22.615 1.00 21.52  ? 37  MET A CA  1 
ATOM   62   C  C   . MET A 1 8   ? 3.550   -19.547 -21.150 1.00 18.92  ? 37  MET A C   1 
ATOM   63   O  O   . MET A 1 8   ? 2.703   -19.202 -20.332 1.00 17.18  ? 37  MET A O   1 
ATOM   64   C  CB  . MET A 1 8   ? 2.641   -20.138 -23.413 1.00 27.45  ? 37  MET A CB  1 
ATOM   65   C  CG  . MET A 1 8   ? 2.187   -19.636 -24.785 1.00 31.15  ? 37  MET A CG  1 
ATOM   66   S  SD  . MET A 1 8   ? 1.564   -17.919 -24.772 1.00 36.61  ? 37  MET A SD  1 
ATOM   67   C  CE  . MET A 1 8   ? 0.093   -18.092 -23.744 1.00 36.91  ? 37  MET A CE  1 
ATOM   68   N  N   . ASN A 1 9   ? 4.584   -20.301 -20.809 1.00 19.30  ? 38  ASN A N   1 
ATOM   69   C  CA  . ASN A 1 9   ? 4.727   -20.712 -19.424 1.00 19.23  ? 38  ASN A CA  1 
ATOM   70   C  C   . ASN A 1 9   ? 5.027   -19.473 -18.590 1.00 16.66  ? 38  ASN A C   1 
ATOM   71   O  O   . ASN A 1 9   ? 4.557   -19.359 -17.464 1.00 16.13  ? 38  ASN A O   1 
ATOM   72   C  CB  . ASN A 1 9   ? 5.837   -21.753 -19.289 1.00 23.30  ? 38  ASN A CB  1 
ATOM   73   C  CG  . ASN A 1 9   ? 5.394   -23.128 -19.747 1.00 27.36  ? 38  ASN A CG  1 
ATOM   74   O  OD1 . ASN A 1 9   ? 6.216   -23.998 -20.030 1.00 27.57  ? 38  ASN A OD1 1 
ATOM   75   N  ND2 . ASN A 1 9   ? 4.078   -23.332 -19.818 1.00 25.17  ? 38  ASN A ND2 1 
ATOM   76   N  N   . LYS A 1 10  ? 5.791   -18.541 -19.152 1.00 19.28  ? 39  LYS A N   1 
ATOM   77   C  CA  . LYS A 1 10  ? 6.133   -17.306 -18.445 1.00 22.06  ? 39  LYS A CA  1 
ATOM   78   C  C   . LYS A 1 10  ? 4.874   -16.484 -18.234 1.00 19.69  ? 39  LYS A C   1 
ATOM   79   O  O   . LYS A 1 10  ? 4.625   -15.969 -17.145 1.00 17.11  ? 39  LYS A O   1 
ATOM   80   C  CB  . LYS A 1 10  ? 7.129   -16.466 -19.250 1.00 34.01  ? 39  LYS A CB  1 
ATOM   81   C  CG  . LYS A 1 10  ? 8.403   -17.191 -19.644 1.00 44.55  ? 39  LYS A CG  1 
ATOM   82   C  CD  . LYS A 1 10  ? 9.629   -16.293 -19.499 1.00 50.30  ? 39  LYS A CD  1 
ATOM   83   C  CE  . LYS A 1 10  ? 9.497   -15.000 -20.278 1.00 53.30  ? 39  LYS A CE  1 
ATOM   84   N  NZ  . LYS A 1 10  ? 10.720  -14.160 -20.124 1.00 55.41  ? 39  LYS A NZ  1 
ATOM   85   N  N   . ILE A 1 11  ? 4.083   -16.348 -19.293 1.00 21.06  ? 40  ILE A N   1 
ATOM   86   C  CA  . ILE A 1 11  ? 2.847   -15.590 -19.196 1.00 20.92  ? 40  ILE A CA  1 
ATOM   87   C  C   . ILE A 1 11  ? 1.925   -16.215 -18.147 1.00 21.38  ? 40  ILE A C   1 
ATOM   88   O  O   . ILE A 1 11  ? 1.328   -15.506 -17.332 1.00 21.68  ? 40  ILE A O   1 
ATOM   89   C  CB  . ILE A 1 11  ? 2.135   -15.535 -20.553 1.00 20.72  ? 40  ILE A CB  1 
ATOM   90   C  CG1 . ILE A 1 11  ? 2.985   -14.741 -21.551 1.00 22.25  ? 40  ILE A CG1 1 
ATOM   91   C  CG2 . ILE A 1 11  ? 0.757   -14.909 -20.389 1.00 22.40  ? 40  ILE A CG2 1 
ATOM   92   C  CD1 . ILE A 1 11  ? 3.207   -13.251 -21.181 1.00 24.75  ? 40  ILE A CD1 1 
ATOM   93   N  N   . SER A 1 12  ? 1.814   -17.543 -18.162 1.00 22.65  ? 41  SER A N   1 
ATOM   94   C  CA  . SER A 1 12  ? 0.970   -18.246 -17.192 1.00 25.81  ? 41  SER A CA  1 
ATOM   95   C  C   . SER A 1 12  ? 1.448   -17.993 -15.766 1.00 21.50  ? 41  SER A C   1 
ATOM   96   O  O   . SER A 1 12  ? 0.648   -17.768 -14.861 1.00 20.03  ? 41  SER A O   1 
ATOM   97   C  CB  . SER A 1 12  ? 0.976   -19.757 -17.452 1.00 34.56  ? 41  SER A CB  1 
ATOM   98   O  OG  . SER A 1 12  ? 0.363   -20.068 -18.691 1.00 41.31  ? 41  SER A OG  1 
ATOM   99   N  N   . GLN A 1 13  ? 2.757   -18.040 -15.557 1.00 17.89  ? 42  GLN A N   1 
ATOM   100  C  CA  . GLN A 1 13  ? 3.280   -17.806 -14.218 1.00 16.88  ? 42  GLN A CA  1 
ATOM   101  C  C   . GLN A 1 13  ? 2.965   -16.361 -13.803 1.00 16.65  ? 42  GLN A C   1 
ATOM   102  O  O   . GLN A 1 13  ? 2.514   -16.107 -12.685 1.00 14.33  ? 42  GLN A O   1 
ATOM   103  C  CB  . GLN A 1 13  ? 4.790   -18.047 -14.190 1.00 22.54  ? 42  GLN A CB  1 
ATOM   104  C  CG  . GLN A 1 13  ? 5.398   -17.884 -12.809 1.00 25.51  ? 42  GLN A CG  1 
ATOM   105  C  CD  . GLN A 1 13  ? 4.770   -18.811 -11.791 1.00 29.22  ? 42  GLN A CD  1 
ATOM   106  O  OE1 . GLN A 1 13  ? 4.213   -18.363 -10.786 1.00 31.96  ? 42  GLN A OE1 1 
ATOM   107  N  NE2 . GLN A 1 13  ? 4.856   -20.113 -12.044 1.00 30.21  ? 42  GLN A NE2 1 
ATOM   108  N  N   . ILE A 1 14  ? 3.191   -15.419 -14.714 1.00 22.09  ? 43  ILE A N   1 
ATOM   109  C  CA  . ILE A 1 14  ? 2.914   -14.014 -14.432 1.00 24.14  ? 43  ILE A CA  1 
ATOM   110  C  C   . ILE A 1 14  ? 1.461   -13.824 -14.018 1.00 26.37  ? 43  ILE A C   1 
ATOM   111  O  O   . ILE A 1 14  ? 1.176   -13.178 -13.012 1.00 28.38  ? 43  ILE A O   1 
ATOM   112  C  CB  . ILE A 1 14  ? 3.214   -13.117 -15.672 1.00 22.03  ? 43  ILE A CB  1 
ATOM   113  C  CG1 . ILE A 1 14  ? 4.723   -12.910 -15.811 1.00 18.47  ? 43  ILE A CG1 1 
ATOM   114  C  CG2 . ILE A 1 14  ? 2.532   -11.759 -15.528 1.00 19.74  ? 43  ILE A CG2 1 
ATOM   115  C  CD1 . ILE A 1 14  ? 5.151   -12.416 -17.188 1.00 17.30  ? 43  ILE A CD1 1 
ATOM   116  N  N   . ASN A 1 15  ? 0.542   -14.400 -14.784 1.00 26.59  ? 44  ASN A N   1 
ATOM   117  C  CA  . ASN A 1 15  ? -0.879  -14.254 -14.488 1.00 25.54  ? 44  ASN A CA  1 
ATOM   118  C  C   . ASN A 1 15  ? -1.280  -14.955 -13.184 1.00 26.34  ? 44  ASN A C   1 
ATOM   119  O  O   . ASN A 1 15  ? -2.224  -14.544 -12.508 1.00 26.07  ? 44  ASN A O   1 
ATOM   120  C  CB  . ASN A 1 15  ? -1.703  -14.743 -15.690 1.00 24.18  ? 44  ASN A CB  1 
ATOM   121  C  CG  . ASN A 1 15  ? -1.544  -13.827 -16.908 1.00 27.84  ? 44  ASN A CG  1 
ATOM   122  O  OD1 . ASN A 1 15  ? -1.819  -14.215 -18.045 1.00 30.84  ? 44  ASN A OD1 1 
ATOM   123  N  ND2 . ASN A 1 15  ? -1.103  -12.599 -16.665 1.00 26.82  ? 44  ASN A ND2 1 
ATOM   124  N  N   . ARG A 1 16  ? -0.542  -15.993 -12.814 1.00 27.73  ? 45  ARG A N   1 
ATOM   125  C  CA  . ARG A 1 16  ? -0.810  -16.702 -11.566 1.00 29.77  ? 45  ARG A CA  1 
ATOM   126  C  C   . ARG A 1 16  ? -0.379  -15.761 -10.425 1.00 25.35  ? 45  ARG A C   1 
ATOM   127  O  O   . ARG A 1 16  ? -1.068  -15.623 -9.413  1.00 24.73  ? 45  ARG A O   1 
ATOM   128  C  CB  . ARG A 1 16  ? 0.007   -17.996 -11.530 1.00 44.63  ? 45  ARG A CB  1 
ATOM   129  C  CG  . ARG A 1 16  ? -0.526  -19.073 -10.608 1.00 56.87  ? 45  ARG A CG  1 
ATOM   130  C  CD  . ARG A 1 16  ? 0.301   -20.348 -10.760 1.00 65.15  ? 45  ARG A CD  1 
ATOM   131  N  NE  . ARG A 1 16  ? 1.624   -20.209 -10.158 1.00 67.51  ? 45  ARG A NE  1 
ATOM   132  C  CZ  . ARG A 1 16  ? 1.911   -20.543 -8.903  1.00 67.84  ? 45  ARG A CZ  1 
ATOM   133  N  NH1 . ARG A 1 16  ? 0.964   -21.048 -8.118  1.00 67.56  ? 45  ARG A NH1 1 
ATOM   134  N  NH2 . ARG A 1 16  ? 3.139   -20.362 -8.431  1.00 66.95  ? 45  ARG A NH2 1 
ATOM   135  N  N   . ASP A 1 17  ? 0.765   -15.111 -10.607 1.00 23.37  ? 46  ASP A N   1 
ATOM   136  C  CA  . ASP A 1 17  ? 1.278   -14.178 -9.608  1.00 22.30  ? 46  ASP A CA  1 
ATOM   137  C  C   . ASP A 1 17  ? 0.339   -12.977 -9.489  1.00 19.67  ? 46  ASP A C   1 
ATOM   138  O  O   . ASP A 1 17  ? 0.155   -12.427 -8.411  1.00 17.81  ? 46  ASP A O   1 
ATOM   139  C  CB  . ASP A 1 17  ? 2.692   -13.719 -9.974  1.00 23.78  ? 46  ASP A CB  1 
ATOM   140  C  CG  . ASP A 1 17  ? 3.708   -14.841 -9.875  1.00 29.22  ? 46  ASP A CG  1 
ATOM   141  O  OD1 . ASP A 1 17  ? 3.458   -15.809 -9.124  1.00 31.67  ? 46  ASP A OD1 1 
ATOM   142  O  OD2 . ASP A 1 17  ? 4.767   -14.759 -10.529 1.00 28.62  ? 46  ASP A OD2 1 
ATOM   143  N  N   . LEU A 1 18  ? -0.266  -12.578 -10.596 1.00 21.57  ? 47  LEU A N   1 
ATOM   144  C  CA  . LEU A 1 18  ? -1.201  -11.466 -10.545 1.00 20.76  ? 47  LEU A CA  1 
ATOM   145  C  C   . LEU A 1 18  ? -2.400  -11.886 -9.695  1.00 23.46  ? 47  LEU A C   1 
ATOM   146  O  O   . LEU A 1 18  ? -2.886  -11.114 -8.870  1.00 23.40  ? 47  LEU A O   1 
ATOM   147  C  CB  . LEU A 1 18  ? -1.646  -11.076 -11.953 1.00 21.98  ? 47  LEU A CB  1 
ATOM   148  C  CG  . LEU A 1 18  ? -0.530  -10.443 -12.785 1.00 22.54  ? 47  LEU A CG  1 
ATOM   149  C  CD1 . LEU A 1 18  ? -1.000  -10.270 -14.219 1.00 26.74  ? 47  LEU A CD1 1 
ATOM   150  C  CD2 . LEU A 1 18  ? -0.130  -9.099  -12.172 1.00 23.82  ? 47  LEU A CD2 1 
ATOM   151  N  N   . ASP A 1 19  ? -2.874  -13.114 -9.886  1.00 24.63  ? 48  ASP A N   1 
ATOM   152  C  CA  . ASP A 1 19  ? -4.002  -13.599 -9.091  1.00 26.24  ? 48  ASP A CA  1 
ATOM   153  C  C   . ASP A 1 19  ? -3.624  -13.524 -7.611  1.00 22.61  ? 48  ASP A C   1 
ATOM   154  O  O   . ASP A 1 19  ? -4.424  -13.127 -6.773  1.00 22.80  ? 48  ASP A O   1 
ATOM   155  C  CB  . ASP A 1 19  ? -4.344  -15.060 -9.426  1.00 34.21  ? 48  ASP A CB  1 
ATOM   156  C  CG  . ASP A 1 19  ? -4.781  -15.254 -10.864 1.00 40.60  ? 48  ASP A CG  1 
ATOM   157  O  OD1 . ASP A 1 19  ? -5.412  -14.341 -11.433 1.00 42.03  ? 48  ASP A OD1 1 
ATOM   158  O  OD2 . ASP A 1 19  ? -4.509  -16.338 -11.420 1.00 44.33  ? 48  ASP A OD2 1 
ATOM   159  N  N   . LYS A 1 20  ? -2.398  -13.932 -7.299  1.00 22.58  ? 49  LYS A N   1 
ATOM   160  C  CA  . LYS A 1 20  ? -1.913  -13.920 -5.925  1.00 26.89  ? 49  LYS A CA  1 
ATOM   161  C  C   . LYS A 1 20  ? -1.837  -12.475 -5.433  1.00 23.60  ? 49  LYS A C   1 
ATOM   162  O  O   . LYS A 1 20  ? -2.216  -12.178 -4.298  1.00 23.80  ? 49  LYS A O   1 
ATOM   163  C  CB  . LYS A 1 20  ? -0.533  -14.580 -5.852  1.00 38.13  ? 49  LYS A CB  1 
ATOM   164  C  CG  . LYS A 1 20  ? 0.010   -14.768 -4.445  1.00 47.70  ? 49  LYS A CG  1 
ATOM   165  C  CD  . LYS A 1 20  ? -0.869  -15.708 -3.631  1.00 55.96  ? 49  LYS A CD  1 
ATOM   166  C  CE  . LYS A 1 20  ? -0.317  -15.918 -2.228  1.00 59.97  ? 49  LYS A CE  1 
ATOM   167  N  NZ  . LYS A 1 20  ? -1.178  -16.823 -1.415  1.00 63.78  ? 49  LYS A NZ  1 
ATOM   168  N  N   . TYR A 1 21  ? -1.351  -11.583 -6.296  1.00 20.42  ? 50  TYR A N   1 
ATOM   169  C  CA  . TYR A 1 21  ? -1.233  -10.168 -5.963  1.00 20.02  ? 50  TYR A CA  1 
ATOM   170  C  C   . TYR A 1 21  ? -2.618  -9.608  -5.656  1.00 20.10  ? 50  TYR A C   1 
ATOM   171  O  O   . TYR A 1 21  ? -2.827  -8.965  -4.627  1.00 19.28  ? 50  TYR A O   1 
ATOM   172  C  CB  . TYR A 1 21  ? -0.601  -9.411  -7.138  1.00 19.28  ? 50  TYR A CB  1 
ATOM   173  C  CG  . TYR A 1 21  ? -0.221  -7.974  -6.841  1.00 21.06  ? 50  TYR A CG  1 
ATOM   174  C  CD1 . TYR A 1 21  ? 0.491   -7.643  -5.689  1.00 21.34  ? 50  TYR A CD1 1 
ATOM   175  C  CD2 . TYR A 1 21  ? -0.523  -6.953  -7.740  1.00 20.44  ? 50  TYR A CD2 1 
ATOM   176  C  CE1 . TYR A 1 21  ? 0.897   -6.332  -5.437  1.00 19.79  ? 50  TYR A CE1 1 
ATOM   177  C  CE2 . TYR A 1 21  ? -0.119  -5.636  -7.502  1.00 19.60  ? 50  TYR A CE2 1 
ATOM   178  C  CZ  . TYR A 1 21  ? 0.593   -5.337  -6.349  1.00 19.62  ? 50  TYR A CZ  1 
ATOM   179  O  OH  . TYR A 1 21  ? 1.019   -4.046  -6.116  1.00 19.33  ? 50  TYR A OH  1 
ATOM   180  N  N   . ASP A 1 22  ? -3.566  -9.870  -6.555  1.00 22.67  ? 51  ASP A N   1 
ATOM   181  C  CA  . ASP A 1 22  ? -4.944  -9.406  -6.394  1.00 23.32  ? 51  ASP A CA  1 
ATOM   182  C  C   . ASP A 1 22  ? -5.507  -9.874  -5.050  1.00 24.20  ? 51  ASP A C   1 
ATOM   183  O  O   . ASP A 1 22  ? -6.109  -9.099  -4.303  1.00 24.20  ? 51  ASP A O   1 
ATOM   184  C  CB  . ASP A 1 22  ? -5.811  -9.957  -7.535  1.00 29.09  ? 51  ASP A CB  1 
ATOM   185  C  CG  . ASP A 1 22  ? -7.219  -9.366  -7.549  1.00 32.66  ? 51  ASP A CG  1 
ATOM   186  O  OD1 . ASP A 1 22  ? -8.072  -9.878  -8.301  1.00 37.78  ? 51  ASP A OD1 1 
ATOM   187  O  OD2 . ASP A 1 22  ? -7.475  -8.386  -6.825  1.00 33.07  ? 51  ASP A OD2 1 
ATOM   188  N  N   . HIS A 1 23  ? -5.311  -11.153 -4.746  1.00 24.43  ? 52  HIS A N   1 
ATOM   189  C  CA  . HIS A 1 23  ? -5.793  -11.729 -3.496  1.00 23.39  ? 52  HIS A CA  1 
ATOM   190  C  C   . HIS A 1 23  ? -5.128  -11.042 -2.316  1.00 23.30  ? 52  HIS A C   1 
ATOM   191  O  O   . HIS A 1 23  ? -5.766  -10.757 -1.304  1.00 22.45  ? 52  HIS A O   1 
ATOM   192  C  CB  . HIS A 1 23  ? -5.475  -13.224 -3.452  1.00 26.27  ? 52  HIS A CB  1 
ATOM   193  C  CG  . HIS A 1 23  ? -5.714  -13.855 -2.116  1.00 28.85  ? 52  HIS A CG  1 
ATOM   194  N  ND1 . HIS A 1 23  ? -6.969  -14.212 -1.671  1.00 31.39  ? 52  HIS A ND1 1 
ATOM   195  C  CD2 . HIS A 1 23  ? -4.860  -14.164 -1.112  1.00 28.75  ? 52  HIS A CD2 1 
ATOM   196  C  CE1 . HIS A 1 23  ? -6.878  -14.714 -0.454  1.00 30.93  ? 52  HIS A CE1 1 
ATOM   197  N  NE2 . HIS A 1 23  ? -5.607  -14.696 -0.090  1.00 30.25  ? 52  HIS A NE2 1 
ATOM   198  N  N   . THR A 1 24  ? -3.834  -10.781 -2.448  1.00 20.68  ? 53  THR A N   1 
ATOM   199  C  CA  . THR A 1 24  ? -3.082  -10.136 -1.385  1.00 20.18  ? 53  THR A CA  1 
ATOM   200  C  C   . THR A 1 24  ? -3.629  -8.743  -1.090  1.00 19.73  ? 53  THR A C   1 
ATOM   201  O  O   . THR A 1 24  ? -3.813  -8.374  0.073   1.00 21.18  ? 53  THR A O   1 
ATOM   202  C  CB  . THR A 1 24  ? -1.606  -10.046 -1.766  1.00 23.85  ? 53  THR A CB  1 
ATOM   203  O  OG1 . THR A 1 24  ? -1.122  -11.368 -2.027  1.00 21.65  ? 53  THR A OG1 1 
ATOM   204  C  CG2 . THR A 1 24  ? -0.790  -9.421  -0.637  1.00 21.84  ? 53  THR A CG2 1 
ATOM   205  N  N   . ILE A 1 25  ? -3.905  -7.984  -2.144  1.00 22.69  ? 54  ILE A N   1 
ATOM   206  C  CA  . ILE A 1 25  ? -4.431  -6.632  -1.999  1.00 23.12  ? 54  ILE A CA  1 
ATOM   207  C  C   . ILE A 1 25  ? -5.781  -6.657  -1.292  1.00 26.00  ? 54  ILE A C   1 
ATOM   208  O  O   . ILE A 1 25  ? -6.078  -5.792  -0.463  1.00 26.16  ? 54  ILE A O   1 
ATOM   209  C  CB  . ILE A 1 25  ? -4.575  -5.937  -3.381  1.00 19.63  ? 54  ILE A CB  1 
ATOM   210  C  CG1 . ILE A 1 25  ? -3.193  -5.783  -4.026  1.00 21.40  ? 54  ILE A CG1 1 
ATOM   211  C  CG2 . ILE A 1 25  ? -5.215  -4.560  -3.216  1.00 21.52  ? 54  ILE A CG2 1 
ATOM   212  C  CD1 . ILE A 1 25  ? -3.217  -5.215  -5.437  1.00 20.67  ? 54  ILE A CD1 1 
ATOM   213  N  N   . ASN A 1 26  ? -6.599  -7.653  -1.619  1.00 31.31  ? 55  ASN A N   1 
ATOM   214  C  CA  . ASN A 1 26  ? -7.912  -7.786  -0.997  1.00 36.98  ? 55  ASN A CA  1 
ATOM   215  C  C   . ASN A 1 26  ? -7.773  -8.074  0.493   1.00 29.62  ? 55  ASN A C   1 
ATOM   216  O  O   . ASN A 1 26  ? -8.511  -7.534  1.308   1.00 27.83  ? 55  ASN A O   1 
ATOM   217  C  CB  . ASN A 1 26  ? -8.708  -8.905  -1.670  1.00 52.17  ? 55  ASN A CB  1 
ATOM   218  C  CG  . ASN A 1 26  ? -9.393  -8.446  -2.938  1.00 61.81  ? 55  ASN A CG  1 
ATOM   219  O  OD1 . ASN A 1 26  ? -8.777  -7.828  -3.805  1.00 65.40  ? 55  ASN A OD1 1 
ATOM   220  N  ND2 . ASN A 1 26  ? -10.677 -8.754  -3.055  1.00 65.92  ? 55  ASN A ND2 1 
ATOM   221  N  N   . GLN A 1 27  ? -6.823  -8.927  0.852   1.00 25.43  ? 56  GLN A N   1 
ATOM   222  C  CA  . GLN A 1 27  ? -6.615  -9.246  2.260   1.00 24.75  ? 56  GLN A CA  1 
ATOM   223  C  C   . GLN A 1 27  ? -6.210  -7.980  3.013   1.00 19.86  ? 56  GLN A C   1 
ATOM   224  O  O   . GLN A 1 27  ? -6.685  -7.726  4.113   1.00 19.86  ? 56  GLN A O   1 
ATOM   225  C  CB  . GLN A 1 27  ? -5.539  -10.328 2.405   1.00 32.72  ? 56  GLN A CB  1 
ATOM   226  C  CG  . GLN A 1 27  ? -5.987  -11.675 1.866   1.00 38.74  ? 56  GLN A CG  1 
ATOM   227  C  CD  . GLN A 1 27  ? -7.286  -12.132 2.500   1.00 41.84  ? 56  GLN A CD  1 
ATOM   228  O  OE1 . GLN A 1 27  ? -7.363  -12.324 3.714   1.00 46.51  ? 56  GLN A OE1 1 
ATOM   229  N  NE2 . GLN A 1 27  ? -8.318  -12.297 1.686   1.00 43.02  ? 56  GLN A NE2 1 
ATOM   230  N  N   . VAL A 1 28  ? -5.331  -7.188  2.411   1.00 20.50  ? 57  VAL A N   1 
ATOM   231  C  CA  . VAL A 1 28  ? -4.894  -5.941  3.023   1.00 20.33  ? 57  VAL A CA  1 
ATOM   232  C  C   . VAL A 1 28  ? -6.105  -5.051  3.266   1.00 19.10  ? 57  VAL A C   1 
ATOM   233  O  O   . VAL A 1 28  ? -6.304  -4.549  4.366   1.00 19.05  ? 57  VAL A O   1 
ATOM   234  C  CB  . VAL A 1 28  ? -3.891  -5.196  2.116   1.00 22.32  ? 57  VAL A CB  1 
ATOM   235  C  CG1 . VAL A 1 28  ? -3.694  -3.762  2.613   1.00 22.38  ? 57  VAL A CG1 1 
ATOM   236  C  CG2 . VAL A 1 28  ? -2.557  -5.940  2.113   1.00 20.36  ? 57  VAL A CG2 1 
ATOM   237  N  N   . ASP A 1 29  ? -6.917  -4.859  2.235   1.00 21.85  ? 58  ASP A N   1 
ATOM   238  C  CA  . ASP A 1 29  ? -8.099  -4.022  2.376   1.00 25.06  ? 58  ASP A CA  1 
ATOM   239  C  C   . ASP A 1 29  ? -9.015  -4.586  3.465   1.00 25.56  ? 58  ASP A C   1 
ATOM   240  O  O   . ASP A 1 29  ? -9.553  -3.844  4.282   1.00 27.01  ? 58  ASP A O   1 
ATOM   241  C  CB  . ASP A 1 29  ? -8.869  -3.953  1.057   1.00 28.82  ? 58  ASP A CB  1 
ATOM   242  C  CG  . ASP A 1 29  ? -9.989  -2.932  1.096   1.00 30.29  ? 58  ASP A CG  1 
ATOM   243  O  OD1 . ASP A 1 29  ? -11.082 -3.226  0.575   1.00 36.06  ? 58  ASP A OD1 1 
ATOM   244  O  OD2 . ASP A 1 29  ? -9.776  -1.829  1.637   1.00 30.22  ? 58  ASP A OD2 1 
ATOM   245  N  N   . SER A 1 30  ? -9.185  -5.903  3.464   1.00 27.29  ? 59  SER A N   1 
ATOM   246  C  CA  . SER A 1 30  ? -10.035 -6.573  4.442   1.00 30.34  ? 59  SER A CA  1 
ATOM   247  C  C   . SER A 1 30  ? -9.525  -6.380  5.872   1.00 28.27  ? 59  SER A C   1 
ATOM   248  O  O   . SER A 1 30  ? -10.305 -6.082  6.777   1.00 25.50  ? 59  SER A O   1 
ATOM   249  C  CB  . SER A 1 30  ? -10.119 -8.063  4.120   1.00 41.27  ? 59  SER A CB  1 
ATOM   250  O  OG  . SER A 1 30  ? -10.806 -8.754  5.142   1.00 46.10  ? 59  SER A OG  1 
ATOM   251  N  N   . LEU A 1 31  ? -8.217  -6.544  6.072   1.00 24.85  ? 60  LEU A N   1 
ATOM   252  C  CA  . LEU A 1 31  ? -7.623  -6.373  7.394   1.00 22.34  ? 60  LEU A CA  1 
ATOM   253  C  C   . LEU A 1 31  ? -7.734  -4.919  7.849   1.00 22.27  ? 60  LEU A C   1 
ATOM   254  O  O   . LEU A 1 31  ? -7.945  -4.651  9.036   1.00 22.18  ? 60  LEU A O   1 
ATOM   255  C  CB  . LEU A 1 31  ? -6.156  -6.820  7.381   1.00 21.18  ? 60  LEU A CB  1 
ATOM   256  C  CG  . LEU A 1 31  ? -5.935  -8.336  7.261   1.00 21.96  ? 60  LEU A CG  1 
ATOM   257  C  CD1 . LEU A 1 31  ? -4.491  -8.630  6.888   1.00 21.99  ? 60  LEU A CD1 1 
ATOM   258  C  CD2 . LEU A 1 31  ? -6.292  -9.013  8.574   1.00 19.46  ? 60  LEU A CD2 1 
ATOM   259  N  N   . HIS A 1 32  ? -7.588  -3.985  6.910   1.00 20.74  ? 61  HIS A N   1 
ATOM   260  C  CA  . HIS A 1 32  ? -7.702  -2.560  7.228   1.00 23.28  ? 61  HIS A CA  1 
ATOM   261  C  C   . HIS A 1 32  ? -9.084  -2.322  7.841   1.00 26.36  ? 61  HIS A C   1 
ATOM   262  O  O   . HIS A 1 32  ? -9.224  -1.690  8.890   1.00 23.94  ? 61  HIS A O   1 
ATOM   263  C  CB  . HIS A 1 32  ? -7.583  -1.698  5.958   1.00 22.65  ? 61  HIS A CB  1 
ATOM   264  C  CG  . HIS A 1 32  ? -6.174  -1.470  5.490   1.00 23.77  ? 61  HIS A CG  1 
ATOM   265  N  ND1 . HIS A 1 32  ? -5.883  -0.879  4.279   1.00 22.91  ? 61  HIS A ND1 1 
ATOM   266  C  CD2 . HIS A 1 32  ? -4.983  -1.744  6.072   1.00 23.88  ? 61  HIS A CD2 1 
ATOM   267  C  CE1 . HIS A 1 32  ? -4.571  -0.802  4.133   1.00 23.79  ? 61  HIS A CE1 1 
ATOM   268  N  NE2 . HIS A 1 32  ? -4.003  -1.318  5.206   1.00 21.80  ? 61  HIS A NE2 1 
ATOM   269  N  N   . LYS A 1 33  ? -10.104 -2.836  7.164   1.00 35.28  ? 62  LYS A N   1 
ATOM   270  C  CA  . LYS A 1 33  ? -11.478 -2.679  7.615   1.00 41.67  ? 62  LYS A CA  1 
ATOM   271  C  C   . LYS A 1 33  ? -11.744 -3.288  8.984   1.00 43.94  ? 62  LYS A C   1 
ATOM   272  O  O   . LYS A 1 33  ? -12.407 -2.671  9.816   1.00 45.94  ? 62  LYS A O   1 
ATOM   273  C  CB  . LYS A 1 33  ? -12.428 -3.252  6.565   1.00 37.28  ? 62  LYS A CB  1 
ATOM   274  C  CG  . LYS A 1 33  ? -12.409 -2.421  5.286   1.00 40.53  ? 62  LYS A CG  1 
ATOM   275  C  CD  . LYS A 1 33  ? -13.256 -3.006  4.174   1.00 44.31  ? 62  LYS A CD  1 
ATOM   276  C  CE  . LYS A 1 33  ? -13.152 -2.134  2.927   1.00 46.52  ? 62  LYS A CE  1 
ATOM   277  N  NZ  . LYS A 1 33  ? -13.872 -2.731  1.774   1.00 50.40  ? 62  LYS A NZ  1 
ATOM   278  N  N   . ARG A 1 34  ? -11.227 -4.488  9.229   1.00 43.18  ? 63  ARG A N   1 
ATOM   279  C  CA  . ARG A 1 34  ? -11.422 -5.123  10.526  1.00 41.28  ? 63  ARG A CA  1 
ATOM   280  C  C   . ARG A 1 34  ? -10.686 -4.349  11.614  1.00 39.55  ? 63  ARG A C   1 
ATOM   281  O  O   . ARG A 1 34  ? -11.185 -4.195  12.725  1.00 41.47  ? 63  ARG A O   1 
ATOM   282  C  CB  . ARG A 1 34  ? -10.939 -6.572  10.495  1.00 40.60  ? 63  ARG A CB  1 
ATOM   283  C  CG  . ARG A 1 34  ? -11.989 -7.540  9.989   1.00 43.06  ? 63  ARG A CG  1 
ATOM   284  C  CD  . ARG A 1 34  ? -11.437 -8.943  9.881   1.00 46.76  ? 63  ARG A CD  1 
ATOM   285  N  NE  . ARG A 1 34  ? -10.641 -9.111  8.673   1.00 50.37  ? 63  ARG A NE  1 
ATOM   286  C  CZ  . ARG A 1 34  ? -9.904  -10.184 8.411   1.00 52.17  ? 63  ARG A CZ  1 
ATOM   287  N  NH1 . ARG A 1 34  ? -9.862  -11.183 9.285   1.00 52.69  ? 63  ARG A NH1 1 
ATOM   288  N  NH2 . ARG A 1 34  ? -9.217  -10.262 7.277   1.00 51.54  ? 63  ARG A NH2 1 
ATOM   289  N  N   . LEU A 1 35  ? -9.499  -3.854  11.290  1.00 35.54  ? 64  LEU A N   1 
ATOM   290  C  CA  . LEU A 1 35  ? -8.723  -3.089  12.259  1.00 35.43  ? 64  LEU A CA  1 
ATOM   291  C  C   . LEU A 1 35  ? -9.446  -1.805  12.669  1.00 35.50  ? 64  LEU A C   1 
ATOM   292  O  O   . LEU A 1 35  ? -9.305  -1.342  13.798  1.00 32.99  ? 64  LEU A O   1 
ATOM   293  C  CB  . LEU A 1 35  ? -7.346  -2.753  11.683  1.00 34.60  ? 64  LEU A CB  1 
ATOM   294  C  CG  . LEU A 1 35  ? -6.312  -3.876  11.789  1.00 35.11  ? 64  LEU A CG  1 
ATOM   295  C  CD1 . LEU A 1 35  ? -5.087  -3.536  10.958  1.00 36.06  ? 64  LEU A CD1 1 
ATOM   296  C  CD2 . LEU A 1 35  ? -5.935  -4.073  13.252  1.00 35.48  ? 64  LEU A CD2 1 
ATOM   297  N  N   . LEU A 1 36  ? -10.221 -1.235  11.754  1.00 46.16  ? 65  LEU A N   1 
ATOM   298  C  CA  . LEU A 1 36  ? -10.953 -0.010  12.051  1.00 48.98  ? 65  LEU A CA  1 
ATOM   299  C  C   . LEU A 1 36  ? -12.112 -0.281  13.002  1.00 51.42  ? 65  LEU A C   1 
ATOM   300  O  O   . LEU A 1 36  ? -12.700 0.647   13.553  1.00 55.93  ? 65  LEU A O   1 
ATOM   301  C  CB  . LEU A 1 36  ? -11.486 0.620   10.760  1.00 38.86  ? 65  LEU A CB  1 
ATOM   302  C  CG  . LEU A 1 36  ? -10.438 1.198   9.799   1.00 34.45  ? 65  LEU A CG  1 
ATOM   303  C  CD1 . LEU A 1 36  ? -11.109 1.677   8.534   1.00 31.58  ? 65  LEU A CD1 1 
ATOM   304  C  CD2 . LEU A 1 36  ? -9.696  2.342   10.468  1.00 32.17  ? 65  LEU A CD2 1 
ATOM   305  N  N   . THR A 1 37  ? -12.424 -1.556  13.204  1.00 46.35  ? 66  THR A N   1 
ATOM   306  C  CA  . THR A 1 37  ? -13.532 -1.940  14.068  1.00 50.53  ? 66  THR A CA  1 
ATOM   307  C  C   . THR A 1 37  ? -13.111 -2.666  15.347  1.00 47.93  ? 66  THR A C   1 
ATOM   308  O  O   . THR A 1 37  ? -13.779 -2.564  16.375  1.00 44.39  ? 66  THR A O   1 
ATOM   309  C  CB  . THR A 1 37  ? -14.509 -2.849  13.304  1.00 67.48  ? 66  THR A CB  1 
ATOM   310  O  OG1 . THR A 1 37  ? -14.856 -2.233  12.060  1.00 73.53  ? 66  THR A OG1 1 
ATOM   311  C  CG2 . THR A 1 37  ? -15.770 -3.080  14.117  1.00 73.86  ? 66  THR A CG2 1 
ATOM   312  N  N   . GLU A 1 38  ? -12.005 -3.397  15.288  1.00 55.11  ? 67  GLU A N   1 
ATOM   313  C  CA  . GLU A 1 38  ? -11.543 -4.158  16.439  1.00 56.03  ? 67  GLU A CA  1 
ATOM   314  C  C   . GLU A 1 38  ? -11.396 -3.355  17.722  1.00 56.75  ? 67  GLU A C   1 
ATOM   315  O  O   . GLU A 1 38  ? -10.742 -2.312  17.744  1.00 58.99  ? 67  GLU A O   1 
ATOM   316  C  CB  . GLU A 1 38  ? -10.215 -4.842  16.117  1.00 50.95  ? 67  GLU A CB  1 
ATOM   317  C  CG  . GLU A 1 38  ? -9.806  -5.868  17.156  1.00 47.06  ? 67  GLU A CG  1 
ATOM   318  C  CD  . GLU A 1 38  ? -10.919 -6.849  17.439  1.00 45.26  ? 67  GLU A CD  1 
ATOM   319  O  OE1 . GLU A 1 38  ? -11.416 -6.872  18.584  1.00 46.06  ? 67  GLU A OE1 1 
ATOM   320  O  OE2 . GLU A 1 38  ? -11.307 -7.592  16.513  1.00 45.90  ? 67  GLU A OE2 1 
ATOM   321  N  N   . VAL A 1 39  ? -12.008 -3.856  18.791  1.00 55.57  ? 68  VAL A N   1 
ATOM   322  C  CA  . VAL A 1 39  ? -11.940 -3.204  20.094  1.00 57.29  ? 68  VAL A CA  1 
ATOM   323  C  C   . VAL A 1 39  ? -11.039 -4.002  21.028  1.00 53.33  ? 68  VAL A C   1 
ATOM   324  O  O   . VAL A 1 39  ? -10.448 -3.449  21.957  1.00 53.16  ? 68  VAL A O   1 
ATOM   325  C  CB  . VAL A 1 39  ? -13.342 -3.081  20.737  1.00 52.09  ? 68  VAL A CB  1 
ATOM   326  C  CG1 . VAL A 1 39  ? -14.198 -2.111  19.937  1.00 54.49  ? 68  VAL A CG1 1 
ATOM   327  C  CG2 . VAL A 1 39  ? -14.011 -4.446  20.790  1.00 54.56  ? 68  VAL A CG2 1 
ATOM   328  N  N   . ASN A 1 40  ? -10.929 -5.301  20.770  1.00 48.17  ? 69  ASN A N   1 
ATOM   329  C  CA  . ASN A 1 40  ? -10.100 -6.172  21.590  1.00 51.69  ? 69  ASN A CA  1 
ATOM   330  C  C   . ASN A 1 40  ? -8.630  -6.038  21.209  1.00 50.47  ? 69  ASN A C   1 
ATOM   331  O  O   . ASN A 1 40  ? -8.231  -6.402  20.102  1.00 47.47  ? 69  ASN A O   1 
ATOM   332  C  CB  . ASN A 1 40  ? -10.544 -7.627  21.434  1.00 59.05  ? 69  ASN A CB  1 
ATOM   333  C  CG  . ASN A 1 40  ? -9.778  -8.565  22.344  1.00 63.88  ? 69  ASN A CG  1 
ATOM   334  O  OD1 . ASN A 1 40  ? -8.556  -8.675  22.253  1.00 65.55  ? 69  ASN A OD1 1 
ATOM   335  N  ND2 . ASN A 1 40  ? -10.495 -9.245  23.233  1.00 64.99  ? 69  ASN A ND2 1 
ATOM   336  N  N   . GLU A 1 41  ? -7.830  -5.519  22.137  1.00 48.22  ? 70  GLU A N   1 
ATOM   337  C  CA  . GLU A 1 41  ? -6.405  -5.322  21.907  1.00 52.93  ? 70  GLU A CA  1 
ATOM   338  C  C   . GLU A 1 41  ? -5.698  -6.627  21.570  1.00 53.98  ? 70  GLU A C   1 
ATOM   339  O  O   . GLU A 1 41  ? -4.822  -6.666  20.705  1.00 51.31  ? 70  GLU A O   1 
ATOM   340  C  CB  . GLU A 1 41  ? -5.754  -4.691  23.140  1.00 88.19  ? 70  GLU A CB  1 
ATOM   341  C  CG  . GLU A 1 41  ? -4.253  -4.478  23.013  1.00 90.88  ? 70  GLU A CG  1 
ATOM   342  C  CD  . GLU A 1 41  ? -3.885  -3.541  21.874  1.00 92.87  ? 70  GLU A CD  1 
ATOM   343  O  OE1 . GLU A 1 41  ? -4.210  -3.855  20.710  1.00 92.99  ? 70  GLU A OE1 1 
ATOM   344  O  OE2 . GLU A 1 41  ? -3.268  -2.487  22.143  1.00 93.13  ? 70  GLU A OE2 1 
ATOM   345  N  N   . GLU A 1 42  ? -6.089  -7.692  22.257  1.00 57.34  ? 71  GLU A N   1 
ATOM   346  C  CA  . GLU A 1 42  ? -5.495  -9.002  22.046  1.00 59.59  ? 71  GLU A CA  1 
ATOM   347  C  C   . GLU A 1 42  ? -5.680  -9.424  20.589  1.00 58.02  ? 71  GLU A C   1 
ATOM   348  O  O   . GLU A 1 42  ? -4.735  -9.860  19.931  1.00 59.13  ? 71  GLU A O   1 
ATOM   349  C  CB  . GLU A 1 42  ? -6.149  -10.017 22.990  1.00 87.51  ? 71  GLU A CB  1 
ATOM   350  C  CG  . GLU A 1 42  ? -5.324  -11.260 23.275  1.00 88.55  ? 71  GLU A CG  1 
ATOM   351  C  CD  . GLU A 1 42  ? -5.076  -12.093 22.038  1.00 89.24  ? 71  GLU A CD  1 
ATOM   352  O  OE1 . GLU A 1 42  ? -6.060  -12.508 21.390  1.00 89.55  ? 71  GLU A OE1 1 
ATOM   353  O  OE2 . GLU A 1 42  ? -3.895  -12.332 21.713  1.00 89.32  ? 71  GLU A OE2 1 
ATOM   354  N  N   . GLN A 1 43  ? -6.898  -9.279  20.081  1.00 56.93  ? 72  GLN A N   1 
ATOM   355  C  CA  . GLN A 1 43  ? -7.181  -9.656  18.705  1.00 53.82  ? 72  GLN A CA  1 
ATOM   356  C  C   . GLN A 1 43  ? -6.602  -8.663  17.692  1.00 49.16  ? 72  GLN A C   1 
ATOM   357  O  O   . GLN A 1 43  ? -6.158  -9.053  16.610  1.00 47.14  ? 72  GLN A O   1 
ATOM   358  C  CB  . GLN A 1 43  ? -8.690  -9.795  18.498  1.00 70.35  ? 72  GLN A CB  1 
ATOM   359  C  CG  . GLN A 1 43  ? -9.074  -10.220 17.088  1.00 74.49  ? 72  GLN A CG  1 
ATOM   360  C  CD  . GLN A 1 43  ? -8.454  -11.548 16.684  1.00 75.97  ? 72  GLN A CD  1 
ATOM   361  O  OE1 . GLN A 1 43  ? -8.485  -11.927 15.513  1.00 75.90  ? 72  GLN A OE1 1 
ATOM   362  N  NE2 . GLN A 1 43  ? -7.895  -12.264 17.655  1.00 75.47  ? 72  GLN A NE2 1 
ATOM   363  N  N   . ALA A 1 44  ? -6.606  -7.384  18.049  1.00 44.25  ? 73  ALA A N   1 
ATOM   364  C  CA  . ALA A 1 44  ? -6.084  -6.348  17.168  1.00 40.05  ? 73  ALA A CA  1 
ATOM   365  C  C   . ALA A 1 44  ? -4.611  -6.574  16.855  1.00 38.99  ? 73  ALA A C   1 
ATOM   366  O  O   . ALA A 1 44  ? -4.160  -6.319  15.736  1.00 36.53  ? 73  ALA A O   1 
ATOM   367  C  CB  . ALA A 1 44  ? -6.276  -4.971  17.804  1.00 40.59  ? 73  ALA A CB  1 
ATOM   368  N  N   . SER A 1 45  ? -3.866  -7.059  17.845  1.00 39.73  ? 74  SER A N   1 
ATOM   369  C  CA  . SER A 1 45  ? -2.436  -7.302  17.674  1.00 42.12  ? 74  SER A CA  1 
ATOM   370  C  C   . SER A 1 45  ? -2.139  -8.354  16.607  1.00 39.45  ? 74  SER A C   1 
ATOM   371  O  O   . SER A 1 45  ? -1.113  -8.285  15.929  1.00 38.72  ? 74  SER A O   1 
ATOM   372  C  CB  . SER A 1 45  ? -1.802  -7.727  19.005  1.00 44.25  ? 74  SER A CB  1 
ATOM   373  O  OG  . SER A 1 45  ? -2.331  -8.960  19.460  1.00 49.03  ? 74  SER A OG  1 
ATOM   374  N  N   . HIS A 1 46  ? -3.027  -9.331  16.465  1.00 35.01  ? 75  HIS A N   1 
ATOM   375  C  CA  . HIS A 1 46  ? -2.834  -10.377 15.473  1.00 35.77  ? 75  HIS A CA  1 
ATOM   376  C  C   . HIS A 1 46  ? -3.254  -9.875  14.106  1.00 32.29  ? 75  HIS A C   1 
ATOM   377  O  O   . HIS A 1 46  ? -2.704  -10.297 13.089  1.00 30.83  ? 75  HIS A O   1 
ATOM   378  C  CB  . HIS A 1 46  ? -3.635  -11.621 15.843  1.00 41.29  ? 75  HIS A CB  1 
ATOM   379  C  CG  . HIS A 1 46  ? -3.155  -12.282 17.094  1.00 47.38  ? 75  HIS A CG  1 
ATOM   380  N  ND1 . HIS A 1 46  ? -1.871  -12.758 17.234  1.00 48.75  ? 75  HIS A ND1 1 
ATOM   381  C  CD2 . HIS A 1 46  ? -3.775  -12.507 18.277  1.00 49.25  ? 75  HIS A CD2 1 
ATOM   382  C  CE1 . HIS A 1 46  ? -1.716  -13.248 18.451  1.00 50.46  ? 75  HIS A CE1 1 
ATOM   383  N  NE2 . HIS A 1 46  ? -2.856  -13.107 19.103  1.00 50.70  ? 75  HIS A NE2 1 
ATOM   384  N  N   . LEU A 1 47  ? -4.233  -8.977  14.081  1.00 28.87  ? 76  LEU A N   1 
ATOM   385  C  CA  . LEU A 1 47  ? -4.676  -8.424  12.812  1.00 30.83  ? 76  LEU A CA  1 
ATOM   386  C  C   . LEU A 1 47  ? -3.501  -7.657  12.205  1.00 27.73  ? 76  LEU A C   1 
ATOM   387  O  O   . LEU A 1 47  ? -3.232  -7.767  11.010  1.00 25.78  ? 76  LEU A O   1 
ATOM   388  C  CB  . LEU A 1 47  ? -5.879  -7.499  13.017  1.00 30.14  ? 76  LEU A CB  1 
ATOM   389  C  CG  . LEU A 1 47  ? -7.216  -8.185  13.327  1.00 32.81  ? 76  LEU A CG  1 
ATOM   390  C  CD1 . LEU A 1 47  ? -8.262  -7.133  13.672  1.00 35.93  ? 76  LEU A CD1 1 
ATOM   391  C  CD2 . LEU A 1 47  ? -7.660  -9.008  12.127  1.00 35.16  ? 76  LEU A CD2 1 
ATOM   392  N  N   . ARG A 1 48  ? -2.788  -6.902  13.036  1.00 28.33  ? 77  ARG A N   1 
ATOM   393  C  CA  . ARG A 1 48  ? -1.639  -6.146  12.553  1.00 32.09  ? 77  ARG A CA  1 
ATOM   394  C  C   . ARG A 1 48  ? -0.556  -7.114  12.104  1.00 30.88  ? 77  ARG A C   1 
ATOM   395  O  O   . ARG A 1 48  ? 0.219   -6.812  11.200  1.00 30.20  ? 77  ARG A O   1 
ATOM   396  C  CB  . ARG A 1 48  ? -1.073  -5.234  13.646  1.00 39.46  ? 77  ARG A CB  1 
ATOM   397  C  CG  . ARG A 1 48  ? -2.072  -4.279  14.259  1.00 47.00  ? 77  ARG A CG  1 
ATOM   398  C  CD  . ARG A 1 48  ? -1.363  -3.233  15.107  1.00 54.24  ? 77  ARG A CD  1 
ATOM   399  N  NE  . ARG A 1 48  ? -2.189  -2.780  16.221  1.00 58.18  ? 77  ARG A NE  1 
ATOM   400  C  CZ  . ARG A 1 48  ? -2.262  -3.393  17.399  1.00 59.12  ? 77  ARG A CZ  1 
ATOM   401  N  NH1 . ARG A 1 48  ? -1.551  -4.488  17.628  1.00 59.46  ? 77  ARG A NH1 1 
ATOM   402  N  NH2 . ARG A 1 48  ? -3.052  -2.916  18.349  1.00 59.37  ? 77  ARG A NH2 1 
ATOM   403  N  N   . HIS A 1 49  ? -0.495  -8.273  12.755  1.00 33.22  ? 78  HIS A N   1 
ATOM   404  C  CA  . HIS A 1 49  ? 0.491   -9.288  12.398  1.00 34.71  ? 78  HIS A CA  1 
ATOM   405  C  C   . HIS A 1 49  ? 0.208   -9.766  10.979  1.00 32.29  ? 78  HIS A C   1 
ATOM   406  O  O   . HIS A 1 49  ? 1.113   -9.854  10.150  1.00 28.41  ? 78  HIS A O   1 
ATOM   407  C  CB  . HIS A 1 49  ? 0.424   -10.477 13.364  1.00 39.22  ? 78  HIS A CB  1 
ATOM   408  C  CG  . HIS A 1 49  ? 0.995   -10.196 14.721  1.00 44.43  ? 78  HIS A CG  1 
ATOM   409  N  ND1 . HIS A 1 49  ? 0.833   -11.053 15.789  1.00 46.54  ? 78  HIS A ND1 1 
ATOM   410  C  CD2 . HIS A 1 49  ? 1.728   -9.155  15.182  1.00 46.10  ? 78  HIS A CD2 1 
ATOM   411  C  CE1 . HIS A 1 49  ? 1.440   -10.551 16.851  1.00 47.87  ? 78  HIS A CE1 1 
ATOM   412  N  NE2 . HIS A 1 49  ? 1.991   -9.400  16.509  1.00 47.55  ? 78  HIS A NE2 1 
ATOM   413  N  N   . SER A 1 50  ? -1.057  -10.067 10.700  1.00 27.97  ? 79  SER A N   1 
ATOM   414  C  CA  . SER A 1 50  ? -1.440  -10.529 9.376   1.00 28.63  ? 79  SER A CA  1 
ATOM   415  C  C   . SER A 1 50  ? -1.244  -9.421  8.360   1.00 26.66  ? 79  SER A C   1 
ATOM   416  O  O   . SER A 1 50  ? -0.736  -9.648  7.258   1.00 25.59  ? 79  SER A O   1 
ATOM   417  C  CB  . SER A 1 50  ? -2.899  -10.970 9.363   1.00 35.10  ? 79  SER A CB  1 
ATOM   418  O  OG  . SER A 1 50  ? -3.097  -12.044 10.258  1.00 40.30  ? 79  SER A OG  1 
ATOM   419  N  N   . LEU A 1 51  ? -1.652  -8.215  8.731   1.00 26.98  ? 80  LEU A N   1 
ATOM   420  C  CA  . LEU A 1 51  ? -1.516  -7.092  7.827   1.00 24.32  ? 80  LEU A CA  1 
ATOM   421  C  C   . LEU A 1 51  ? -0.060  -6.931  7.403   1.00 23.91  ? 80  LEU A C   1 
ATOM   422  O  O   . LEU A 1 51  ? 0.237   -6.893  6.215   1.00 23.41  ? 80  LEU A O   1 
ATOM   423  C  CB  . LEU A 1 51  ? -2.011  -5.796  8.485   1.00 19.73  ? 80  LEU A CB  1 
ATOM   424  C  CG  . LEU A 1 51  ? -1.779  -4.570  7.594   1.00 20.01  ? 80  LEU A CG  1 
ATOM   425  C  CD1 . LEU A 1 51  ? -2.476  -4.778  6.259   1.00 15.94  ? 80  LEU A CD1 1 
ATOM   426  C  CD2 . LEU A 1 51  ? -2.293  -3.314  8.288   1.00 20.85  ? 80  LEU A CD2 1 
ATOM   427  N  N   . ASP A 1 52  ? 0.846   -6.831  8.375   1.00 24.34  ? 81  ASP A N   1 
ATOM   428  C  CA  . ASP A 1 52  ? 2.263   -6.662  8.063   1.00 24.67  ? 81  ASP A CA  1 
ATOM   429  C  C   . ASP A 1 52  ? 2.742   -7.753  7.117   1.00 26.10  ? 81  ASP A C   1 
ATOM   430  O  O   . ASP A 1 52  ? 3.477   -7.489  6.161   1.00 24.73  ? 81  ASP A O   1 
ATOM   431  C  CB  . ASP A 1 52  ? 3.108   -6.686  9.337   1.00 29.11  ? 81  ASP A CB  1 
ATOM   432  C  CG  . ASP A 1 52  ? 2.896   -5.453  10.203  1.00 32.98  ? 81  ASP A CG  1 
ATOM   433  O  OD1 . ASP A 1 52  ? 2.461   -4.410  9.668   1.00 32.81  ? 81  ASP A OD1 1 
ATOM   434  O  OD2 . ASP A 1 52  ? 3.180   -5.520  11.415  1.00 35.68  ? 81  ASP A OD2 1 
ATOM   435  N  N   . ASN A 1 53  ? 2.314   -8.984  7.383   1.00 26.20  ? 82  ASN A N   1 
ATOM   436  C  CA  . ASN A 1 53  ? 2.699   -10.110 6.542   1.00 25.25  ? 82  ASN A CA  1 
ATOM   437  C  C   . ASN A 1 53  ? 2.209   -9.939  5.100   1.00 23.46  ? 82  ASN A C   1 
ATOM   438  O  O   . ASN A 1 53  ? 2.974   -10.108 4.158   1.00 20.74  ? 82  ASN A O   1 
ATOM   439  C  CB  . ASN A 1 53  ? 2.148   -11.411 7.116   1.00 32.59  ? 82  ASN A CB  1 
ATOM   440  C  CG  . ASN A 1 53  ? 2.824   -11.812 8.415   1.00 39.57  ? 82  ASN A CG  1 
ATOM   441  O  OD1 . ASN A 1 53  ? 4.046   -11.776 8.525   1.00 39.19  ? 82  ASN A OD1 1 
ATOM   442  N  ND2 . ASN A 1 53  ? 2.029   -12.201 9.405   1.00 44.75  ? 82  ASN A ND2 1 
ATOM   443  N  N   . PHE A 1 54  ? 0.935   -9.612  4.922   1.00 20.89  ? 83  PHE A N   1 
ATOM   444  C  CA  . PHE A 1 54  ? 0.418   -9.435  3.574   1.00 21.09  ? 83  PHE A CA  1 
ATOM   445  C  C   . PHE A 1 54  ? 1.093   -8.278  2.852   1.00 19.89  ? 83  PHE A C   1 
ATOM   446  O  O   . PHE A 1 54  ? 1.315   -8.348  1.643   1.00 20.49  ? 83  PHE A O   1 
ATOM   447  C  CB  . PHE A 1 54  ? -1.092  -9.215  3.591   1.00 20.93  ? 83  PHE A CB  1 
ATOM   448  C  CG  . PHE A 1 54  ? -1.883  -10.476 3.741   1.00 22.62  ? 83  PHE A CG  1 
ATOM   449  C  CD1 . PHE A 1 54  ? -2.539  -10.764 4.931   1.00 21.79  ? 83  PHE A CD1 1 
ATOM   450  C  CD2 . PHE A 1 54  ? -1.961  -11.387 2.691   1.00 25.47  ? 83  PHE A CD2 1 
ATOM   451  C  CE1 . PHE A 1 54  ? -3.264  -11.941 5.078   1.00 24.20  ? 83  PHE A CE1 1 
ATOM   452  C  CE2 . PHE A 1 54  ? -2.683  -12.570 2.827   1.00 27.31  ? 83  PHE A CE2 1 
ATOM   453  C  CZ  . PHE A 1 54  ? -3.337  -12.847 4.026   1.00 25.40  ? 83  PHE A CZ  1 
ATOM   454  N  N   . VAL A 1 55  ? 1.422   -7.214  3.580   1.00 18.86  ? 84  VAL A N   1 
ATOM   455  C  CA  . VAL A 1 55  ? 2.077   -6.075  2.950   1.00 18.77  ? 84  VAL A CA  1 
ATOM   456  C  C   . VAL A 1 55  ? 3.452   -6.498  2.447   1.00 19.25  ? 84  VAL A C   1 
ATOM   457  O  O   . VAL A 1 55  ? 3.881   -6.089  1.366   1.00 16.05  ? 84  VAL A O   1 
ATOM   458  C  CB  . VAL A 1 55  ? 2.243   -4.891  3.919   1.00 20.19  ? 84  VAL A CB  1 
ATOM   459  C  CG1 . VAL A 1 55  ? 3.102   -3.807  3.272   1.00 23.39  ? 84  VAL A CG1 1 
ATOM   460  C  CG2 . VAL A 1 55  ? 0.888   -4.309  4.263   1.00 21.00  ? 84  VAL A CG2 1 
ATOM   461  N  N   . ALA A 1 56  ? 4.145   -7.313  3.239   1.00 22.51  ? 85  ALA A N   1 
ATOM   462  C  CA  . ALA A 1 56  ? 5.460   -7.792  2.842   1.00 23.22  ? 85  ALA A CA  1 
ATOM   463  C  C   . ALA A 1 56  ? 5.267   -8.697  1.619   1.00 21.49  ? 85  ALA A C   1 
ATOM   464  O  O   . ALA A 1 56  ? 6.050   -8.664  0.670   1.00 22.80  ? 85  ALA A O   1 
ATOM   465  C  CB  . ALA A 1 56  ? 6.102   -8.572  3.988   1.00 24.63  ? 85  ALA A CB  1 
ATOM   466  N  N   . GLN A 1 57  ? 4.205   -9.492  1.652   1.00 20.83  ? 86  GLN A N   1 
ATOM   467  C  CA  . GLN A 1 57  ? 3.876   -10.413 0.562   1.00 21.30  ? 86  GLN A CA  1 
ATOM   468  C  C   . GLN A 1 57  ? 3.647   -9.634  -0.730  1.00 19.05  ? 86  GLN A C   1 
ATOM   469  O  O   . GLN A 1 57  ? 4.119   -10.022 -1.805  1.00 14.76  ? 86  GLN A O   1 
ATOM   470  C  CB  . GLN A 1 57  ? 2.603   -11.186 0.920   1.00 30.11  ? 86  GLN A CB  1 
ATOM   471  C  CG  . GLN A 1 57  ? 2.049   -12.098 -0.168  1.00 36.91  ? 86  GLN A CG  1 
ATOM   472  C  CD  . GLN A 1 57  ? 2.762   -13.431 -0.220  1.00 40.43  ? 86  GLN A CD  1 
ATOM   473  O  OE1 . GLN A 1 57  ? 3.767   -13.583 -0.914  1.00 43.61  ? 86  GLN A OE1 1 
ATOM   474  N  NE2 . GLN A 1 57  ? 2.259   -14.401 0.537   1.00 41.65  ? 86  GLN A NE2 1 
ATOM   475  N  N   . ALA A 1 58  ? 2.905   -8.538  -0.624  1.00 20.83  ? 87  ALA A N   1 
ATOM   476  C  CA  . ALA A 1 58  ? 2.617   -7.710  -1.794  1.00 21.06  ? 87  ALA A CA  1 
ATOM   477  C  C   . ALA A 1 58  ? 3.918   -7.107  -2.324  1.00 21.71  ? 87  ALA A C   1 
ATOM   478  O  O   . ALA A 1 58  ? 4.141   -7.043  -3.533  1.00 22.46  ? 87  ALA A O   1 
ATOM   479  C  CB  . ALA A 1 58  ? 1.628   -6.599  -1.420  1.00 16.14  ? 87  ALA A CB  1 
ATOM   480  N  N   . THR A 1 59  ? 4.779   -6.671  -1.409  1.00 20.11  ? 88  THR A N   1 
ATOM   481  C  CA  . THR A 1 59  ? 6.052   -6.082  -1.788  1.00 22.53  ? 88  THR A CA  1 
ATOM   482  C  C   . THR A 1 59  ? 6.867   -7.099  -2.580  1.00 20.40  ? 88  THR A C   1 
ATOM   483  O  O   . THR A 1 59  ? 7.506   -6.758  -3.576  1.00 17.92  ? 88  THR A O   1 
ATOM   484  C  CB  . THR A 1 59  ? 6.847   -5.640  -0.533  1.00 27.44  ? 88  THR A CB  1 
ATOM   485  O  OG1 . THR A 1 59  ? 6.148   -4.572  0.112   1.00 33.75  ? 88  THR A OG1 1 
ATOM   486  C  CG2 . THR A 1 59  ? 8.244   -5.169  -0.906  1.00 30.20  ? 88  THR A CG2 1 
ATOM   487  N  N   . ASP A 1 60  ? 6.833   -8.353  -2.150  1.00 21.53  ? 89  ASP A N   1 
ATOM   488  C  CA  . ASP A 1 60  ? 7.584   -9.384  -2.844  1.00 25.49  ? 89  ASP A CA  1 
ATOM   489  C  C   . ASP A 1 60  ? 7.021   -9.647  -4.230  1.00 24.92  ? 89  ASP A C   1 
ATOM   490  O  O   . ASP A 1 60  ? 7.770   -9.727  -5.206  1.00 21.42  ? 89  ASP A O   1 
ATOM   491  C  CB  . ASP A 1 60  ? 7.595   -10.687 -2.037  1.00 30.33  ? 89  ASP A CB  1 
ATOM   492  C  CG  . ASP A 1 60  ? 8.374   -10.563 -0.734  1.00 35.83  ? 89  ASP A CG  1 
ATOM   493  O  OD1 . ASP A 1 60  ? 9.281   -9.705  -0.660  1.00 35.81  ? 89  ASP A OD1 1 
ATOM   494  O  OD2 . ASP A 1 60  ? 8.088   -11.339 0.208   1.00 37.67  ? 89  ASP A OD2 1 
ATOM   495  N  N   . LEU A 1 61  ? 5.701   -9.795  -4.316  1.00 24.60  ? 90  LEU A N   1 
ATOM   496  C  CA  . LEU A 1 61  ? 5.060   -10.055 -5.597  1.00 24.60  ? 90  LEU A CA  1 
ATOM   497  C  C   . LEU A 1 61  ? 5.364   -8.924  -6.579  1.00 24.05  ? 90  LEU A C   1 
ATOM   498  O  O   . LEU A 1 61  ? 5.777   -9.176  -7.711  1.00 22.19  ? 90  LEU A O   1 
ATOM   499  C  CB  . LEU A 1 61  ? 3.542   -10.215 -5.417  1.00 25.90  ? 90  LEU A CB  1 
ATOM   500  C  CG  . LEU A 1 61  ? 3.044   -11.470 -4.679  1.00 28.06  ? 90  LEU A CG  1 
ATOM   501  C  CD1 . LEU A 1 61  ? 1.533   -11.400 -4.459  1.00 27.49  ? 90  LEU A CD1 1 
ATOM   502  C  CD2 . LEU A 1 61  ? 3.395   -12.699 -5.488  1.00 28.65  ? 90  LEU A CD2 1 
ATOM   503  N  N   . GLN A 1 62  ? 5.176   -7.684  -6.130  1.00 22.75  ? 91  GLN A N   1 
ATOM   504  C  CA  . GLN A 1 62  ? 5.428   -6.507  -6.962  1.00 21.69  ? 91  GLN A CA  1 
ATOM   505  C  C   . GLN A 1 62  ? 6.796   -6.533  -7.619  1.00 22.04  ? 91  GLN A C   1 
ATOM   506  O  O   . GLN A 1 62  ? 6.928   -6.270  -8.814  1.00 23.64  ? 91  GLN A O   1 
ATOM   507  C  CB  . GLN A 1 62  ? 5.303   -5.227  -6.124  1.00 22.67  ? 91  GLN A CB  1 
ATOM   508  C  CG  . GLN A 1 62  ? 3.869   -4.845  -5.828  1.00 20.63  ? 91  GLN A CG  1 
ATOM   509  C  CD  . GLN A 1 62  ? 3.729   -3.896  -4.658  1.00 21.86  ? 91  GLN A CD  1 
ATOM   510  O  OE1 . GLN A 1 62  ? 2.621   -3.623  -4.212  1.00 22.72  ? 91  GLN A OE1 1 
ATOM   511  N  NE2 . GLN A 1 62  ? 4.851   -3.384  -4.155  1.00 21.12  ? 91  GLN A NE2 1 
ATOM   512  N  N   . PHE A 1 63  ? 7.819   -6.834  -6.831  1.00 21.91  ? 92  PHE A N   1 
ATOM   513  C  CA  . PHE A 1 63  ? 9.184   -6.881  -7.344  1.00 24.08  ? 92  PHE A CA  1 
ATOM   514  C  C   . PHE A 1 63  ? 9.318   -7.956  -8.421  1.00 22.42  ? 92  PHE A C   1 
ATOM   515  O  O   . PHE A 1 63  ? 9.881   -7.722  -9.492  1.00 21.03  ? 92  PHE A O   1 
ATOM   516  C  CB  . PHE A 1 63  ? 10.148  -7.184  -6.195  1.00 30.26  ? 92  PHE A CB  1 
ATOM   517  C  CG  . PHE A 1 63  ? 11.592  -7.241  -6.605  1.00 36.01  ? 92  PHE A CG  1 
ATOM   518  C  CD1 . PHE A 1 63  ? 12.282  -6.082  -6.937  1.00 38.73  ? 92  PHE A CD1 1 
ATOM   519  C  CD2 . PHE A 1 63  ? 12.272  -8.453  -6.631  1.00 38.49  ? 92  PHE A CD2 1 
ATOM   520  C  CE1 . PHE A 1 63  ? 13.635  -6.129  -7.286  1.00 40.33  ? 92  PHE A CE1 1 
ATOM   521  C  CE2 . PHE A 1 63  ? 13.621  -8.511  -6.978  1.00 39.46  ? 92  PHE A CE2 1 
ATOM   522  C  CZ  . PHE A 1 63  ? 14.304  -7.346  -7.304  1.00 39.73  ? 92  PHE A CZ  1 
ATOM   523  N  N   . LYS A 1 64  ? 8.793   -9.140  -8.122  1.00 23.66  ? 93  LYS A N   1 
ATOM   524  C  CA  . LYS A 1 64  ? 8.865   -10.267 -9.042  1.00 26.55  ? 93  LYS A CA  1 
ATOM   525  C  C   . LYS A 1 64  ? 8.078   -10.011 -10.325 1.00 23.42  ? 93  LYS A C   1 
ATOM   526  O  O   . LYS A 1 64  ? 8.582   -10.239 -11.424 1.00 21.63  ? 93  LYS A O   1 
ATOM   527  C  CB  . LYS A 1 64  ? 8.354   -11.535 -8.350  1.00 38.62  ? 93  LYS A CB  1 
ATOM   528  C  CG  . LYS A 1 64  ? 8.325   -12.755 -9.243  1.00 46.48  ? 93  LYS A CG  1 
ATOM   529  C  CD  . LYS A 1 64  ? 7.901   -13.997 -8.477  1.00 54.32  ? 93  LYS A CD  1 
ATOM   530  C  CE  . LYS A 1 64  ? 7.696   -15.174 -9.425  1.00 57.09  ? 93  LYS A CE  1 
ATOM   531  N  NZ  . LYS A 1 64  ? 8.907   -15.435 -10.259 1.00 59.83  ? 93  LYS A NZ  1 
ATOM   532  N  N   . LEU A 1 65  ? 6.845   -9.539  -10.181 1.00 22.65  ? 94  LEU A N   1 
ATOM   533  C  CA  . LEU A 1 65  ? 6.006   -9.244  -11.331 1.00 22.67  ? 94  LEU A CA  1 
ATOM   534  C  C   . LEU A 1 65  ? 6.660   -8.186  -12.220 1.00 23.67  ? 94  LEU A C   1 
ATOM   535  O  O   . LEU A 1 65  ? 6.604   -8.284  -13.446 1.00 22.71  ? 94  LEU A O   1 
ATOM   536  C  CB  . LEU A 1 65  ? 4.620   -8.768  -10.873 1.00 20.97  ? 94  LEU A CB  1 
ATOM   537  C  CG  . LEU A 1 65  ? 3.644   -9.874  -10.452 1.00 20.80  ? 94  LEU A CG  1 
ATOM   538  C  CD1 . LEU A 1 65  ? 2.453   -9.274  -9.745  1.00 19.41  ? 94  LEU A CD1 1 
ATOM   539  C  CD2 . LEU A 1 65  ? 3.186   -10.648 -11.678 1.00 21.07  ? 94  LEU A CD2 1 
ATOM   540  N  N   . LYS A 1 66  ? 7.285   -7.179  -11.606 1.00 22.41  ? 95  LYS A N   1 
ATOM   541  C  CA  . LYS A 1 66  ? 7.941   -6.124  -12.378 1.00 23.07  ? 95  LYS A CA  1 
ATOM   542  C  C   . LYS A 1 66  ? 8.989   -6.734  -13.299 1.00 21.58  ? 95  LYS A C   1 
ATOM   543  O  O   . LYS A 1 66  ? 8.997   -6.485  -14.503 1.00 21.79  ? 95  LYS A O   1 
ATOM   544  C  CB  . LYS A 1 66  ? 8.616   -5.096  -11.453 1.00 24.89  ? 95  LYS A CB  1 
ATOM   545  C  CG  . LYS A 1 66  ? 9.495   -4.080  -12.189 1.00 28.15  ? 95  LYS A CG  1 
ATOM   546  C  CD  . LYS A 1 66  ? 10.299  -3.206  -11.233 1.00 29.39  ? 95  LYS A CD  1 
ATOM   547  C  CE  . LYS A 1 66  ? 11.198  -2.238  -11.999 1.00 31.06  ? 95  LYS A CE  1 
ATOM   548  N  NZ  . LYS A 1 66  ? 11.958  -1.314  -11.102 1.00 32.03  ? 95  LYS A NZ  1 
ATOM   549  N  N   . ASN A 1 67  ? 9.867   -7.549  -12.727 1.00 21.54  ? 96  ASN A N   1 
ATOM   550  C  CA  . ASN A 1 67  ? 10.929  -8.178  -13.496 1.00 23.56  ? 96  ASN A CA  1 
ATOM   551  C  C   . ASN A 1 67  ? 10.432  -9.200  -14.518 1.00 23.90  ? 96  ASN A C   1 
ATOM   552  O  O   . ASN A 1 67  ? 10.976  -9.286  -15.623 1.00 20.73  ? 96  ASN A O   1 
ATOM   553  C  CB  . ASN A 1 67  ? 11.940  -8.834  -12.552 1.00 28.46  ? 96  ASN A CB  1 
ATOM   554  C  CG  . ASN A 1 67  ? 12.570  -7.835  -11.594 1.00 31.79  ? 96  ASN A CG  1 
ATOM   555  O  OD1 . ASN A 1 67  ? 12.938  -6.735  -11.994 1.00 32.95  ? 96  ASN A OD1 1 
ATOM   556  N  ND2 . ASN A 1 67  ? 12.700  -8.217  -10.328 1.00 32.19  ? 96  ASN A ND2 1 
ATOM   557  N  N   . GLU A 1 68  ? 9.406   -9.968  -14.158 1.00 24.00  ? 97  GLU A N   1 
ATOM   558  C  CA  . GLU A 1 68  ? 8.866   -10.981 -15.065 1.00 27.32  ? 97  GLU A CA  1 
ATOM   559  C  C   . GLU A 1 68  ? 8.157   -10.352 -16.256 1.00 24.37  ? 97  GLU A C   1 
ATOM   560  O  O   . GLU A 1 68  ? 8.339   -10.786 -17.388 1.00 24.48  ? 97  GLU A O   1 
ATOM   561  C  CB  . GLU A 1 68  ? 7.877   -11.904 -14.344 1.00 32.47  ? 97  GLU A CB  1 
ATOM   562  C  CG  . GLU A 1 68  ? 8.467   -12.746 -13.234 1.00 41.20  ? 97  GLU A CG  1 
ATOM   563  C  CD  . GLU A 1 68  ? 7.428   -13.659 -12.594 1.00 46.93  ? 97  GLU A CD  1 
ATOM   564  O  OE1 . GLU A 1 68  ? 6.338   -13.163 -12.218 1.00 47.19  ? 97  GLU A OE1 1 
ATOM   565  O  OE2 . GLU A 1 68  ? 7.699   -14.871 -12.465 1.00 49.22  ? 97  GLU A OE2 1 
ATOM   566  N  N   . ILE A 1 69  ? 7.338   -9.336  -15.997 1.00 23.33  ? 98  ILE A N   1 
ATOM   567  C  CA  . ILE A 1 69  ? 6.602   -8.678  -17.067 1.00 23.05  ? 98  ILE A CA  1 
ATOM   568  C  C   . ILE A 1 69  ? 7.510   -7.918  -18.028 1.00 24.61  ? 98  ILE A C   1 
ATOM   569  O  O   . ILE A 1 69  ? 7.362   -8.032  -19.248 1.00 23.84  ? 98  ILE A O   1 
ATOM   570  C  CB  . ILE A 1 69  ? 5.525   -7.736  -16.496 1.00 23.43  ? 98  ILE A CB  1 
ATOM   571  C  CG1 . ILE A 1 69  ? 4.429   -8.586  -15.831 1.00 22.52  ? 98  ILE A CG1 1 
ATOM   572  C  CG2 . ILE A 1 69  ? 4.971   -6.837  -17.602 1.00 22.62  ? 98  ILE A CG2 1 
ATOM   573  C  CD1 . ILE A 1 69  ? 3.291   -7.809  -15.233 1.00 24.74  ? 98  ILE A CD1 1 
ATOM   574  N  N   . LYS A 1 70  ? 8.454   -7.149  -17.498 1.00 25.78  ? 99  LYS A N   1 
ATOM   575  C  CA  . LYS A 1 70  ? 9.375   -6.420  -18.372 1.00 27.57  ? 99  LYS A CA  1 
ATOM   576  C  C   . LYS A 1 70  ? 10.189  -7.439  -19.173 1.00 26.91  ? 99  LYS A C   1 
ATOM   577  O  O   . LYS A 1 70  ? 10.539  -7.205  -20.328 1.00 26.96  ? 99  LYS A O   1 
ATOM   578  C  CB  . LYS A 1 70  ? 10.301  -5.511  -17.553 1.00 26.80  ? 99  LYS A CB  1 
ATOM   579  C  CG  . LYS A 1 70  ? 9.602   -4.250  -17.040 1.00 25.48  ? 99  LYS A CG  1 
ATOM   580  C  CD  . LYS A 1 70  ? 10.558  -3.316  -16.317 1.00 26.00  ? 99  LYS A CD  1 
ATOM   581  C  CE  . LYS A 1 70  ? 9.853   -2.025  -15.918 1.00 23.71  ? 99  LYS A CE  1 
ATOM   582  N  NZ  . LYS A 1 70  ? 9.350   -1.253  -17.103 1.00 22.08  ? 99  LYS A NZ  1 
ATOM   583  N  N   . SER A 1 71  ? 10.479  -8.575  -18.554 1.00 27.73  ? 100 SER A N   1 
ATOM   584  C  CA  . SER A 1 71  ? 11.225  -9.624  -19.230 1.00 29.23  ? 100 SER A CA  1 
ATOM   585  C  C   . SER A 1 71  ? 10.351  -10.168 -20.361 1.00 27.36  ? 100 SER A C   1 
ATOM   586  O  O   . SER A 1 71  ? 10.827  -10.405 -21.472 1.00 26.61  ? 100 SER A O   1 
ATOM   587  C  CB  . SER A 1 71  ? 11.571  -10.747 -18.247 1.00 35.77  ? 100 SER A CB  1 
ATOM   588  O  OG  . SER A 1 71  ? 12.355  -11.748 -18.873 1.00 39.20  ? 100 SER A OG  1 
ATOM   589  N  N   . ALA A 1 72  ? 9.069   -10.362 -20.074 1.00 24.75  ? 101 ALA A N   1 
ATOM   590  C  CA  . ALA A 1 72  ? 8.142   -10.865 -21.078 1.00 23.02  ? 101 ALA A CA  1 
ATOM   591  C  C   . ALA A 1 72  ? 8.019   -9.846  -22.201 1.00 23.34  ? 101 ALA A C   1 
ATOM   592  O  O   . ALA A 1 72  ? 7.912   -10.206 -23.371 1.00 22.64  ? 101 ALA A O   1 
ATOM   593  C  CB  . ALA A 1 72  ? 6.769   -11.122 -20.455 1.00 21.81  ? 101 ALA A CB  1 
ATOM   594  N  N   . GLN A 1 73  ? 8.025   -8.568  -21.833 1.00 24.97  ? 102 GLN A N   1 
ATOM   595  C  CA  . GLN A 1 73  ? 7.916   -7.490  -22.807 1.00 25.38  ? 102 GLN A CA  1 
ATOM   596  C  C   . GLN A 1 73  ? 9.088   -7.534  -23.773 1.00 26.23  ? 102 GLN A C   1 
ATOM   597  O  O   . GLN A 1 73  ? 8.925   -7.286  -24.965 1.00 24.95  ? 102 GLN A O   1 
ATOM   598  C  CB  . GLN A 1 73  ? 7.867   -6.126  -22.101 1.00 27.55  ? 102 GLN A CB  1 
ATOM   599  C  CG  . GLN A 1 73  ? 6.511   -5.785  -21.484 1.00 29.10  ? 102 GLN A CG  1 
ATOM   600  C  CD  . GLN A 1 73  ? 6.517   -4.458  -20.738 1.00 30.86  ? 102 GLN A CD  1 
ATOM   601  O  OE1 . GLN A 1 73  ? 7.065   -4.347  -19.638 1.00 28.70  ? 102 GLN A OE1 1 
ATOM   602  N  NE2 . GLN A 1 73  ? 5.908   -3.441  -21.341 1.00 29.46  ? 102 GLN A NE2 1 
ATOM   603  N  N   . ARG A 1 74  ? 10.275  -7.845  -23.267 1.00 29.87  ? 103 ARG A N   1 
ATOM   604  C  CA  . ARG A 1 74  ? 11.428  -7.923  -24.146 1.00 36.61  ? 103 ARG A CA  1 
ATOM   605  C  C   . ARG A 1 74  ? 11.250  -9.053  -25.150 1.00 34.68  ? 103 ARG A C   1 
ATOM   606  O  O   . ARG A 1 74  ? 11.542  -8.884  -26.330 1.00 34.86  ? 103 ARG A O   1 
ATOM   607  C  CB  . ARG A 1 74  ? 12.716  -8.145  -23.352 1.00 50.59  ? 103 ARG A CB  1 
ATOM   608  C  CG  . ARG A 1 74  ? 13.169  -6.916  -22.608 1.00 61.17  ? 103 ARG A CG  1 
ATOM   609  C  CD  . ARG A 1 74  ? 14.634  -6.970  -22.217 1.00 66.08  ? 103 ARG A CD  1 
ATOM   610  N  NE  . ARG A 1 74  ? 15.077  -5.652  -21.772 1.00 70.05  ? 103 ARG A NE  1 
ATOM   611  C  CZ  . ARG A 1 74  ? 15.130  -4.580  -22.558 1.00 70.71  ? 103 ARG A CZ  1 
ATOM   612  N  NH1 . ARG A 1 74  ? 14.779  -4.668  -23.835 1.00 70.17  ? 103 ARG A NH1 1 
ATOM   613  N  NH2 . ARG A 1 74  ? 15.515  -3.412  -22.062 1.00 70.87  ? 103 ARG A NH2 1 
ATOM   614  N  N   . ASP A 1 75  ? 10.765  -10.202 -24.687 1.00 32.69  ? 104 ASP A N   1 
ATOM   615  C  CA  . ASP A 1 75  ? 10.576  -11.342 -25.576 1.00 33.83  ? 104 ASP A CA  1 
ATOM   616  C  C   . ASP A 1 75  ? 9.694   -11.035 -26.774 1.00 32.97  ? 104 ASP A C   1 
ATOM   617  O  O   . ASP A 1 75  ? 9.803   -11.689 -27.801 1.00 35.96  ? 104 ASP A O   1 
ATOM   618  C  CB  . ASP A 1 75  ? 9.975   -12.530 -24.825 1.00 35.32  ? 104 ASP A CB  1 
ATOM   619  C  CG  . ASP A 1 75  ? 10.865  -13.024 -23.713 1.00 37.24  ? 104 ASP A CG  1 
ATOM   620  O  OD1 . ASP A 1 75  ? 12.094  -12.827 -23.802 1.00 37.05  ? 104 ASP A OD1 1 
ATOM   621  O  OD2 . ASP A 1 75  ? 10.330  -13.623 -22.754 1.00 41.00  ? 104 ASP A OD2 1 
ATOM   622  N  N   . GLY A 1 76  ? 8.823   -10.043 -26.647 1.00 34.07  ? 105 GLY A N   1 
ATOM   623  C  CA  . GLY A 1 76  ? 7.935   -9.727  -27.752 1.00 37.16  ? 105 GLY A CA  1 
ATOM   624  C  C   . GLY A 1 76  ? 8.254   -8.474  -28.542 1.00 39.13  ? 105 GLY A C   1 
ATOM   625  O  O   . GLY A 1 76  ? 7.377   -7.948  -29.224 1.00 37.78  ? 105 GLY A O   1 
ATOM   626  N  N   . ILE A 1 77  ? 9.492   -7.997  -28.459 1.00 43.28  ? 106 ILE A N   1 
ATOM   627  C  CA  . ILE A 1 77  ? 9.898   -6.794  -29.182 1.00 44.47  ? 106 ILE A CA  1 
ATOM   628  C  C   . ILE A 1 77  ? 9.455   -6.794  -30.648 1.00 44.94  ? 106 ILE A C   1 
ATOM   629  O  O   . ILE A 1 77  ? 8.833   -5.835  -31.119 1.00 48.70  ? 106 ILE A O   1 
ATOM   630  C  CB  . ILE A 1 77  ? 11.435  -6.603  -29.142 1.00 40.93  ? 106 ILE A CB  1 
ATOM   631  C  CG1 . ILE A 1 77  ? 11.891  -6.302  -27.715 1.00 40.56  ? 106 ILE A CG1 1 
ATOM   632  C  CG2 . ILE A 1 77  ? 11.845  -5.454  -30.068 1.00 41.24  ? 106 ILE A CG2 1 
ATOM   633  C  CD1 . ILE A 1 77  ? 11.321  -5.019  -27.154 1.00 42.11  ? 106 ILE A CD1 1 
ATOM   634  N  N   . HIS A 1 78  ? 9.781   -7.865  -31.365 1.00 38.55  ? 107 HIS A N   1 
ATOM   635  C  CA  . HIS A 1 78  ? 9.427   -7.980  -32.777 1.00 35.16  ? 107 HIS A CA  1 
ATOM   636  C  C   . HIS A 1 78  ? 8.506   -9.160  -33.031 1.00 32.17  ? 107 HIS A C   1 
ATOM   637  O  O   . HIS A 1 78  ? 8.499   -9.731  -34.119 1.00 32.52  ? 107 HIS A O   1 
ATOM   638  C  CB  . HIS A 1 78  ? 10.688  -8.136  -33.625 1.00 37.62  ? 107 HIS A CB  1 
ATOM   639  C  CG  . HIS A 1 78  ? 11.411  -6.852  -33.868 1.00 43.44  ? 107 HIS A CG  1 
ATOM   640  N  ND1 . HIS A 1 78  ? 10.854  -5.808  -34.575 1.00 43.31  ? 107 HIS A ND1 1 
ATOM   641  C  CD2 . HIS A 1 78  ? 12.639  -6.431  -33.479 1.00 43.44  ? 107 HIS A CD2 1 
ATOM   642  C  CE1 . HIS A 1 78  ? 11.706  -4.800  -34.609 1.00 45.69  ? 107 HIS A CE1 1 
ATOM   643  N  NE2 . HIS A 1 78  ? 12.796  -5.152  -33.951 1.00 46.11  ? 107 HIS A NE2 1 
ATOM   644  N  N   . ASP A 1 79  ? 7.740   -9.527  -32.015 1.00 30.70  ? 108 ASP A N   1 
ATOM   645  C  CA  . ASP A 1 79  ? 6.801   -10.632 -32.119 1.00 31.21  ? 108 ASP A CA  1 
ATOM   646  C  C   . ASP A 1 79  ? 5.463   -10.091 -31.647 1.00 31.13  ? 108 ASP A C   1 
ATOM   647  O  O   . ASP A 1 79  ? 5.204   -10.009 -30.449 1.00 29.20  ? 108 ASP A O   1 
ATOM   648  C  CB  . ASP A 1 79  ? 7.249   -11.792 -31.228 1.00 32.75  ? 108 ASP A CB  1 
ATOM   649  C  CG  . ASP A 1 79  ? 6.336   -12.998 -31.333 1.00 33.21  ? 108 ASP A CG  1 
ATOM   650  O  OD1 . ASP A 1 79  ? 5.103   -12.829 -31.225 1.00 34.98  ? 108 ASP A OD1 1 
ATOM   651  O  OD2 . ASP A 1 79  ? 6.854   -14.119 -31.517 1.00 34.05  ? 108 ASP A OD2 1 
ATOM   652  N  N   . THR A 1 80  ? 4.626   -9.705  -32.601 1.00 34.30  ? 109 THR A N   1 
ATOM   653  C  CA  . THR A 1 80  ? 3.316   -9.148  -32.314 1.00 39.45  ? 109 THR A CA  1 
ATOM   654  C  C   . THR A 1 80  ? 2.573   -9.929  -31.240 1.00 35.65  ? 109 THR A C   1 
ATOM   655  O  O   . THR A 1 80  ? 2.066   -9.349  -30.280 1.00 34.95  ? 109 THR A O   1 
ATOM   656  C  CB  . THR A 1 80  ? 2.458   -9.106  -33.590 1.00 43.08  ? 109 THR A CB  1 
ATOM   657  O  OG1 . THR A 1 80  ? 3.143   -8.347  -34.589 1.00 51.07  ? 109 THR A OG1 1 
ATOM   658  C  CG2 . THR A 1 80  ? 1.116   -8.460  -33.316 1.00 46.77  ? 109 THR A CG2 1 
ATOM   659  N  N   . ASN A 1 81  ? 2.512   -11.245 -31.405 1.00 32.59  ? 110 ASN A N   1 
ATOM   660  C  CA  . ASN A 1 81  ? 1.824   -12.111 -30.454 1.00 33.88  ? 110 ASN A CA  1 
ATOM   661  C  C   . ASN A 1 81  ? 2.367   -11.975 -29.038 1.00 29.94  ? 110 ASN A C   1 
ATOM   662  O  O   . ASN A 1 81  ? 1.621   -11.725 -28.096 1.00 27.66  ? 110 ASN A O   1 
ATOM   663  C  CB  . ASN A 1 81  ? 1.937   -13.572 -30.891 1.00 46.89  ? 110 ASN A CB  1 
ATOM   664  C  CG  . ASN A 1 81  ? 1.153   -13.865 -32.151 1.00 52.87  ? 110 ASN A CG  1 
ATOM   665  O  OD1 . ASN A 1 81  ? -0.072  -13.731 -32.176 1.00 54.94  ? 110 ASN A OD1 1 
ATOM   666  N  ND2 . ASN A 1 81  ? 1.855   -14.265 -33.207 1.00 56.21  ? 110 ASN A ND2 1 
ATOM   667  N  N   . LYS A 1 82  ? 3.671   -12.161 -28.892 1.00 28.66  ? 111 LYS A N   1 
ATOM   668  C  CA  . LYS A 1 82  ? 4.287   -12.071 -27.581 1.00 28.82  ? 111 LYS A CA  1 
ATOM   669  C  C   . LYS A 1 82  ? 4.098   -10.686 -26.983 1.00 26.81  ? 111 LYS A C   1 
ATOM   670  O  O   . LYS A 1 82  ? 3.813   -10.554 -25.794 1.00 27.22  ? 111 LYS A O   1 
ATOM   671  C  CB  . LYS A 1 82  ? 5.771   -12.427 -27.672 1.00 24.94  ? 111 LYS A CB  1 
ATOM   672  C  CG  . LYS A 1 82  ? 6.012   -13.887 -27.998 1.00 24.45  ? 111 LYS A CG  1 
ATOM   673  C  CD  . LYS A 1 82  ? 7.486   -14.171 -28.165 1.00 26.53  ? 111 LYS A CD  1 
ATOM   674  C  CE  . LYS A 1 82  ? 7.746   -15.645 -28.383 1.00 28.93  ? 111 LYS A CE  1 
ATOM   675  N  NZ  . LYS A 1 82  ? 9.198   -15.904 -28.600 1.00 31.89  ? 111 LYS A NZ  1 
ATOM   676  N  N   . GLN A 1 83  ? 4.239   -9.655  -27.810 1.00 28.16  ? 112 GLN A N   1 
ATOM   677  C  CA  . GLN A 1 83  ? 4.068   -8.279  -27.341 1.00 31.75  ? 112 GLN A CA  1 
ATOM   678  C  C   . GLN A 1 83  ? 2.679   -8.080  -26.736 1.00 29.89  ? 112 GLN A C   1 
ATOM   679  O  O   . GLN A 1 83  ? 2.533   -7.506  -25.658 1.00 27.25  ? 112 GLN A O   1 
ATOM   680  C  CB  . GLN A 1 83  ? 4.254   -7.295  -28.496 1.00 41.06  ? 112 GLN A CB  1 
ATOM   681  C  CG  . GLN A 1 83  ? 4.200   -5.845  -28.068 1.00 51.15  ? 112 GLN A CG  1 
ATOM   682  C  CD  . GLN A 1 83  ? 3.981   -4.903  -29.231 1.00 57.01  ? 112 GLN A CD  1 
ATOM   683  O  OE1 . GLN A 1 83  ? 4.679   -4.971  -30.244 1.00 61.24  ? 112 GLN A OE1 1 
ATOM   684  N  NE2 . GLN A 1 83  ? 3.008   -4.011  -29.091 1.00 60.44  ? 112 GLN A NE2 1 
ATOM   685  N  N   . ALA A 1 84  ? 1.656   -8.562  -27.433 1.00 28.14  ? 113 ALA A N   1 
ATOM   686  C  CA  . ALA A 1 84  ? 0.287   -8.423  -26.950 1.00 29.47  ? 113 ALA A CA  1 
ATOM   687  C  C   . ALA A 1 84  ? 0.038   -9.142  -25.615 1.00 29.96  ? 113 ALA A C   1 
ATOM   688  O  O   . ALA A 1 84  ? -0.641  -8.613  -24.737 1.00 29.92  ? 113 ALA A O   1 
ATOM   689  C  CB  . ALA A 1 84  ? -0.687  -8.932  -28.008 1.00 26.93  ? 113 ALA A CB  1 
ATOM   690  N  N   . GLN A 1 85  ? 0.579   -10.346 -25.450 1.00 30.32  ? 114 GLN A N   1 
ATOM   691  C  CA  . GLN A 1 85  ? 0.367   -11.076 -24.202 1.00 30.19  ? 114 GLN A CA  1 
ATOM   692  C  C   . GLN A 1 85  ? 1.026   -10.391 -23.021 1.00 27.07  ? 114 GLN A C   1 
ATOM   693  O  O   . GLN A 1 85  ? 0.433   -10.266 -21.954 1.00 26.54  ? 114 GLN A O   1 
ATOM   694  C  CB  . GLN A 1 85  ? 0.887   -12.511 -24.319 1.00 33.53  ? 114 GLN A CB  1 
ATOM   695  C  CG  . GLN A 1 85  ? 0.079   -13.338 -25.287 1.00 40.53  ? 114 GLN A CG  1 
ATOM   696  C  CD  . GLN A 1 85  ? -1.391  -13.359 -24.922 1.00 44.63  ? 114 GLN A CD  1 
ATOM   697  O  OE1 . GLN A 1 85  ? -2.250  -13.473 -25.790 1.00 47.52  ? 114 GLN A OE1 1 
ATOM   698  N  NE2 . GLN A 1 85  ? -1.687  -13.257 -23.627 1.00 47.21  ? 114 GLN A NE2 1 
ATOM   699  N  N   . ALA A 1 86  ? 2.261   -9.955  -23.217 1.00 23.82  ? 115 ALA A N   1 
ATOM   700  C  CA  . ALA A 1 86  ? 2.999   -9.280  -22.165 1.00 25.15  ? 115 ALA A CA  1 
ATOM   701  C  C   . ALA A 1 86  ? 2.314   -7.953  -21.823 1.00 26.29  ? 115 ALA A C   1 
ATOM   702  O  O   . ALA A 1 86  ? 2.153   -7.610  -20.647 1.00 27.38  ? 115 ALA A O   1 
ATOM   703  C  CB  . ALA A 1 86  ? 4.432   -9.046  -22.614 1.00 19.86  ? 115 ALA A CB  1 
ATOM   704  N  N   . GLU A 1 87  ? 1.903   -7.208  -22.847 1.00 31.98  ? 116 GLU A N   1 
ATOM   705  C  CA  . GLU A 1 87  ? 1.238   -5.929  -22.620 1.00 32.16  ? 116 GLU A CA  1 
ATOM   706  C  C   . GLU A 1 87  ? -0.029  -6.181  -21.828 1.00 31.45  ? 116 GLU A C   1 
ATOM   707  O  O   . GLU A 1 87  ? -0.366  -5.424  -20.916 1.00 35.54  ? 116 GLU A O   1 
ATOM   708  C  CB  . GLU A 1 87  ? 0.894   -5.245  -23.951 1.00 29.39  ? 116 GLU A CB  1 
ATOM   709  C  CG  . GLU A 1 87  ? 0.060   -3.961  -23.815 1.00 27.87  ? 116 GLU A CG  1 
ATOM   710  C  CD  . GLU A 1 87  ? 0.733   -2.885  -22.968 1.00 29.44  ? 116 GLU A CD  1 
ATOM   711  O  OE1 . GLU A 1 87  ? 1.963   -2.947  -22.781 1.00 28.70  ? 116 GLU A OE1 1 
ATOM   712  O  OE2 . GLU A 1 87  ? 0.036   -1.957  -22.503 1.00 28.83  ? 116 GLU A OE2 1 
ATOM   713  N  N   . ASN A 1 88  ? -0.727  -7.256  -22.177 1.00 28.36  ? 117 ASN A N   1 
ATOM   714  C  CA  . ASN A 1 88  ? -1.959  -7.632  -21.492 1.00 30.54  ? 117 ASN A CA  1 
ATOM   715  C  C   . ASN A 1 88  ? -1.695  -7.823  -20.002 1.00 23.94  ? 117 ASN A C   1 
ATOM   716  O  O   . ASN A 1 88  ? -2.444  -7.334  -19.152 1.00 20.84  ? 117 ASN A O   1 
ATOM   717  C  CB  . ASN A 1 88  ? -2.511  -8.924  -22.096 1.00 51.43  ? 117 ASN A CB  1 
ATOM   718  C  CG  . ASN A 1 88  ? -3.725  -9.439  -21.358 1.00 63.60  ? 117 ASN A CG  1 
ATOM   719  O  OD1 . ASN A 1 88  ? -3.617  -9.984  -20.258 1.00 68.22  ? 117 ASN A OD1 1 
ATOM   720  N  ND2 . ASN A 1 88  ? -4.895  -9.263  -21.958 1.00 68.24  ? 117 ASN A ND2 1 
ATOM   721  N  N   . SER A 1 89  ? -0.622  -8.535  -19.678 1.00 25.50  ? 118 SER A N   1 
ATOM   722  C  CA  . SER A 1 89  ? -0.283  -8.760  -18.276 1.00 25.44  ? 118 SER A CA  1 
ATOM   723  C  C   . SER A 1 89  ? 0.147   -7.449  -17.627 1.00 23.41  ? 118 SER A C   1 
ATOM   724  O  O   . SER A 1 89  ? -0.150  -7.204  -16.461 1.00 21.88  ? 118 SER A O   1 
ATOM   725  C  CB  . SER A 1 89  ? 0.839   -9.787  -18.159 1.00 29.61  ? 118 SER A CB  1 
ATOM   726  O  OG  . SER A 1 89  ? 0.434   -11.029 -18.703 1.00 32.00  ? 118 SER A OG  1 
ATOM   727  N  N   . ARG A 1 90  ? 0.849   -6.608  -18.383 1.00 18.36  ? 119 ARG A N   1 
ATOM   728  C  CA  . ARG A 1 90  ? 1.311   -5.334  -17.850 1.00 21.01  ? 119 ARG A CA  1 
ATOM   729  C  C   . ARG A 1 90  ? 0.109   -4.464  -17.485 1.00 23.75  ? 119 ARG A C   1 
ATOM   730  O  O   . ARG A 1 90  ? 0.109   -3.801  -16.454 1.00 24.07  ? 119 ARG A O   1 
ATOM   731  C  CB  . ARG A 1 90  ? 2.196   -4.599  -18.869 1.00 22.73  ? 119 ARG A CB  1 
ATOM   732  C  CG  . ARG A 1 90  ? 2.934   -3.380  -18.290 1.00 27.18  ? 119 ARG A CG  1 
ATOM   733  C  CD  . ARG A 1 90  ? 3.693   -2.622  -19.378 1.00 29.38  ? 119 ARG A CD  1 
ATOM   734  N  NE  . ARG A 1 90  ? 2.779   -1.951  -20.299 1.00 29.61  ? 119 ARG A NE  1 
ATOM   735  C  CZ  . ARG A 1 90  ? 2.421   -0.676  -20.202 1.00 32.76  ? 119 ARG A CZ  1 
ATOM   736  N  NH1 . ARG A 1 90  ? 2.907   0.081   -19.224 1.00 33.26  ? 119 ARG A NH1 1 
ATOM   737  N  NH2 . ARG A 1 90  ? 1.568   -0.157  -21.076 1.00 32.31  ? 119 ARG A NH2 1 
ATOM   738  N  N   . GLN A 1 91  ? -0.922  -4.477  -18.326 1.00 26.27  ? 120 GLN A N   1 
ATOM   739  C  CA  . GLN A 1 91  ? -2.116  -3.680  -18.058 1.00 27.12  ? 120 GLN A CA  1 
ATOM   740  C  C   . GLN A 1 91  ? -2.855  -4.175  -16.819 1.00 25.40  ? 120 GLN A C   1 
ATOM   741  O  O   . GLN A 1 91  ? -3.423  -3.389  -16.058 1.00 24.88  ? 120 GLN A O   1 
ATOM   742  C  CB  . GLN A 1 91  ? -3.058  -3.708  -19.263 1.00 27.93  ? 120 GLN A CB  1 
ATOM   743  C  CG  . GLN A 1 91  ? -2.591  -2.870  -20.446 1.00 29.21  ? 120 GLN A CG  1 
ATOM   744  C  CD  . GLN A 1 91  ? -2.459  -1.397  -20.101 1.00 31.07  ? 120 GLN A CD  1 
ATOM   745  O  OE1 . GLN A 1 91  ? -3.334  -0.819  -19.452 1.00 29.75  ? 120 GLN A OE1 1 
ATOM   746  N  NE2 . GLN A 1 91  ? -1.369  -0.778  -20.547 1.00 32.27  ? 120 GLN A NE2 1 
ATOM   747  N  N   . ARG A 1 92  ? -2.859  -5.484  -16.615 1.00 22.36  ? 121 ARG A N   1 
ATOM   748  C  CA  . ARG A 1 92  ? -3.525  -6.037  -15.451 1.00 22.15  ? 121 ARG A CA  1 
ATOM   749  C  C   . ARG A 1 92  ? -2.735  -5.640  -14.197 1.00 18.96  ? 121 ARG A C   1 
ATOM   750  O  O   . ARG A 1 92  ? -3.309  -5.296  -13.171 1.00 19.33  ? 121 ARG A O   1 
ATOM   751  C  CB  . ARG A 1 92  ? -3.610  -7.558  -15.570 1.00 30.71  ? 121 ARG A CB  1 
ATOM   752  C  CG  . ARG A 1 92  ? -4.415  -8.194  -14.462 1.00 37.58  ? 121 ARG A CG  1 
ATOM   753  C  CD  . ARG A 1 92  ? -4.496  -9.694  -14.616 1.00 42.25  ? 121 ARG A CD  1 
ATOM   754  N  NE  . ARG A 1 92  ? -5.107  -10.287 -13.434 1.00 47.15  ? 121 ARG A NE  1 
ATOM   755  C  CZ  . ARG A 1 92  ? -4.985  -11.561 -13.084 1.00 49.33  ? 121 ARG A CZ  1 
ATOM   756  N  NH1 . ARG A 1 92  ? -4.269  -12.395 -13.831 1.00 50.85  ? 121 ARG A NH1 1 
ATOM   757  N  NH2 . ARG A 1 92  ? -5.569  -11.996 -11.979 1.00 50.31  ? 121 ARG A NH2 1 
ATOM   758  N  N   . PHE A 1 93  ? -1.414  -5.671  -14.294 1.00 21.56  ? 122 PHE A N   1 
ATOM   759  C  CA  . PHE A 1 93  ? -0.561  -5.310  -13.167 1.00 21.57  ? 122 PHE A CA  1 
ATOM   760  C  C   . PHE A 1 93  ? -0.802  -3.848  -12.774 1.00 23.52  ? 122 PHE A C   1 
ATOM   761  O  O   . PHE A 1 93  ? -0.946  -3.529  -11.592 1.00 22.17  ? 122 PHE A O   1 
ATOM   762  C  CB  . PHE A 1 93  ? 0.904   -5.531  -13.549 1.00 17.48  ? 122 PHE A CB  1 
ATOM   763  C  CG  . PHE A 1 93  ? 1.875   -5.342  -12.412 1.00 15.84  ? 122 PHE A CG  1 
ATOM   764  C  CD1 . PHE A 1 93  ? 1.509   -5.634  -11.098 1.00 14.39  ? 122 PHE A CD1 1 
ATOM   765  C  CD2 . PHE A 1 93  ? 3.183   -4.951  -12.670 1.00 15.34  ? 122 PHE A CD2 1 
ATOM   766  C  CE1 . PHE A 1 93  ? 2.433   -5.540  -10.060 1.00 14.38  ? 122 PHE A CE1 1 
ATOM   767  C  CE2 . PHE A 1 93  ? 4.121   -4.855  -11.644 1.00 18.21  ? 122 PHE A CE2 1 
ATOM   768  C  CZ  . PHE A 1 93  ? 3.744   -5.153  -10.333 1.00 15.90  ? 122 PHE A CZ  1 
ATOM   769  N  N   . LEU A 1 94  ? -0.854  -2.968  -13.772 1.00 25.33  ? 123 LEU A N   1 
ATOM   770  C  CA  . LEU A 1 94  ? -1.084  -1.540  -13.547 1.00 25.92  ? 123 LEU A CA  1 
ATOM   771  C  C   . LEU A 1 94  ? -2.396  -1.288  -12.809 1.00 26.52  ? 123 LEU A C   1 
ATOM   772  O  O   . LEU A 1 94  ? -2.455  -0.463  -11.892 1.00 28.52  ? 123 LEU A O   1 
ATOM   773  C  CB  . LEU A 1 94  ? -1.077  -0.791  -14.883 1.00 27.14  ? 123 LEU A CB  1 
ATOM   774  C  CG  . LEU A 1 94  ? 0.313   -0.618  -15.507 1.00 29.21  ? 123 LEU A CG  1 
ATOM   775  C  CD1 . LEU A 1 94  ? 0.208   -0.078  -16.936 1.00 30.80  ? 123 LEU A CD1 1 
ATOM   776  C  CD2 . LEU A 1 94  ? 1.128   0.331   -14.644 1.00 29.43  ? 123 LEU A CD2 1 
ATOM   777  N  N   . LYS A 1 95  ? -3.447  -2.002  -13.193 1.00 26.98  ? 124 LYS A N   1 
ATOM   778  C  CA  . LYS A 1 95  ? -4.729  -1.826  -12.527 1.00 27.18  ? 124 LYS A CA  1 
ATOM   779  C  C   . LYS A 1 95  ? -4.665  -2.264  -11.065 1.00 25.94  ? 124 LYS A C   1 
ATOM   780  O  O   . LYS A 1 95  ? -5.186  -1.584  -10.187 1.00 28.21  ? 124 LYS A O   1 
ATOM   781  C  CB  . LYS A 1 95  ? -5.832  -2.618  -13.230 1.00 31.97  ? 124 LYS A CB  1 
ATOM   782  C  CG  . LYS A 1 95  ? -7.172  -2.507  -12.510 1.00 36.21  ? 124 LYS A CG  1 
ATOM   783  C  CD  . LYS A 1 95  ? -8.258  -3.315  -13.183 1.00 41.61  ? 124 LYS A CD  1 
ATOM   784  C  CE  . LYS A 1 95  ? -9.555  -3.251  -12.377 1.00 45.01  ? 124 LYS A CE  1 
ATOM   785  N  NZ  . LYS A 1 95  ? -9.377  -3.788  -10.996 1.00 46.54  ? 124 LYS A NZ  1 
ATOM   786  N  N   . LEU A 1 96  ? -4.033  -3.402  -10.798 1.00 22.41  ? 125 LEU A N   1 
ATOM   787  C  CA  . LEU A 1 96  ? -3.941  -3.874  -9.423  1.00 21.20  ? 125 LEU A CA  1 
ATOM   788  C  C   . LEU A 1 96  ? -3.086  -2.937  -8.580  1.00 19.04  ? 125 LEU A C   1 
ATOM   789  O  O   . LEU A 1 96  ? -3.382  -2.712  -7.413  1.00 19.07  ? 125 LEU A O   1 
ATOM   790  C  CB  . LEU A 1 96  ? -3.386  -5.301  -9.384  1.00 23.54  ? 125 LEU A CB  1 
ATOM   791  C  CG  . LEU A 1 96  ? -4.330  -6.353  -9.986  1.00 23.39  ? 125 LEU A CG  1 
ATOM   792  C  CD1 . LEU A 1 96  ? -3.670  -7.724  -9.986  1.00 21.68  ? 125 LEU A CD1 1 
ATOM   793  C  CD2 . LEU A 1 96  ? -5.622  -6.391  -9.180  1.00 23.01  ? 125 LEU A CD2 1 
ATOM   794  N  N   . ILE A 1 97  ? -2.035  -2.380  -9.175  1.00 23.15  ? 126 ILE A N   1 
ATOM   795  C  CA  . ILE A 1 97  ? -1.168  -1.449  -8.461  1.00 23.66  ? 126 ILE A CA  1 
ATOM   796  C  C   . ILE A 1 97  ? -2.001  -0.236  -8.057  1.00 27.36  ? 126 ILE A C   1 
ATOM   797  O  O   . ILE A 1 97  ? -1.881  0.282   -6.945  1.00 25.36  ? 126 ILE A O   1 
ATOM   798  C  CB  . ILE A 1 97  ? -0.006  -0.961  -9.345  1.00 22.28  ? 126 ILE A CB  1 
ATOM   799  C  CG1 . ILE A 1 97  ? 0.966   -2.110  -9.621  1.00 21.06  ? 126 ILE A CG1 1 
ATOM   800  C  CG2 . ILE A 1 97  ? 0.725   0.195   -8.658  1.00 23.45  ? 126 ILE A CG2 1 
ATOM   801  C  CD1 . ILE A 1 97  ? 2.092   -1.740  -10.573 1.00 20.61  ? 126 ILE A CD1 1 
ATOM   802  N  N   . GLN A 1 98  ? -2.860  0.206   -8.968  1.00 31.44  ? 127 GLN A N   1 
ATOM   803  C  CA  . GLN A 1 98  ? -3.704  1.360   -8.702  1.00 36.00  ? 127 GLN A CA  1 
ATOM   804  C  C   . GLN A 1 98  ? -4.703  1.009   -7.612  1.00 30.69  ? 127 GLN A C   1 
ATOM   805  O  O   . GLN A 1 98  ? -4.960  1.817   -6.725  1.00 27.66  ? 127 GLN A O   1 
ATOM   806  C  CB  . GLN A 1 98  ? -4.443  1.786   -9.968  1.00 55.53  ? 127 GLN A CB  1 
ATOM   807  C  CG  . GLN A 1 98  ? -4.805  3.260   -10.002 1.00 64.93  ? 127 GLN A CG  1 
ATOM   808  C  CD  . GLN A 1 98  ? -3.584  4.155   -10.151 1.00 68.39  ? 127 GLN A CD  1 
ATOM   809  O  OE1 . GLN A 1 98  ? -2.712  4.191   -9.283  1.00 67.98  ? 127 GLN A OE1 1 
ATOM   810  N  NE2 . GLN A 1 98  ? -3.519  4.882   -11.259 1.00 68.19  ? 127 GLN A NE2 1 
ATOM   811  N  N   . ASP A 1 99  ? -5.269  -0.196  -7.678  1.00 29.32  ? 128 ASP A N   1 
ATOM   812  C  CA  . ASP A 1 99  ? -6.230  -0.621  -6.663  1.00 28.58  ? 128 ASP A CA  1 
ATOM   813  C  C   . ASP A 1 99  ? -5.573  -0.601  -5.284  1.00 26.44  ? 128 ASP A C   1 
ATOM   814  O  O   . ASP A 1 99  ? -6.175  -0.190  -4.300  1.00 24.93  ? 128 ASP A O   1 
ATOM   815  C  CB  . ASP A 1 99  ? -6.732  -2.038  -6.929  1.00 29.61  ? 128 ASP A CB  1 
ATOM   816  C  CG  . ASP A 1 99  ? -7.464  -2.171  -8.254  1.00 31.69  ? 128 ASP A CG  1 
ATOM   817  O  OD1 . ASP A 1 99  ? -7.948  -1.151  -8.781  1.00 31.52  ? 128 ASP A OD1 1 
ATOM   818  O  OD2 . ASP A 1 99  ? -7.564  -3.313  -8.753  1.00 29.59  ? 128 ASP A OD2 1 
ATOM   819  N  N   . TYR A 1 100 ? -4.330  -1.064  -5.227  1.00 25.28  ? 129 TYR A N   1 
ATOM   820  C  CA  . TYR A 1 100 ? -3.588  -1.108  -3.973  1.00 21.96  ? 129 TYR A CA  1 
ATOM   821  C  C   . TYR A 1 100 ? -3.344  0.322   -3.456  1.00 21.02  ? 129 TYR A C   1 
ATOM   822  O  O   . TYR A 1 100 ? -3.528  0.592   -2.271  1.00 20.55  ? 129 TYR A O   1 
ATOM   823  C  CB  . TYR A 1 100 ? -2.262  -1.849  -4.202  1.00 18.57  ? 129 TYR A CB  1 
ATOM   824  C  CG  . TYR A 1 100 ? -1.506  -2.247  -2.949  1.00 18.29  ? 129 TYR A CG  1 
ATOM   825  C  CD1 . TYR A 1 100 ? -2.042  -2.047  -1.677  1.00 16.03  ? 129 TYR A CD1 1 
ATOM   826  C  CD2 . TYR A 1 100 ? -0.232  -2.815  -3.043  1.00 19.97  ? 129 TYR A CD2 1 
ATOM   827  C  CE1 . TYR A 1 100 ? -1.321  -2.396  -0.531  1.00 21.39  ? 129 TYR A CE1 1 
ATOM   828  C  CE2 . TYR A 1 100 ? 0.489   -3.168  -1.905  1.00 18.78  ? 129 TYR A CE2 1 
ATOM   829  C  CZ  . TYR A 1 100 ? -0.059  -2.957  -0.661  1.00 19.51  ? 129 TYR A CZ  1 
ATOM   830  O  OH  . TYR A 1 100 ? 0.655   -3.324  0.450   1.00 20.92  ? 129 TYR A OH  1 
ATOM   831  N  N   . ARG A 1 101 ? -2.937  1.229   -4.343  1.00 20.78  ? 130 ARG A N   1 
ATOM   832  C  CA  . ARG A 1 101 ? -2.686  2.617   -3.954  1.00 25.29  ? 130 ARG A CA  1 
ATOM   833  C  C   . ARG A 1 101 ? -3.950  3.243   -3.370  1.00 23.25  ? 130 ARG A C   1 
ATOM   834  O  O   . ARG A 1 101 ? -3.897  4.017   -2.415  1.00 23.04  ? 130 ARG A O   1 
ATOM   835  C  CB  . ARG A 1 101 ? -2.222  3.436   -5.158  1.00 26.95  ? 130 ARG A CB  1 
ATOM   836  C  CG  . ARG A 1 101 ? -1.013  2.863   -5.862  1.00 31.28  ? 130 ARG A CG  1 
ATOM   837  C  CD  . ARG A 1 101 ? -0.684  3.672   -7.093  1.00 30.72  ? 130 ARG A CD  1 
ATOM   838  N  NE  . ARG A 1 101 ? -0.054  4.949   -6.764  1.00 33.19  ? 130 ARG A NE  1 
ATOM   839  C  CZ  . ARG A 1 101 ? 0.041   5.964   -7.615  1.00 33.83  ? 130 ARG A CZ  1 
ATOM   840  N  NH1 . ARG A 1 101 ? -0.462  5.850   -8.837  1.00 31.88  ? 130 ARG A NH1 1 
ATOM   841  N  NH2 . ARG A 1 101 ? 0.663   7.078   -7.255  1.00 34.27  ? 130 ARG A NH2 1 
ATOM   842  N  N   . ILE A 1 102 ? -5.091  2.897   -3.948  1.00 22.68  ? 131 ILE A N   1 
ATOM   843  C  CA  . ILE A 1 102 ? -6.366  3.409   -3.466  1.00 21.79  ? 131 ILE A CA  1 
ATOM   844  C  C   . ILE A 1 102 ? -6.690  2.800   -2.108  1.00 22.43  ? 131 ILE A C   1 
ATOM   845  O  O   . ILE A 1 102 ? -7.137  3.497   -1.191  1.00 21.89  ? 131 ILE A O   1 
ATOM   846  C  CB  . ILE A 1 102 ? -7.492  3.100   -4.477  1.00 22.64  ? 131 ILE A CB  1 
ATOM   847  C  CG1 . ILE A 1 102 ? -7.279  3.954   -5.735  1.00 23.32  ? 131 ILE A CG1 1 
ATOM   848  C  CG2 . ILE A 1 102 ? -8.858  3.383   -3.858  1.00 23.10  ? 131 ILE A CG2 1 
ATOM   849  C  CD1 . ILE A 1 102 ? -8.298  3.710   -6.857  1.00 25.49  ? 131 ILE A CD1 1 
ATOM   850  N  N   . VAL A 1 103 ? -6.466  1.497   -1.973  1.00 25.14  ? 132 VAL A N   1 
ATOM   851  C  CA  . VAL A 1 103 ? -6.720  0.834   -0.703  1.00 25.27  ? 132 VAL A CA  1 
ATOM   852  C  C   . VAL A 1 103 ? -5.934  1.543   0.404   1.00 23.91  ? 132 VAL A C   1 
ATOM   853  O  O   . VAL A 1 103 ? -6.480  1.855   1.455   1.00 25.44  ? 132 VAL A O   1 
ATOM   854  C  CB  . VAL A 1 103 ? -6.301  -0.659  -0.750  1.00 27.40  ? 132 VAL A CB  1 
ATOM   855  C  CG1 . VAL A 1 103 ? -6.092  -1.187  0.659   1.00 26.40  ? 132 VAL A CG1 1 
ATOM   856  C  CG2 . VAL A 1 103 ? -7.378  -1.477  -1.455  1.00 26.89  ? 132 VAL A CG2 1 
ATOM   857  N  N   . ASP A 1 104 ? -4.659  1.818   0.157   1.00 20.65  ? 133 ASP A N   1 
ATOM   858  C  CA  . ASP A 1 104 ? -3.832  2.483   1.159   1.00 21.27  ? 133 ASP A CA  1 
ATOM   859  C  C   . ASP A 1 104 ? -4.202  3.952   1.365   1.00 22.02  ? 133 ASP A C   1 
ATOM   860  O  O   . ASP A 1 104 ? -4.143  4.467   2.488   1.00 16.86  ? 133 ASP A O   1 
ATOM   861  C  CB  . ASP A 1 104 ? -2.349  2.340   0.792   1.00 20.41  ? 133 ASP A CB  1 
ATOM   862  C  CG  . ASP A 1 104 ? -1.794  0.970   1.155   1.00 21.69  ? 133 ASP A CG  1 
ATOM   863  O  OD1 . ASP A 1 104 ? -0.595  0.729   0.934   1.00 22.93  ? 133 ASP A OD1 1 
ATOM   864  O  OD2 . ASP A 1 104 ? -2.564  0.131   1.669   1.00 21.60  ? 133 ASP A OD2 1 
ATOM   865  N  N   . SER A 1 105 ? -4.587  4.637   0.295   1.00 25.14  ? 134 SER A N   1 
ATOM   866  C  CA  . SER A 1 105 ? -4.982  6.037   0.437   1.00 27.37  ? 134 SER A CA  1 
ATOM   867  C  C   . SER A 1 105 ? -6.228  6.110   1.325   1.00 26.20  ? 134 SER A C   1 
ATOM   868  O  O   . SER A 1 105 ? -6.326  6.965   2.211   1.00 25.31  ? 134 SER A O   1 
ATOM   869  C  CB  . SER A 1 105 ? -5.283  6.655   -0.926  1.00 26.86  ? 134 SER A CB  1 
ATOM   870  O  OG  . SER A 1 105 ? -5.896  7.921   -0.766  1.00 30.24  ? 134 SER A OG  1 
ATOM   871  N  N   . ASN A 1 106 ? -7.171  5.203   1.089   1.00 22.06  ? 135 ASN A N   1 
ATOM   872  C  CA  . ASN A 1 106 ? -8.403  5.153   1.873   1.00 22.55  ? 135 ASN A CA  1 
ATOM   873  C  C   . ASN A 1 106 ? -8.119  4.943   3.359   1.00 22.83  ? 135 ASN A C   1 
ATOM   874  O  O   . ASN A 1 106 ? -8.730  5.594   4.212   1.00 19.58  ? 135 ASN A O   1 
ATOM   875  C  CB  . ASN A 1 106 ? -9.320  4.020   1.390   1.00 23.50  ? 135 ASN A CB  1 
ATOM   876  C  CG  . ASN A 1 106 ? -10.008 4.334   0.067   1.00 25.61  ? 135 ASN A CG  1 
ATOM   877  O  OD1 . ASN A 1 106 ? -10.165 5.491   -0.310  1.00 26.41  ? 135 ASN A OD1 1 
ATOM   878  N  ND2 . ASN A 1 106 ? -10.449 3.295   -0.623  1.00 26.49  ? 135 ASN A ND2 1 
ATOM   879  N  N   . TYR A 1 107 ? -7.207  4.019   3.663   1.00 21.25  ? 136 TYR A N   1 
ATOM   880  C  CA  . TYR A 1 107 ? -6.834  3.725   5.048   1.00 22.30  ? 136 TYR A CA  1 
ATOM   881  C  C   . TYR A 1 107 ? -6.110  4.937   5.646   1.00 21.94  ? 136 TYR A C   1 
ATOM   882  O  O   . TYR A 1 107 ? -6.285  5.261   6.815   1.00 21.82  ? 136 TYR A O   1 
ATOM   883  C  CB  . TYR A 1 107 ? -5.936  2.479   5.094   1.00 22.81  ? 136 TYR A CB  1 
ATOM   884  C  CG  . TYR A 1 107 ? -5.708  1.892   6.481   1.00 25.90  ? 136 TYR A CG  1 
ATOM   885  C  CD1 . TYR A 1 107 ? -6.780  1.460   7.273   1.00 27.43  ? 136 TYR A CD1 1 
ATOM   886  C  CD2 . TYR A 1 107 ? -4.413  1.740   6.989   1.00 26.62  ? 136 TYR A CD2 1 
ATOM   887  C  CE1 . TYR A 1 107 ? -6.561  0.889   8.547   1.00 26.64  ? 136 TYR A CE1 1 
ATOM   888  C  CE2 . TYR A 1 107 ? -4.183  1.175   8.252   1.00 25.81  ? 136 TYR A CE2 1 
ATOM   889  C  CZ  . TYR A 1 107 ? -5.255  0.752   9.022   1.00 27.37  ? 136 TYR A CZ  1 
ATOM   890  O  OH  . TYR A 1 107 ? -5.010  0.195   10.259  1.00 28.40  ? 136 TYR A OH  1 
ATOM   891  N  N   . LYS A 1 108 ? -5.295  5.609   4.841   1.00 23.69  ? 137 LYS A N   1 
ATOM   892  C  CA  . LYS A 1 108 ? -4.592  6.791   5.317   1.00 25.20  ? 137 LYS A CA  1 
ATOM   893  C  C   . LYS A 1 108 ? -5.625  7.815   5.805   1.00 23.96  ? 137 LYS A C   1 
ATOM   894  O  O   . LYS A 1 108 ? -5.474  8.408   6.866   1.00 23.40  ? 137 LYS A O   1 
ATOM   895  C  CB  . LYS A 1 108 ? -3.738  7.403   4.191   1.00 21.69  ? 137 LYS A CB  1 
ATOM   896  C  CG  . LYS A 1 108 ? -3.168  8.799   4.514   1.00 24.04  ? 137 LYS A CG  1 
ATOM   897  C  CD  . LYS A 1 108 ? -2.265  9.342   3.398   1.00 22.14  ? 137 LYS A CD  1 
ATOM   898  C  CE  . LYS A 1 108 ? -1.863  10.807  3.656   1.00 26.47  ? 137 LYS A CE  1 
ATOM   899  N  NZ  . LYS A 1 108 ? -1.066  11.432  2.540   1.00 22.36  ? 137 LYS A NZ  1 
ATOM   900  N  N   . GLU A 1 109 ? -6.683  8.006   5.027   1.00 21.22  ? 138 GLU A N   1 
ATOM   901  C  CA  . GLU A 1 109 ? -7.709  8.974   5.385   1.00 20.48  ? 138 GLU A CA  1 
ATOM   902  C  C   . GLU A 1 109 ? -8.464  8.590   6.651   1.00 18.93  ? 138 GLU A C   1 
ATOM   903  O  O   . GLU A 1 109 ? -8.806  9.446   7.463   1.00 19.21  ? 138 GLU A O   1 
ATOM   904  C  CB  . GLU A 1 109 ? -8.685  9.156   4.219   1.00 18.53  ? 138 GLU A CB  1 
ATOM   905  C  CG  . GLU A 1 109 ? -8.013  9.749   2.990   1.00 22.55  ? 138 GLU A CG  1 
ATOM   906  C  CD  . GLU A 1 109 ? -7.294  11.057  3.289   1.00 23.51  ? 138 GLU A CD  1 
ATOM   907  O  OE1 . GLU A 1 109 ? -6.385  11.415  2.516   1.00 26.84  ? 138 GLU A OE1 1 
ATOM   908  O  OE2 . GLU A 1 109 ? -7.635  11.733  4.285   1.00 25.33  ? 138 GLU A OE2 1 
ATOM   909  N  N   . GLU A 1 110 ? -8.720  7.303   6.829   1.00 17.19  ? 139 GLU A N   1 
ATOM   910  C  CA  . GLU A 1 110 ? -9.424  6.866   8.020   1.00 19.40  ? 139 GLU A CA  1 
ATOM   911  C  C   . GLU A 1 110 ? -8.519  7.164   9.216   1.00 19.87  ? 139 GLU A C   1 
ATOM   912  O  O   . GLU A 1 110 ? -8.984  7.601   10.275  1.00 19.25  ? 139 GLU A O   1 
ATOM   913  C  CB  . GLU A 1 110 ? -9.714  5.370   7.916   1.00 29.37  ? 139 GLU A CB  1 
ATOM   914  C  CG  . GLU A 1 110 ? -10.950 4.918   8.670   1.00 38.01  ? 139 GLU A CG  1 
ATOM   915  C  CD  . GLU A 1 110 ? -12.240 5.387   8.028   1.00 40.60  ? 139 GLU A CD  1 
ATOM   916  O  OE1 . GLU A 1 110 ? -12.564 4.928   6.912   1.00 41.14  ? 139 GLU A OE1 1 
ATOM   917  O  OE2 . GLU A 1 110 ? -12.930 6.220   8.644   1.00 45.64  ? 139 GLU A OE2 1 
ATOM   918  N  N   . ASN A 1 111 ? -7.218  6.949   9.021   1.00 18.73  ? 140 ASN A N   1 
ATOM   919  C  CA  . ASN A 1 111 ? -6.212  7.173   10.055  1.00 21.20  ? 140 ASN A CA  1 
ATOM   920  C  C   . ASN A 1 111 ? -6.221  8.633   10.503  1.00 17.06  ? 140 ASN A C   1 
ATOM   921  O  O   . ASN A 1 111 ? -6.298  8.926   11.690  1.00 17.18  ? 140 ASN A O   1 
ATOM   922  C  CB  . ASN A 1 111 ? -4.827  6.800   9.512   1.00 32.65  ? 140 ASN A CB  1 
ATOM   923  C  CG  . ASN A 1 111 ? -3.700  7.133   10.474  1.00 39.48  ? 140 ASN A CG  1 
ATOM   924  O  OD1 . ASN A 1 111 ? -3.475  8.299   10.817  1.00 41.15  ? 140 ASN A OD1 1 
ATOM   925  N  ND2 . ASN A 1 111 ? -2.973  6.103   10.909  1.00 42.20  ? 140 ASN A ND2 1 
ATOM   926  N  N   . LYS A 1 112 ? -6.125  9.544   9.545   1.00 18.88  ? 141 LYS A N   1 
ATOM   927  C  CA  . LYS A 1 112 ? -6.133  10.964  9.855   1.00 22.24  ? 141 LYS A CA  1 
ATOM   928  C  C   . LYS A 1 112 ? -7.417  11.372  10.565  1.00 18.59  ? 141 LYS A C   1 
ATOM   929  O  O   . LYS A 1 112 ? -7.377  12.139  11.529  1.00 19.02  ? 141 LYS A O   1 
ATOM   930  C  CB  . LYS A 1 112 ? -5.962  11.796  8.582   1.00 35.33  ? 141 LYS A CB  1 
ATOM   931  C  CG  . LYS A 1 112 ? -4.592  11.658  7.935   1.00 47.00  ? 141 LYS A CG  1 
ATOM   932  C  CD  . LYS A 1 112 ? -4.309  12.804  6.963   1.00 56.34  ? 141 LYS A CD  1 
ATOM   933  C  CE  . LYS A 1 112 ? -5.254  12.807  5.775   1.00 61.97  ? 141 LYS A CE  1 
ATOM   934  N  NZ  . LYS A 1 112 ? -5.060  11.604  4.919   1.00 67.09  ? 141 LYS A NZ  1 
ATOM   935  N  N   . GLU A 1 113 ? -8.556  10.864  10.103  1.00 16.87  ? 142 GLU A N   1 
ATOM   936  C  CA  . GLU A 1 113 ? -9.817  11.227  10.742  1.00 18.55  ? 142 GLU A CA  1 
ATOM   937  C  C   . GLU A 1 113 ? -9.800  10.815  12.207  1.00 18.35  ? 142 GLU A C   1 
ATOM   938  O  O   . GLU A 1 113 ? -10.265 11.557  13.063  1.00 21.48  ? 142 GLU A O   1 
ATOM   939  C  CB  . GLU A 1 113 ? -11.007 10.585  10.023  1.00 20.10  ? 142 GLU A CB  1 
ATOM   940  C  CG  . GLU A 1 113 ? -12.378 10.972  10.605  1.00 21.65  ? 142 GLU A CG  1 
ATOM   941  C  CD  . GLU A 1 113 ? -12.598 12.477  10.657  1.00 21.05  ? 142 GLU A CD  1 
ATOM   942  O  OE1 . GLU A 1 113 ? -12.161 13.190  9.729   1.00 21.62  ? 142 GLU A OE1 1 
ATOM   943  O  OE2 . GLU A 1 113 ? -13.220 12.956  11.620  1.00 21.87  ? 142 GLU A OE2 1 
ATOM   944  N  N   . GLN A 1 114 ? -9.254  9.641   12.506  1.00 21.66  ? 143 GLN A N   1 
ATOM   945  C  CA  . GLN A 1 114 ? -9.181  9.190   13.893  1.00 24.36  ? 143 GLN A CA  1 
ATOM   946  C  C   . GLN A 1 114 ? -8.302  10.146  14.691  1.00 20.05  ? 143 GLN A C   1 
ATOM   947  O  O   . GLN A 1 114 ? -8.580  10.438  15.856  1.00 19.87  ? 143 GLN A O   1 
ATOM   948  C  CB  . GLN A 1 114 ? -8.605  7.775   13.968  1.00 38.63  ? 143 GLN A CB  1 
ATOM   949  C  CG  . GLN A 1 114 ? -9.589  6.682   13.594  1.00 49.95  ? 143 GLN A CG  1 
ATOM   950  C  CD  . GLN A 1 114 ? -8.960  5.302   13.636  1.00 58.23  ? 143 GLN A CD  1 
ATOM   951  O  OE1 . GLN A 1 114 ? -8.345  4.916   14.633  1.00 61.79  ? 143 GLN A OE1 1 
ATOM   952  N  NE2 . GLN A 1 114 ? -9.113  4.549   12.553  1.00 61.29  ? 143 GLN A NE2 1 
ATOM   953  N  N   . ALA A 1 115 ? -7.239  10.632  14.062  1.00 20.41  ? 144 ALA A N   1 
ATOM   954  C  CA  . ALA A 1 115 ? -6.334  11.573  14.713  1.00 20.70  ? 144 ALA A CA  1 
ATOM   955  C  C   . ALA A 1 115 ? -7.116  12.836  15.072  1.00 19.74  ? 144 ALA A C   1 
ATOM   956  O  O   . ALA A 1 115 ? -7.061  13.311  16.197  1.00 20.59  ? 144 ALA A O   1 
ATOM   957  C  CB  . ALA A 1 115 ? -5.164  11.921  13.772  1.00 12.54  ? 144 ALA A CB  1 
ATOM   958  N  N   . LYS A 1 116 ? -7.862  13.375  14.115  1.00 21.65  ? 145 LYS A N   1 
ATOM   959  C  CA  . LYS A 1 116 ? -8.638  14.582  14.384  1.00 20.58  ? 145 LYS A CA  1 
ATOM   960  C  C   . LYS A 1 116 ? -9.684  14.369  15.484  1.00 22.07  ? 145 LYS A C   1 
ATOM   961  O  O   . LYS A 1 116 ? -9.846  15.212  16.361  1.00 20.77  ? 145 LYS A O   1 
ATOM   962  C  CB  . LYS A 1 116 ? -9.337  15.058  13.109  1.00 19.08  ? 145 LYS A CB  1 
ATOM   963  C  CG  . LYS A 1 116 ? -8.402  15.525  12.028  1.00 19.33  ? 145 LYS A CG  1 
ATOM   964  C  CD  . LYS A 1 116 ? -9.168  15.831  10.750  1.00 23.94  ? 145 LYS A CD  1 
ATOM   965  C  CE  . LYS A 1 116 ? -8.228  16.260  9.642   1.00 27.16  ? 145 LYS A CE  1 
ATOM   966  N  NZ  . LYS A 1 116 ? -8.917  16.390  8.321   1.00 31.53  ? 145 LYS A NZ  1 
ATOM   967  N  N   . ARG A 1 117 ? -10.381 13.241  15.449  1.00 23.30  ? 146 ARG A N   1 
ATOM   968  C  CA  . ARG A 1 117 ? -11.419 12.982  16.449  1.00 27.61  ? 146 ARG A CA  1 
ATOM   969  C  C   . ARG A 1 117 ? -10.834 12.870  17.847  1.00 28.89  ? 146 ARG A C   1 
ATOM   970  O  O   . ARG A 1 117 ? -11.421 13.362  18.810  1.00 30.45  ? 146 ARG A O   1 
ATOM   971  C  CB  . ARG A 1 117 ? -12.191 11.707  16.104  1.00 24.12  ? 146 ARG A CB  1 
ATOM   972  C  CG  . ARG A 1 117 ? -12.514 11.574  14.624  1.00 29.01  ? 146 ARG A CG  1 
ATOM   973  C  CD  . ARG A 1 117 ? -13.931 11.939  14.245  1.00 29.67  ? 146 ARG A CD  1 
ATOM   974  N  NE  . ARG A 1 117 ? -14.796 10.778  14.330  1.00 32.46  ? 146 ARG A NE  1 
ATOM   975  C  CZ  . ARG A 1 117 ? -15.793 10.503  13.494  1.00 32.40  ? 146 ARG A CZ  1 
ATOM   976  N  NH1 . ARG A 1 117 ? -16.073 11.308  12.476  1.00 31.69  ? 146 ARG A NH1 1 
ATOM   977  N  NH2 . ARG A 1 117 ? -16.517 9.411   13.685  1.00 30.53  ? 146 ARG A NH2 1 
ATOM   978  N  N   . GLN A 1 118 ? -9.678  12.222  17.956  1.00 31.85  ? 147 GLN A N   1 
ATOM   979  C  CA  . GLN A 1 118 ? -9.033  12.057  19.249  1.00 31.19  ? 147 GLN A CA  1 
ATOM   980  C  C   . GLN A 1 118 ? -8.825  13.431  19.858  1.00 28.66  ? 147 GLN A C   1 
ATOM   981  O  O   . GLN A 1 118 ? -9.106  13.643  21.038  1.00 31.68  ? 147 GLN A O   1 
ATOM   982  C  CB  . GLN A 1 118 ? -7.680  11.356  19.111  1.00 37.63  ? 147 GLN A CB  1 
ATOM   983  C  CG  . GLN A 1 118 ? -7.014  11.083  20.461  1.00 43.02  ? 147 GLN A CG  1 
ATOM   984  C  CD  . GLN A 1 118 ? -5.529  10.763  20.349  1.00 46.30  ? 147 GLN A CD  1 
ATOM   985  O  OE1 . GLN A 1 118 ? -5.017  10.486  19.263  1.00 46.10  ? 147 GLN A OE1 1 
ATOM   986  N  NE2 . GLN A 1 118 ? -4.832  10.790  21.485  1.00 45.72  ? 147 GLN A NE2 1 
ATOM   987  N  N   . TYR A 1 119 ? -8.349  14.372  19.049  1.00 23.96  ? 148 TYR A N   1 
ATOM   988  C  CA  . TYR A 1 119 ? -8.112  15.712  19.547  1.00 23.49  ? 148 TYR A CA  1 
ATOM   989  C  C   . TYR A 1 119 ? -9.392  16.482  19.872  1.00 22.15  ? 148 TYR A C   1 
ATOM   990  O  O   . TYR A 1 119 ? -9.461  17.153  20.899  1.00 21.90  ? 148 TYR A O   1 
ATOM   991  C  CB  . TYR A 1 119 ? -7.276  16.528  18.563  1.00 24.37  ? 148 TYR A CB  1 
ATOM   992  C  CG  . TYR A 1 119 ? -6.944  17.903  19.095  1.00 27.29  ? 148 TYR A CG  1 
ATOM   993  C  CD1 . TYR A 1 119 ? -6.167  18.058  20.243  1.00 30.79  ? 148 TYR A CD1 1 
ATOM   994  C  CD2 . TYR A 1 119 ? -7.434  19.050  18.475  1.00 31.81  ? 148 TYR A CD2 1 
ATOM   995  C  CE1 . TYR A 1 119 ? -5.884  19.331  20.759  1.00 33.14  ? 148 TYR A CE1 1 
ATOM   996  C  CE2 . TYR A 1 119 ? -7.161  20.324  18.987  1.00 33.70  ? 148 TYR A CE2 1 
ATOM   997  C  CZ  . TYR A 1 119 ? -6.386  20.452  20.128  1.00 33.59  ? 148 TYR A CZ  1 
ATOM   998  O  OH  . TYR A 1 119 ? -6.125  21.705  20.637  1.00 36.47  ? 148 TYR A OH  1 
ATOM   999  N  N   . MET A 1 120 ? -10.395 16.402  19.000  1.00 24.12  ? 149 MET A N   1 
ATOM   1000 C  CA  . MET A 1 120 ? -11.651 17.111  19.248  1.00 28.35  ? 149 MET A CA  1 
ATOM   1001 C  C   . MET A 1 120 ? -12.266 16.642  20.557  1.00 30.06  ? 149 MET A C   1 
ATOM   1002 O  O   . MET A 1 120 ? -12.935 17.407  21.244  1.00 30.49  ? 149 MET A O   1 
ATOM   1003 C  CB  . MET A 1 120 ? -12.630 16.889  18.096  1.00 31.03  ? 149 MET A CB  1 
ATOM   1004 C  CG  . MET A 1 120 ? -12.198 17.553  16.805  1.00 34.26  ? 149 MET A CG  1 
ATOM   1005 S  SD  . MET A 1 120 ? -13.337 17.211  15.461  1.00 36.60  ? 149 MET A SD  1 
ATOM   1006 C  CE  . MET A 1 120 ? -12.846 15.530  15.062  1.00 40.88  ? 149 MET A CE  1 
ATOM   1007 N  N   . ILE A 1 121 ? -12.040 15.378  20.893  1.00 33.87  ? 150 ILE A N   1 
ATOM   1008 C  CA  . ILE A 1 121 ? -12.542 14.812  22.136  1.00 39.89  ? 150 ILE A CA  1 
ATOM   1009 C  C   . ILE A 1 121 ? -11.873 15.542  23.303  1.00 43.90  ? 150 ILE A C   1 
ATOM   1010 O  O   . ILE A 1 121 ? -12.467 15.714  24.367  1.00 44.06  ? 150 ILE A O   1 
ATOM   1011 C  CB  . ILE A 1 121 ? -12.234 13.300  22.214  1.00 39.21  ? 150 ILE A CB  1 
ATOM   1012 C  CG1 . ILE A 1 121 ? -13.344 12.518  21.503  1.00 38.93  ? 150 ILE A CG1 1 
ATOM   1013 C  CG2 . ILE A 1 121 ? -12.077 12.863  23.661  1.00 40.39  ? 150 ILE A CG2 1 
ATOM   1014 C  CD1 . ILE A 1 121 ? -13.105 11.030  21.408  1.00 39.54  ? 150 ILE A CD1 1 
ATOM   1015 N  N   . ILE A 1 122 ? -10.636 15.976  23.085  1.00 48.50  ? 151 ILE A N   1 
ATOM   1016 C  CA  . ILE A 1 122 ? -9.881  16.708  24.097  1.00 46.67  ? 151 ILE A CA  1 
ATOM   1017 C  C   . ILE A 1 122 ? -10.255 18.181  24.048  1.00 43.91  ? 151 ILE A C   1 
ATOM   1018 O  O   . ILE A 1 122 ? -10.408 18.823  25.082  1.00 50.04  ? 151 ILE A O   1 
ATOM   1019 C  CB  . ILE A 1 122 ? -8.358  16.578  23.863  1.00 44.19  ? 151 ILE A CB  1 
ATOM   1020 C  CG1 . ILE A 1 122 ? -7.904  15.159  24.208  1.00 44.22  ? 151 ILE A CG1 1 
ATOM   1021 C  CG2 . ILE A 1 122 ? -7.611  17.616  24.685  1.00 43.25  ? 151 ILE A CG2 1 
ATOM   1022 C  CD1 . ILE A 1 122 ? -6.467  14.867  23.844  1.00 46.67  ? 151 ILE A CD1 1 
ATOM   1023 N  N   . GLN A 1 123 ? -10.399 18.707  22.834  1.00 39.43  ? 152 GLN A N   1 
ATOM   1024 C  CA  . GLN A 1 123 ? -10.751 20.109  22.619  1.00 40.05  ? 152 GLN A CA  1 
ATOM   1025 C  C   . GLN A 1 123 ? -12.064 20.210  21.839  1.00 39.58  ? 152 GLN A C   1 
ATOM   1026 O  O   . GLN A 1 123 ? -12.077 20.634  20.677  1.00 32.82  ? 152 GLN A O   1 
ATOM   1027 C  CB  . GLN A 1 123 ? -9.645  20.813  21.829  1.00 60.32  ? 152 GLN A CB  1 
ATOM   1028 C  CG  . GLN A 1 123 ? -9.136  22.086  22.467  1.00 69.23  ? 152 GLN A CG  1 
ATOM   1029 C  CD  . GLN A 1 123 ? -8.361  21.817  23.736  1.00 72.44  ? 152 GLN A CD  1 
ATOM   1030 O  OE1 . GLN A 1 123 ? -8.667  22.370  24.792  1.00 72.32  ? 152 GLN A OE1 1 
ATOM   1031 N  NE2 . GLN A 1 123 ? -7.348  20.966  23.641  1.00 72.12  ? 152 GLN A NE2 1 
ATOM   1032 N  N   . PRO A 1 124 ? -13.187 19.836  22.475  1.00 46.27  ? 153 PRO A N   1 
ATOM   1033 C  CA  . PRO A 1 124 ? -14.509 19.876  21.846  1.00 50.07  ? 153 PRO A CA  1 
ATOM   1034 C  C   . PRO A 1 124 ? -14.908 21.224  21.267  1.00 49.05  ? 153 PRO A C   1 
ATOM   1035 O  O   . PRO A 1 124 ? -15.925 21.326  20.591  1.00 49.92  ? 153 PRO A O   1 
ATOM   1036 C  CB  . PRO A 1 124 ? -15.439 19.420  22.967  1.00 61.13  ? 153 PRO A CB  1 
ATOM   1037 C  CG  . PRO A 1 124 ? -14.734 19.881  24.196  1.00 63.05  ? 153 PRO A CG  1 
ATOM   1038 C  CD  . PRO A 1 124 ? -13.306 19.496  23.904  1.00 59.77  ? 153 PRO A CD  1 
ATOM   1039 N  N   . GLU A 1 125 ? -14.108 22.251  21.529  1.00 53.99  ? 154 GLU A N   1 
ATOM   1040 C  CA  . GLU A 1 125 ? -14.387 23.591  21.022  1.00 57.19  ? 154 GLU A CA  1 
ATOM   1041 C  C   . GLU A 1 125 ? -13.394 24.016  19.940  1.00 54.38  ? 154 GLU A C   1 
ATOM   1042 O  O   . GLU A 1 125 ? -13.471 25.128  19.413  1.00 53.80  ? 154 GLU A O   1 
ATOM   1043 C  CB  . GLU A 1 125 ? -14.347 24.603  22.172  1.00 86.69  ? 154 GLU A CB  1 
ATOM   1044 C  CG  . GLU A 1 125 ? -15.555 24.551  23.090  1.00 90.25  ? 154 GLU A CG  1 
ATOM   1045 C  CD  . GLU A 1 125 ? -16.808 25.093  22.429  1.00 91.98  ? 154 GLU A CD  1 
ATOM   1046 O  OE1 . GLU A 1 125 ? -17.178 24.594  21.343  1.00 91.90  ? 154 GLU A OE1 1 
ATOM   1047 O  OE2 . GLU A 1 125 ? -17.422 26.023  22.996  1.00 92.20  ? 154 GLU A OE2 1 
ATOM   1048 N  N   . ALA A 1 126 ? -12.466 23.123  19.613  1.00 51.90  ? 155 ALA A N   1 
ATOM   1049 C  CA  . ALA A 1 126 ? -11.446 23.402  18.611  1.00 49.24  ? 155 ALA A CA  1 
ATOM   1050 C  C   . ALA A 1 126 ? -12.019 23.691  17.231  1.00 45.34  ? 155 ALA A C   1 
ATOM   1051 O  O   . ALA A 1 126 ? -12.999 23.082  16.812  1.00 43.87  ? 155 ALA A O   1 
ATOM   1052 C  CB  . ALA A 1 126 ? -10.470 22.234  18.530  1.00 54.08  ? 155 ALA A CB  1 
ATOM   1053 N  N   . THR A 1 127 ? -11.394 24.629  16.528  1.00 37.59  ? 156 THR A N   1 
ATOM   1054 C  CA  . THR A 1 127 ? -11.811 24.992  15.179  1.00 43.71  ? 156 THR A CA  1 
ATOM   1055 C  C   . THR A 1 127 ? -11.074 24.080  14.210  1.00 44.92  ? 156 THR A C   1 
ATOM   1056 O  O   . THR A 1 127 ? -10.135 23.392  14.606  1.00 39.69  ? 156 THR A O   1 
ATOM   1057 C  CB  . THR A 1 127 ? -11.436 26.445  14.841  1.00 51.49  ? 156 THR A CB  1 
ATOM   1058 O  OG1 . THR A 1 127 ? -10.013 26.597  14.914  1.00 54.98  ? 156 THR A OG1 1 
ATOM   1059 C  CG2 . THR A 1 127 ? -12.093 27.410  15.813  1.00 54.02  ? 156 THR A CG2 1 
ATOM   1060 N  N   . GLU A 1 128 ? -11.490 24.076  12.947  1.00 52.73  ? 157 GLU A N   1 
ATOM   1061 C  CA  . GLU A 1 128 ? -10.839 23.239  11.947  1.00 55.86  ? 157 GLU A CA  1 
ATOM   1062 C  C   . GLU A 1 128 ? -9.339  23.455  11.993  1.00 55.63  ? 157 GLU A C   1 
ATOM   1063 O  O   . GLU A 1 128 ? -8.572  22.518  12.213  1.00 60.32  ? 157 GLU A O   1 
ATOM   1064 C  CB  . GLU A 1 128 ? -11.320 23.574  10.536  1.00 53.61  ? 157 GLU A CB  1 
ATOM   1065 C  CG  . GLU A 1 128 ? -12.768 23.280  10.249  1.00 53.72  ? 157 GLU A CG  1 
ATOM   1066 C  CD  . GLU A 1 128 ? -13.094 23.469  8.781   1.00 54.19  ? 157 GLU A CD  1 
ATOM   1067 O  OE1 . GLU A 1 128 ? -12.644 22.643  7.957   1.00 53.97  ? 157 GLU A OE1 1 
ATOM   1068 O  OE2 . GLU A 1 128 ? -13.790 24.450  8.449   1.00 57.06  ? 157 GLU A OE2 1 
ATOM   1069 N  N   . ASP A 1 129 ? -8.933  24.701  11.778  1.00 47.82  ? 158 ASP A N   1 
ATOM   1070 C  CA  . ASP A 1 129 ? -7.519  25.056  11.776  1.00 44.41  ? 158 ASP A CA  1 
ATOM   1071 C  C   . ASP A 1 129 ? -6.786  24.537  13.006  1.00 38.35  ? 158 ASP A C   1 
ATOM   1072 O  O   . ASP A 1 129 ? -5.674  24.028  12.895  1.00 37.03  ? 158 ASP A O   1 
ATOM   1073 C  CB  . ASP A 1 129 ? -7.345  26.576  11.671  1.00 56.68  ? 158 ASP A CB  1 
ATOM   1074 C  CG  . ASP A 1 129 ? -7.835  27.130  10.344  1.00 62.57  ? 158 ASP A CG  1 
ATOM   1075 O  OD1 . ASP A 1 129 ? -7.584  26.493  9.299   1.00 64.48  ? 158 ASP A OD1 1 
ATOM   1076 O  OD2 . ASP A 1 129 ? -8.457  28.212  10.344  1.00 66.26  ? 158 ASP A OD2 1 
ATOM   1077 N  N   . GLU A 1 130 ? -7.406  24.663  14.172  1.00 40.60  ? 159 GLU A N   1 
ATOM   1078 C  CA  . GLU A 1 130 ? -6.790  24.192  15.404  1.00 40.62  ? 159 GLU A CA  1 
ATOM   1079 C  C   . GLU A 1 130 ? -6.646  22.674  15.356  1.00 38.52  ? 159 GLU A C   1 
ATOM   1080 O  O   . GLU A 1 130 ? -5.609  22.130  15.734  1.00 36.36  ? 159 GLU A O   1 
ATOM   1081 C  CB  . GLU A 1 130 ? -7.627  24.607  16.616  1.00 45.46  ? 159 GLU A CB  1 
ATOM   1082 C  CG  . GLU A 1 130 ? -7.716  26.115  16.809  1.00 50.02  ? 159 GLU A CG  1 
ATOM   1083 C  CD  . GLU A 1 130 ? -8.661  26.500  17.926  1.00 52.22  ? 159 GLU A CD  1 
ATOM   1084 O  OE1 . GLU A 1 130 ? -9.829  26.060  17.887  1.00 55.22  ? 159 GLU A OE1 1 
ATOM   1085 O  OE2 . GLU A 1 130 ? -8.244  27.242  18.840  1.00 53.71  ? 159 GLU A OE2 1 
ATOM   1086 N  N   . VAL A 1 131 ? -7.691  21.992  14.888  1.00 34.78  ? 160 VAL A N   1 
ATOM   1087 C  CA  . VAL A 1 131 ? -7.656  20.538  14.779  1.00 32.82  ? 160 VAL A CA  1 
ATOM   1088 C  C   . VAL A 1 131 ? -6.560  20.156  13.786  1.00 30.45  ? 160 VAL A C   1 
ATOM   1089 O  O   . VAL A 1 131 ? -5.742  19.283  14.062  1.00 29.67  ? 160 VAL A O   1 
ATOM   1090 C  CB  . VAL A 1 131 ? -9.014  19.969  14.290  1.00 38.96  ? 160 VAL A CB  1 
ATOM   1091 C  CG1 . VAL A 1 131 ? -8.919  18.445  14.137  1.00 38.61  ? 160 VAL A CG1 1 
ATOM   1092 C  CG2 . VAL A 1 131 ? -10.121 20.338  15.272  1.00 37.44  ? 160 VAL A CG2 1 
ATOM   1093 N  N   . GLU A 1 132 ? -6.551  20.809  12.630  1.00 30.81  ? 161 GLU A N   1 
ATOM   1094 C  CA  . GLU A 1 132 ? -5.535  20.545  11.617  1.00 35.68  ? 161 GLU A CA  1 
ATOM   1095 C  C   . GLU A 1 132 ? -4.132  20.739  12.207  1.00 33.08  ? 161 GLU A C   1 
ATOM   1096 O  O   . GLU A 1 132 ? -3.227  19.942  11.963  1.00 29.80  ? 161 GLU A O   1 
ATOM   1097 C  CB  . GLU A 1 132 ? -5.715  21.485  10.425  1.00 51.66  ? 161 GLU A CB  1 
ATOM   1098 C  CG  . GLU A 1 132 ? -6.867  21.141  9.494   1.00 60.94  ? 161 GLU A CG  1 
ATOM   1099 C  CD  . GLU A 1 132 ? -6.666  19.819  8.770   1.00 64.02  ? 161 GLU A CD  1 
ATOM   1100 O  OE1 . GLU A 1 132 ? -5.554  19.582  8.250   1.00 63.49  ? 161 GLU A OE1 1 
ATOM   1101 O  OE2 . GLU A 1 132 ? -7.627  19.020  8.712   1.00 63.50  ? 161 GLU A OE2 1 
ATOM   1102 N  N   . ALA A 1 133 ? -3.951  21.804  12.983  1.00 31.34  ? 162 ALA A N   1 
ATOM   1103 C  CA  . ALA A 1 133 ? -2.652  22.081  13.590  1.00 32.93  ? 162 ALA A CA  1 
ATOM   1104 C  C   . ALA A 1 133 ? -2.277  21.009  14.602  1.00 30.96  ? 162 ALA A C   1 
ATOM   1105 O  O   . ALA A 1 133 ? -1.136  20.541  14.646  1.00 27.73  ? 162 ALA A O   1 
ATOM   1106 C  CB  . ALA A 1 133 ? -2.673  23.451  14.270  1.00 36.50  ? 162 ALA A CB  1 
ATOM   1107 N  N   . ALA A 1 134 ? -3.256  20.608  15.404  1.00 29.30  ? 163 ALA A N   1 
ATOM   1108 C  CA  . ALA A 1 134 ? -3.033  19.619  16.448  1.00 28.21  ? 163 ALA A CA  1 
ATOM   1109 C  C   . ALA A 1 134 ? -2.480  18.282  15.973  1.00 24.74  ? 163 ALA A C   1 
ATOM   1110 O  O   . ALA A 1 134 ? -1.744  17.629  16.705  1.00 26.07  ? 163 ALA A O   1 
ATOM   1111 C  CB  . ALA A 1 134 ? -4.325  19.397  17.229  1.00 31.52  ? 163 ALA A CB  1 
ATOM   1112 N  N   . ILE A 1 135 ? -2.821  17.872  14.755  1.00 19.73  ? 164 ILE A N   1 
ATOM   1113 C  CA  . ILE A 1 135 ? -2.347  16.591  14.247  1.00 20.88  ? 164 ILE A CA  1 
ATOM   1114 C  C   . ILE A 1 135 ? -1.048  16.697  13.453  1.00 18.62  ? 164 ILE A C   1 
ATOM   1115 O  O   . ILE A 1 135 ? -0.490  15.682  13.038  1.00 18.19  ? 164 ILE A O   1 
ATOM   1116 C  CB  . ILE A 1 135 ? -3.395  15.915  13.337  1.00 24.11  ? 164 ILE A CB  1 
ATOM   1117 C  CG1 . ILE A 1 135 ? -3.595  16.750  12.072  1.00 27.06  ? 164 ILE A CG1 1 
ATOM   1118 C  CG2 . ILE A 1 135 ? -4.715  15.773  14.083  1.00 27.09  ? 164 ILE A CG2 1 
ATOM   1119 C  CD1 . ILE A 1 135 ? -4.413  16.052  10.996  1.00 27.80  ? 164 ILE A CD1 1 
ATOM   1120 N  N   . SER A 1 136 ? -0.585  17.919  13.207  1.00 17.22  ? 165 SER A N   1 
ATOM   1121 C  CA  . SER A 1 136 ? 0.660   18.095  12.459  1.00 19.15  ? 165 SER A CA  1 
ATOM   1122 C  C   . SER A 1 136 ? 1.829   17.675  13.344  1.00 16.88  ? 165 SER A C   1 
ATOM   1123 O  O   . SER A 1 136 ? 1.679   17.523  14.555  1.00 16.03  ? 165 SER A O   1 
ATOM   1124 C  CB  . SER A 1 136 ? 0.829   19.559  12.036  1.00 21.93  ? 165 SER A CB  1 
ATOM   1125 O  OG  . SER A 1 136 ? 0.939   20.410  13.164  1.00 21.39  ? 165 SER A OG  1 
ATOM   1126 N  N   . ASP A 1 137 ? 2.996   17.470  12.751  1.00 19.38  ? 166 ASP A N   1 
ATOM   1127 C  CA  . ASP A 1 137 ? 4.138   17.073  13.556  1.00 20.62  ? 166 ASP A CA  1 
ATOM   1128 C  C   . ASP A 1 137 ? 4.411   18.125  14.644  1.00 18.83  ? 166 ASP A C   1 
ATOM   1129 O  O   . ASP A 1 137 ? 4.459   17.803  15.832  1.00 18.95  ? 166 ASP A O   1 
ATOM   1130 C  CB  . ASP A 1 137 ? 5.361   16.858  12.657  1.00 21.09  ? 166 ASP A CB  1 
ATOM   1131 C  CG  . ASP A 1 137 ? 5.233   15.602  11.787  1.00 20.75  ? 166 ASP A CG  1 
ATOM   1132 O  OD1 . ASP A 1 137 ? 4.937   14.524  12.343  1.00 17.03  ? 166 ASP A OD1 1 
ATOM   1133 O  OD2 . ASP A 1 137 ? 5.430   15.693  10.552  1.00 20.00  ? 166 ASP A OD2 1 
ATOM   1134 N  N   . VAL A 1 138 ? 4.549   19.383  14.244  1.00 23.14  ? 167 VAL A N   1 
ATOM   1135 C  CA  . VAL A 1 138 ? 4.813   20.462  15.196  1.00 27.07  ? 167 VAL A CA  1 
ATOM   1136 C  C   . VAL A 1 138 ? 3.678   20.614  16.204  1.00 27.10  ? 167 VAL A C   1 
ATOM   1137 O  O   . VAL A 1 138 ? 3.915   20.692  17.411  1.00 25.70  ? 167 VAL A O   1 
ATOM   1138 C  CB  . VAL A 1 138 ? 4.997   21.812  14.480  1.00 31.88  ? 167 VAL A CB  1 
ATOM   1139 C  CG1 . VAL A 1 138 ? 5.287   22.902  15.501  1.00 34.85  ? 167 VAL A CG1 1 
ATOM   1140 C  CG2 . VAL A 1 138 ? 6.124   21.718  13.469  1.00 34.84  ? 167 VAL A CG2 1 
ATOM   1141 N  N   . GLY A 1 139 ? 2.444   20.663  15.704  1.00 26.39  ? 168 GLY A N   1 
ATOM   1142 C  CA  . GLY A 1 139 ? 1.297   20.808  16.587  1.00 26.59  ? 168 GLY A CA  1 
ATOM   1143 C  C   . GLY A 1 139 ? 1.241   19.763  17.687  1.00 26.01  ? 168 GLY A C   1 
ATOM   1144 O  O   . GLY A 1 139 ? 0.992   20.082  18.854  1.00 26.40  ? 168 GLY A O   1 
ATOM   1145 N  N   . GLY A 1 140 ? 1.476   18.507  17.321  1.00 29.37  ? 169 GLY A N   1 
ATOM   1146 C  CA  . GLY A 1 140 ? 1.446   17.437  18.304  1.00 29.03  ? 169 GLY A CA  1 
ATOM   1147 C  C   . GLY A 1 140 ? 2.523   17.588  19.365  1.00 29.55  ? 169 GLY A C   1 
ATOM   1148 O  O   . GLY A 1 140 ? 2.263   17.389  20.552  1.00 28.38  ? 169 GLY A O   1 
ATOM   1149 N  N   . GLN A 1 141 ? 3.738   17.925  18.932  1.00 28.96  ? 170 GLN A N   1 
ATOM   1150 C  CA  . GLN A 1 141 ? 4.860   18.115  19.844  1.00 27.65  ? 170 GLN A CA  1 
ATOM   1151 C  C   . GLN A 1 141 ? 4.550   19.263  20.792  1.00 26.45  ? 170 GLN A C   1 
ATOM   1152 O  O   . GLN A 1 141 ? 4.812   19.178  21.987  1.00 25.68  ? 170 GLN A O   1 
ATOM   1153 C  CB  . GLN A 1 141 ? 6.143   18.447  19.069  1.00 28.38  ? 170 GLN A CB  1 
ATOM   1154 C  CG  . GLN A 1 141 ? 6.595   17.357  18.124  1.00 33.05  ? 170 GLN A CG  1 
ATOM   1155 C  CD  . GLN A 1 141 ? 6.819   16.044  18.838  1.00 38.44  ? 170 GLN A CD  1 
ATOM   1156 O  OE1 . GLN A 1 141 ? 7.773   15.891  19.604  1.00 38.79  ? 170 GLN A OE1 1 
ATOM   1157 N  NE2 . GLN A 1 141 ? 5.926   15.084  18.603  1.00 42.52  ? 170 GLN A NE2 1 
ATOM   1158 N  N   . GLN A 1 142 ? 3.991   20.342  20.257  1.00 24.02  ? 171 GLN A N   1 
ATOM   1159 C  CA  . GLN A 1 142 ? 3.676   21.487  21.092  1.00 24.28  ? 171 GLN A CA  1 
ATOM   1160 C  C   . GLN A 1 142 ? 2.668   21.091  22.166  1.00 25.13  ? 171 GLN A C   1 
ATOM   1161 O  O   . GLN A 1 142 ? 2.793   21.485  23.324  1.00 23.86  ? 171 GLN A O   1 
ATOM   1162 C  CB  . GLN A 1 142 ? 3.130   22.625  20.233  1.00 27.17  ? 171 GLN A CB  1 
ATOM   1163 C  CG  . GLN A 1 142 ? 4.108   23.093  19.155  1.00 27.61  ? 171 GLN A CG  1 
ATOM   1164 C  CD  . GLN A 1 142 ? 3.539   24.196  18.288  1.00 28.60  ? 171 GLN A CD  1 
ATOM   1165 O  OE1 . GLN A 1 142 ? 2.355   24.195  17.972  1.00 31.74  ? 171 GLN A OE1 1 
ATOM   1166 N  NE2 . GLN A 1 142 ? 4.386   25.138  17.885  1.00 29.26  ? 171 GLN A NE2 1 
ATOM   1167 N  N   . ILE A 1 143 ? 1.672   20.297  21.784  1.00 28.33  ? 172 ILE A N   1 
ATOM   1168 C  CA  . ILE A 1 143 ? 0.661   19.853  22.735  1.00 27.68  ? 172 ILE A CA  1 
ATOM   1169 C  C   . ILE A 1 143 ? 1.303   18.978  23.800  1.00 30.21  ? 172 ILE A C   1 
ATOM   1170 O  O   . ILE A 1 143 ? 1.095   19.187  24.991  1.00 30.90  ? 172 ILE A O   1 
ATOM   1171 C  CB  . ILE A 1 143 ? -0.472  19.069  22.028  1.00 27.36  ? 172 ILE A CB  1 
ATOM   1172 C  CG1 . ILE A 1 143 ? -1.327  20.036  21.206  1.00 27.40  ? 172 ILE A CG1 1 
ATOM   1173 C  CG2 . ILE A 1 143 ? -1.330  18.348  23.051  1.00 26.03  ? 172 ILE A CG2 1 
ATOM   1174 C  CD1 . ILE A 1 143 ? -2.379  19.360  20.337  1.00 29.50  ? 172 ILE A CD1 1 
ATOM   1175 N  N   . PHE A 1 144 ? 2.099   18.007  23.376  1.00 35.10  ? 173 PHE A N   1 
ATOM   1176 C  CA  . PHE A 1 144 ? 2.757   17.127  24.326  1.00 43.48  ? 173 PHE A CA  1 
ATOM   1177 C  C   . PHE A 1 144 ? 3.614   17.942  25.294  1.00 42.69  ? 173 PHE A C   1 
ATOM   1178 O  O   . PHE A 1 144 ? 3.529   17.768  26.514  1.00 41.74  ? 173 PHE A O   1 
ATOM   1179 C  CB  . PHE A 1 144 ? 3.627   16.105  23.589  1.00 78.66  ? 173 PHE A CB  1 
ATOM   1180 C  CG  . PHE A 1 144 ? 4.456   15.246  24.501  1.00 85.14  ? 173 PHE A CG  1 
ATOM   1181 C  CD1 . PHE A 1 144 ? 3.854   14.473  25.488  1.00 87.86  ? 173 PHE A CD1 1 
ATOM   1182 C  CD2 . PHE A 1 144 ? 5.842   15.219  24.379  1.00 87.53  ? 173 PHE A CD2 1 
ATOM   1183 C  CE1 . PHE A 1 144 ? 4.623   13.682  26.343  1.00 87.97  ? 173 PHE A CE1 1 
ATOM   1184 C  CE2 . PHE A 1 144 ? 6.619   14.433  25.228  1.00 87.63  ? 173 PHE A CE2 1 
ATOM   1185 C  CZ  . PHE A 1 144 ? 6.009   13.664  26.212  1.00 87.56  ? 173 PHE A CZ  1 
ATOM   1186 N  N   . SER A 1 145 ? 4.435   18.834  24.749  1.00 41.92  ? 174 SER A N   1 
ATOM   1187 C  CA  . SER A 1 145 ? 5.300   19.667  25.578  1.00 42.04  ? 174 SER A CA  1 
ATOM   1188 C  C   . SER A 1 145 ? 4.471   20.517  26.522  1.00 43.32  ? 174 SER A C   1 
ATOM   1189 O  O   . SER A 1 145 ? 4.668   20.484  27.731  1.00 45.47  ? 174 SER A O   1 
ATOM   1190 C  CB  . SER A 1 145 ? 6.172   20.572  24.703  1.00 33.96  ? 174 SER A CB  1 
ATOM   1191 O  OG  . SER A 1 145 ? 7.118   19.809  23.978  1.00 32.29  ? 174 SER A OG  1 
ATOM   1192 N  N   . GLN A 1 146 ? 3.539   21.276  25.957  1.00 47.00  ? 175 GLN A N   1 
ATOM   1193 C  CA  . GLN A 1 146 ? 2.667   22.142  26.736  1.00 48.45  ? 175 GLN A CA  1 
ATOM   1194 C  C   . GLN A 1 146 ? 2.052   21.352  27.887  1.00 45.81  ? 175 GLN A C   1 
ATOM   1195 O  O   . GLN A 1 146 ? 1.791   21.894  28.960  1.00 48.12  ? 175 GLN A O   1 
ATOM   1196 C  CB  . GLN A 1 146 ? 1.570   22.708  25.833  1.00 55.74  ? 175 GLN A CB  1 
ATOM   1197 C  CG  . GLN A 1 146 ? 0.774   23.853  26.427  1.00 61.51  ? 175 GLN A CG  1 
ATOM   1198 C  CD  . GLN A 1 146 ? -0.231  24.425  25.443  1.00 65.02  ? 175 GLN A CD  1 
ATOM   1199 O  OE1 . GLN A 1 146 ? 0.119   24.791  24.321  1.00 66.18  ? 175 GLN A OE1 1 
ATOM   1200 N  NE2 . GLN A 1 146 ? -1.488  24.508  25.861  1.00 66.11  ? 175 GLN A NE2 1 
ATOM   1201 N  N   . ALA A 1 147 ? 1.834   20.060  27.663  1.00 41.91  ? 176 ALA A N   1 
ATOM   1202 C  CA  . ALA A 1 147 ? 1.245   19.210  28.684  1.00 40.36  ? 176 ALA A CA  1 
ATOM   1203 C  C   . ALA A 1 147 ? 2.230   18.967  29.815  1.00 44.63  ? 176 ALA A C   1 
ATOM   1204 O  O   . ALA A 1 147 ? 1.839   18.853  30.975  1.00 42.05  ? 176 ALA A O   1 
ATOM   1205 C  CB  . ALA A 1 147 ? 0.814   17.887  28.077  1.00 35.18  ? 176 ALA A CB  1 
ATOM   1206 N  N   . LEU A 1 148 ? 3.512   18.882  29.474  1.00 57.37  ? 177 LEU A N   1 
ATOM   1207 C  CA  . LEU A 1 148 ? 4.549   18.649  30.471  1.00 61.27  ? 177 LEU A CA  1 
ATOM   1208 C  C   . LEU A 1 148 ? 4.691   19.828  31.428  1.00 67.20  ? 177 LEU A C   1 
ATOM   1209 O  O   . LEU A 1 148 ? 5.766   20.067  31.976  1.00 67.32  ? 177 LEU A O   1 
ATOM   1210 C  CB  . LEU A 1 148 ? 5.892   18.375  29.785  1.00 56.62  ? 177 LEU A CB  1 
ATOM   1211 C  CG  . LEU A 1 148 ? 5.942   17.148  28.870  1.00 54.17  ? 177 LEU A CG  1 
ATOM   1212 C  CD1 . LEU A 1 148 ? 7.386   16.817  28.526  1.00 52.00  ? 177 LEU A CD1 1 
ATOM   1213 C  CD2 . LEU A 1 148 ? 5.292   15.963  29.566  1.00 52.33  ? 177 LEU A CD2 1 
ATOM   1214 N  N   . LEU A 1 149 ? 3.600   20.561  31.627  1.00 108.25 ? 178 LEU A N   1 
ATOM   1215 C  CA  . LEU A 1 149 ? 3.605   21.709  32.524  1.00 109.92 ? 178 LEU A CA  1 
ATOM   1216 C  C   . LEU A 1 149 ? 2.471   21.586  33.540  1.00 110.80 ? 178 LEU A C   1 
ATOM   1217 O  O   . LEU A 1 149 ? 2.098   22.621  34.131  1.00 110.76 ? 178 LEU A O   1 
ATOM   1218 C  CB  . LEU A 1 149 ? 3.438   23.000  31.716  1.00 74.83  ? 178 LEU A CB  1 
ATOM   1219 C  CG  . LEU A 1 149 ? 4.437   23.250  30.580  1.00 75.09  ? 178 LEU A CG  1 
ATOM   1220 C  CD1 . LEU A 1 149 ? 4.018   24.478  29.786  1.00 74.61  ? 178 LEU A CD1 1 
ATOM   1221 C  CD2 . LEU A 1 149 ? 5.832   23.436  31.150  1.00 74.81  ? 178 LEU A CD2 1 
ATOM   1222 N  N   . GLU A 1 156 ? -2.572  11.880  32.142  1.00 91.91  ? 185 GLU A N   1 
ATOM   1223 C  CA  . GLU A 1 156 ? -3.415  11.244  31.108  1.00 91.31  ? 185 GLU A CA  1 
ATOM   1224 C  C   . GLU A 1 156 ? -2.811  11.439  29.726  1.00 91.64  ? 185 GLU A C   1 
ATOM   1225 O  O   . GLU A 1 156 ? -3.377  11.010  28.719  1.00 91.56  ? 185 GLU A O   1 
ATOM   1226 C  CB  . GLU A 1 156 ? -4.825  11.833  31.142  1.00 124.40 ? 185 GLU A CB  1 
ATOM   1227 C  CG  . GLU A 1 156 ? -5.552  11.629  32.467  1.00 124.61 ? 185 GLU A CG  1 
ATOM   1228 C  CD  . GLU A 1 156 ? -6.947  12.225  32.460  1.00 125.31 ? 185 GLU A CD  1 
ATOM   1229 O  OE1 . GLU A 1 156 ? -7.354  12.775  31.413  1.00 125.66 ? 185 GLU A OE1 1 
ATOM   1230 O  OE2 . GLU A 1 156 ? -7.632  12.142  33.499  1.00 125.15 ? 185 GLU A OE2 1 
ATOM   1231 N  N   . ALA A 1 157 ? -1.654  12.089  29.679  1.00 96.37  ? 186 ALA A N   1 
ATOM   1232 C  CA  . ALA A 1 157 ? -0.982  12.352  28.412  1.00 95.94  ? 186 ALA A CA  1 
ATOM   1233 C  C   . ALA A 1 157 ? -0.209  11.137  27.915  1.00 96.04  ? 186 ALA A C   1 
ATOM   1234 O  O   . ALA A 1 157 ? 0.193   11.088  26.754  1.00 96.60  ? 186 ALA A O   1 
ATOM   1235 C  CB  . ALA A 1 157 ? -0.046  13.544  28.560  1.00 70.77  ? 186 ALA A CB  1 
ATOM   1236 N  N   . LYS A 1 158 ? -0.001  10.158  28.791  1.00 59.04  ? 187 LYS A N   1 
ATOM   1237 C  CA  . LYS A 1 158 ? 0.718   8.950   28.408  1.00 59.58  ? 187 LYS A CA  1 
ATOM   1238 C  C   . LYS A 1 158 ? -0.098  8.154   27.398  1.00 59.44  ? 187 LYS A C   1 
ATOM   1239 O  O   . LYS A 1 158 ? 0.382   7.841   26.307  1.00 59.06  ? 187 LYS A O   1 
ATOM   1240 C  CB  . LYS A 1 158 ? 0.995   8.076   29.630  1.00 62.70  ? 187 LYS A CB  1 
ATOM   1241 C  CG  . LYS A 1 158 ? 2.032   8.638   30.584  1.00 62.63  ? 187 LYS A CG  1 
ATOM   1242 C  CD  . LYS A 1 158 ? 2.726   7.520   31.355  1.00 62.52  ? 187 LYS A CD  1 
ATOM   1243 C  CE  . LYS A 1 158 ? 3.487   6.606   30.401  1.00 62.38  ? 187 LYS A CE  1 
ATOM   1244 N  NZ  . LYS A 1 158 ? 4.221   5.523   31.096  1.00 62.76  ? 187 LYS A NZ  1 
ATOM   1245 N  N   . THR A 1 159 ? -1.333  7.834   27.770  1.00 70.97  ? 188 THR A N   1 
ATOM   1246 C  CA  . THR A 1 159 ? -2.227  7.078   26.900  1.00 69.86  ? 188 THR A CA  1 
ATOM   1247 C  C   . THR A 1 159 ? -2.438  7.836   25.599  1.00 67.32  ? 188 THR A C   1 
ATOM   1248 O  O   . THR A 1 159 ? -2.417  7.254   24.513  1.00 69.46  ? 188 THR A O   1 
ATOM   1249 C  CB  . THR A 1 159 ? -3.603  6.864   27.565  1.00 81.46  ? 188 THR A CB  1 
ATOM   1250 O  OG1 . THR A 1 159 ? -3.427  6.235   28.841  1.00 81.52  ? 188 THR A OG1 1 
ATOM   1251 C  CG2 . THR A 1 159 ? -4.486  5.982   26.691  1.00 81.43  ? 188 THR A CG2 1 
ATOM   1252 N  N   . ALA A 1 160 ? -2.637  9.144   25.719  1.00 59.28  ? 189 ALA A N   1 
ATOM   1253 C  CA  . ALA A 1 160 ? -2.855  9.984   24.550  1.00 53.17  ? 189 ALA A CA  1 
ATOM   1254 C  C   . ALA A 1 160 ? -1.626  9.976   23.644  1.00 46.75  ? 189 ALA A C   1 
ATOM   1255 O  O   . ALA A 1 160 ? -1.743  9.825   22.428  1.00 44.79  ? 189 ALA A O   1 
ATOM   1256 C  CB  . ALA A 1 160 ? -3.179  11.411  24.985  1.00 65.53  ? 189 ALA A CB  1 
ATOM   1257 N  N   . LEU A 1 161 ? -0.452  10.129  24.245  1.00 39.20  ? 190 LEU A N   1 
ATOM   1258 C  CA  . LEU A 1 161 ? 0.791   10.150  23.486  1.00 37.87  ? 190 LEU A CA  1 
ATOM   1259 C  C   . LEU A 1 161 ? 1.094   8.780   22.871  1.00 34.93  ? 190 LEU A C   1 
ATOM   1260 O  O   . LEU A 1 161 ? 1.548   8.695   21.730  1.00 30.72  ? 190 LEU A O   1 
ATOM   1261 C  CB  . LEU A 1 161 ? 1.937   10.627  24.387  1.00 43.49  ? 190 LEU A CB  1 
ATOM   1262 C  CG  . LEU A 1 161 ? 3.349   10.841  23.822  1.00 47.41  ? 190 LEU A CG  1 
ATOM   1263 C  CD1 . LEU A 1 161 ? 4.089   9.527   23.831  1.00 49.58  ? 190 LEU A CD1 1 
ATOM   1264 C  CD2 . LEU A 1 161 ? 3.293   11.443  22.423  1.00 48.55  ? 190 LEU A CD2 1 
ATOM   1265 N  N   . ALA A 1 162 ? 0.827   7.709   23.616  1.00 39.84  ? 191 ALA A N   1 
ATOM   1266 C  CA  . ALA A 1 162 ? 1.064   6.358   23.112  1.00 41.78  ? 191 ALA A CA  1 
ATOM   1267 C  C   . ALA A 1 162 ? 0.166   6.112   21.903  1.00 42.73  ? 191 ALA A C   1 
ATOM   1268 O  O   . ALA A 1 162 ? 0.613   5.612   20.865  1.00 41.88  ? 191 ALA A O   1 
ATOM   1269 C  CB  . ALA A 1 162 ? 0.772   5.332   24.194  1.00 41.22  ? 191 ALA A CB  1 
ATOM   1270 N  N   . GLU A 1 163 ? -1.107  6.465   22.044  1.00 35.86  ? 192 GLU A N   1 
ATOM   1271 C  CA  . GLU A 1 163 ? -2.051  6.297   20.951  1.00 35.03  ? 192 GLU A CA  1 
ATOM   1272 C  C   . GLU A 1 163 ? -1.556  7.094   19.748  1.00 31.04  ? 192 GLU A C   1 
ATOM   1273 O  O   . GLU A 1 163 ? -1.512  6.580   18.636  1.00 30.70  ? 192 GLU A O   1 
ATOM   1274 C  CB  . GLU A 1 163 ? -3.450  6.778   21.367  1.00 39.71  ? 192 GLU A CB  1 
ATOM   1275 C  CG  . GLU A 1 163 ? -4.441  6.921   20.209  1.00 46.89  ? 192 GLU A CG  1 
ATOM   1276 C  CD  . GLU A 1 163 ? -5.863  7.209   20.674  1.00 51.52  ? 192 GLU A CD  1 
ATOM   1277 O  OE1 . GLU A 1 163 ? -6.659  7.733   19.866  1.00 54.13  ? 192 GLU A OE1 1 
ATOM   1278 O  OE2 . GLU A 1 163 ? -6.188  6.904   21.842  1.00 53.99  ? 192 GLU A OE2 1 
ATOM   1279 N  N   . VAL A 1 164 ? -1.174  8.346   19.971  1.00 31.23  ? 193 VAL A N   1 
ATOM   1280 C  CA  . VAL A 1 164 ? -0.687  9.181   18.877  1.00 29.09  ? 193 VAL A CA  1 
ATOM   1281 C  C   . VAL A 1 164 ? 0.505   8.545   18.157  1.00 28.15  ? 193 VAL A C   1 
ATOM   1282 O  O   . VAL A 1 164 ? 0.504   8.431   16.931  1.00 25.10  ? 193 VAL A O   1 
ATOM   1283 C  CB  . VAL A 1 164 ? -0.281  10.581  19.382  1.00 30.67  ? 193 VAL A CB  1 
ATOM   1284 C  CG1 . VAL A 1 164 ? 0.447   11.347  18.283  1.00 28.70  ? 193 VAL A CG1 1 
ATOM   1285 C  CG2 . VAL A 1 164 ? -1.518  11.347  19.807  1.00 32.47  ? 193 VAL A CG2 1 
ATOM   1286 N  N   . GLN A 1 165 ? 1.510   8.125   18.923  1.00 27.99  ? 194 GLN A N   1 
ATOM   1287 C  CA  . GLN A 1 165 ? 2.706   7.510   18.352  1.00 30.26  ? 194 GLN A CA  1 
ATOM   1288 C  C   . GLN A 1 165 ? 2.366   6.274   17.522  1.00 28.27  ? 194 GLN A C   1 
ATOM   1289 O  O   . GLN A 1 165 ? 2.871   6.104   16.408  1.00 27.86  ? 194 GLN A O   1 
ATOM   1290 C  CB  . GLN A 1 165 ? 3.687   7.122   19.464  1.00 36.03  ? 194 GLN A CB  1 
ATOM   1291 C  CG  . GLN A 1 165 ? 4.089   8.273   20.362  1.00 45.54  ? 194 GLN A CG  1 
ATOM   1292 C  CD  . GLN A 1 165 ? 5.102   7.878   21.428  1.00 49.91  ? 194 GLN A CD  1 
ATOM   1293 O  OE1 . GLN A 1 165 ? 4.902   6.913   22.169  1.00 53.52  ? 194 GLN A OE1 1 
ATOM   1294 N  NE2 . GLN A 1 165 ? 6.192   8.637   21.517  1.00 51.54  ? 194 GLN A NE2 1 
ATOM   1295 N  N   . ALA A 1 166 ? 1.521   5.406   18.069  1.00 23.83  ? 195 ALA A N   1 
ATOM   1296 C  CA  . ALA A 1 166 ? 1.127   4.191   17.363  1.00 21.91  ? 195 ALA A CA  1 
ATOM   1297 C  C   . ALA A 1 166 ? 0.490   4.555   16.032  1.00 19.80  ? 195 ALA A C   1 
ATOM   1298 O  O   . ALA A 1 166 ? 0.788   3.955   15.006  1.00 19.63  ? 195 ALA A O   1 
ATOM   1299 C  CB  . ALA A 1 166 ? 0.143   3.394   18.205  1.00 26.05  ? 195 ALA A CB  1 
ATOM   1300 N  N   . ARG A 1 167 ? -0.402  5.537   16.051  1.00 20.06  ? 196 ARG A N   1 
ATOM   1301 C  CA  . ARG A 1 167 ? -1.066  5.958   14.822  1.00 22.42  ? 196 ARG A CA  1 
ATOM   1302 C  C   . ARG A 1 167 ? -0.045  6.572   13.858  1.00 21.81  ? 196 ARG A C   1 
ATOM   1303 O  O   . ARG A 1 167 ? -0.059  6.297   12.658  1.00 20.25  ? 196 ARG A O   1 
ATOM   1304 C  CB  . ARG A 1 167 ? -2.173  6.974   15.141  1.00 23.49  ? 196 ARG A CB  1 
ATOM   1305 C  CG  . ARG A 1 167 ? -2.979  7.418   13.920  1.00 27.05  ? 196 ARG A CG  1 
ATOM   1306 C  CD  . ARG A 1 167 ? -4.169  8.286   14.306  1.00 27.85  ? 196 ARG A CD  1 
ATOM   1307 N  NE  . ARG A 1 167 ? -5.107  7.578   15.177  1.00 32.44  ? 196 ARG A NE  1 
ATOM   1308 C  CZ  . ARG A 1 167 ? -5.349  7.912   16.443  1.00 34.66  ? 196 ARG A CZ  1 
ATOM   1309 N  NH1 . ARG A 1 167 ? -4.726  8.949   16.994  1.00 33.63  ? 196 ARG A NH1 1 
ATOM   1310 N  NH2 . ARG A 1 167 ? -6.209  7.204   17.159  1.00 36.28  ? 196 ARG A NH2 1 
ATOM   1311 N  N   . HIS A 1 168 ? 0.852   7.394   14.391  1.00 27.83  ? 197 HIS A N   1 
ATOM   1312 C  CA  . HIS A 1 168 ? 1.860   8.042   13.562  1.00 27.22  ? 197 HIS A CA  1 
ATOM   1313 C  C   . HIS A 1 168 ? 2.715   6.991   12.868  1.00 27.87  ? 197 HIS A C   1 
ATOM   1314 O  O   . HIS A 1 168 ? 3.030   7.121   11.687  1.00 29.56  ? 197 HIS A O   1 
ATOM   1315 C  CB  . HIS A 1 168 ? 2.734   8.967   14.417  1.00 22.14  ? 197 HIS A CB  1 
ATOM   1316 C  CG  . HIS A 1 168 ? 3.661   9.835   13.618  1.00 21.19  ? 197 HIS A CG  1 
ATOM   1317 N  ND1 . HIS A 1 168 ? 4.978   9.505   13.393  1.00 17.96  ? 197 HIS A ND1 1 
ATOM   1318 C  CD2 . HIS A 1 168 ? 3.452   11.012  12.980  1.00 18.34  ? 197 HIS A CD2 1 
ATOM   1319 C  CE1 . HIS A 1 168 ? 5.546   10.442  12.650  1.00 19.86  ? 197 HIS A CE1 1 
ATOM   1320 N  NE2 . HIS A 1 168 ? 4.640   11.369  12.386  1.00 20.72  ? 197 HIS A NE2 1 
ATOM   1321 N  N   . GLN A 1 169 ? 3.077   5.937   13.592  1.00 24.62  ? 198 GLN A N   1 
ATOM   1322 C  CA  . GLN A 1 169 ? 3.896   4.882   13.004  1.00 25.74  ? 198 GLN A CA  1 
ATOM   1323 C  C   . GLN A 1 169 ? 3.144   4.197   11.868  1.00 24.21  ? 198 GLN A C   1 
ATOM   1324 O  O   . GLN A 1 169 ? 3.703   3.942   10.804  1.00 18.78  ? 198 GLN A O   1 
ATOM   1325 C  CB  . GLN A 1 169 ? 4.281   3.851   14.063  1.00 42.71  ? 198 GLN A CB  1 
ATOM   1326 C  CG  . GLN A 1 169 ? 5.092   2.681   13.520  1.00 58.35  ? 198 GLN A CG  1 
ATOM   1327 C  CD  . GLN A 1 169 ? 6.441   3.094   12.943  1.00 65.20  ? 198 GLN A CD  1 
ATOM   1328 O  OE1 . GLN A 1 169 ? 7.163   2.268   12.377  1.00 68.48  ? 198 GLN A OE1 1 
ATOM   1329 N  NE2 . GLN A 1 169 ? 6.788   4.370   13.084  1.00 68.15  ? 198 GLN A NE2 1 
ATOM   1330 N  N   . GLU A 1 170 ? 1.867   3.899   12.091  1.00 28.27  ? 199 GLU A N   1 
ATOM   1331 C  CA  . GLU A 1 170 ? 1.072   3.258   11.052  1.00 30.86  ? 199 GLU A CA  1 
ATOM   1332 C  C   . GLU A 1 170 ? 1.050   4.134   9.802   1.00 30.21  ? 199 GLU A C   1 
ATOM   1333 O  O   . GLU A 1 170 ? 1.195   3.636   8.685   1.00 27.30  ? 199 GLU A O   1 
ATOM   1334 C  CB  . GLU A 1 170 ? -0.361  3.008   11.541  1.00 36.63  ? 199 GLU A CB  1 
ATOM   1335 C  CG  . GLU A 1 170 ? -0.468  1.886   12.561  1.00 45.62  ? 199 GLU A CG  1 
ATOM   1336 C  CD  . GLU A 1 170 ? 0.126   0.583   12.051  1.00 51.06  ? 199 GLU A CD  1 
ATOM   1337 O  OE1 . GLU A 1 170 ? -0.393  0.033   11.051  1.00 52.77  ? 199 GLU A OE1 1 
ATOM   1338 O  OE2 . GLU A 1 170 ? 1.120   0.108   12.643  1.00 52.48  ? 199 GLU A OE2 1 
ATOM   1339 N  N   . LEU A 1 171 ? 0.872   5.438   10.005  1.00 28.81  ? 200 LEU A N   1 
ATOM   1340 C  CA  . LEU A 1 171 ? 0.823   6.396   8.907   1.00 28.01  ? 200 LEU A CA  1 
ATOM   1341 C  C   . LEU A 1 171 ? 2.119   6.374   8.102   1.00 27.73  ? 200 LEU A C   1 
ATOM   1342 O  O   . LEU A 1 171 ? 2.092   6.308   6.873   1.00 27.09  ? 200 LEU A O   1 
ATOM   1343 C  CB  . LEU A 1 171 ? 0.580   7.810   9.444   1.00 28.60  ? 200 LEU A CB  1 
ATOM   1344 C  CG  . LEU A 1 171 ? -0.403  8.697   8.671   1.00 30.42  ? 200 LEU A CG  1 
ATOM   1345 C  CD1 . LEU A 1 171 ? -0.278  10.146  9.163   1.00 27.20  ? 200 LEU A CD1 1 
ATOM   1346 C  CD2 . LEU A 1 171 ? -0.132  8.617   7.177   1.00 29.77  ? 200 LEU A CD2 1 
ATOM   1347 N  N   . LEU A 1 172 ? 3.258   6.442   8.785   1.00 24.10  ? 201 LEU A N   1 
ATOM   1348 C  CA  . LEU A 1 172 ? 4.528   6.419   8.072   1.00 23.84  ? 201 LEU A CA  1 
ATOM   1349 C  C   . LEU A 1 172 ? 4.654   5.132   7.253   1.00 22.98  ? 201 LEU A C   1 
ATOM   1350 O  O   . LEU A 1 172 ? 5.215   5.148   6.162   1.00 22.31  ? 201 LEU A O   1 
ATOM   1351 C  CB  . LEU A 1 172 ? 5.710   6.533   9.041   1.00 25.10  ? 201 LEU A CB  1 
ATOM   1352 C  CG  . LEU A 1 172 ? 5.836   7.811   9.881   1.00 27.19  ? 201 LEU A CG  1 
ATOM   1353 C  CD1 . LEU A 1 172 ? 7.115   7.726   10.715  1.00 25.13  ? 201 LEU A CD1 1 
ATOM   1354 C  CD2 . LEU A 1 172 ? 5.862   9.051   8.980   1.00 22.17  ? 201 LEU A CD2 1 
ATOM   1355 N  N   . LYS A 1 173 ? 4.141   4.017   7.775   1.00 25.14  ? 202 LYS A N   1 
ATOM   1356 C  CA  . LYS A 1 173 ? 4.216   2.758   7.034   1.00 27.84  ? 202 LYS A CA  1 
ATOM   1357 C  C   . LYS A 1 173 ? 3.452   2.884   5.721   1.00 27.03  ? 202 LYS A C   1 
ATOM   1358 O  O   . LYS A 1 173 ? 3.935   2.473   4.669   1.00 24.78  ? 202 LYS A O   1 
ATOM   1359 C  CB  . LYS A 1 173 ? 3.615   1.606   7.838   1.00 36.46  ? 202 LYS A CB  1 
ATOM   1360 C  CG  . LYS A 1 173 ? 4.452   1.118   9.005   1.00 44.18  ? 202 LYS A CG  1 
ATOM   1361 C  CD  . LYS A 1 173 ? 3.757   -0.060  9.671   1.00 48.64  ? 202 LYS A CD  1 
ATOM   1362 C  CE  . LYS A 1 173 ? 4.523   -0.579  10.871  1.00 52.18  ? 202 LYS A CE  1 
ATOM   1363 N  NZ  . LYS A 1 173 ? 3.815   -1.741  11.478  1.00 54.28  ? 202 LYS A NZ  1 
ATOM   1364 N  N   . LEU A 1 174 ? 2.248   3.447   5.795   1.00 30.72  ? 203 LEU A N   1 
ATOM   1365 C  CA  . LEU A 1 174 ? 1.416   3.634   4.614   1.00 29.73  ? 203 LEU A CA  1 
ATOM   1366 C  C   . LEU A 1 174 ? 2.101   4.548   3.619   1.00 29.91  ? 203 LEU A C   1 
ATOM   1367 O  O   . LEU A 1 174 ? 2.119   4.278   2.417   1.00 31.27  ? 203 LEU A O   1 
ATOM   1368 C  CB  . LEU A 1 174 ? 0.068   4.248   4.999   1.00 26.67  ? 203 LEU A CB  1 
ATOM   1369 C  CG  . LEU A 1 174 ? -0.979  3.338   5.636   1.00 26.97  ? 203 LEU A CG  1 
ATOM   1370 C  CD1 . LEU A 1 174 ? -2.197  4.165   6.040   1.00 25.63  ? 203 LEU A CD1 1 
ATOM   1371 C  CD2 . LEU A 1 174 ? -1.367  2.237   4.642   1.00 26.08  ? 203 LEU A CD2 1 
ATOM   1372 N  N   . GLU A 1 175 ? 2.663   5.642   4.126   1.00 24.21  ? 204 GLU A N   1 
ATOM   1373 C  CA  . GLU A 1 175 ? 3.339   6.600   3.264   1.00 25.07  ? 204 GLU A CA  1 
ATOM   1374 C  C   . GLU A 1 175 ? 4.468   5.902   2.524   1.00 21.62  ? 204 GLU A C   1 
ATOM   1375 O  O   . GLU A 1 175 ? 4.727   6.180   1.357   1.00 21.94  ? 204 GLU A O   1 
ATOM   1376 C  CB  . GLU A 1 175 ? 3.887   7.763   4.098   1.00 30.37  ? 204 GLU A CB  1 
ATOM   1377 C  CG  . GLU A 1 175 ? 3.668   9.130   3.475   1.00 39.70  ? 204 GLU A CG  1 
ATOM   1378 C  CD  . GLU A 1 175 ? 2.222   9.364   3.066   1.00 41.41  ? 204 GLU A CD  1 
ATOM   1379 O  OE1 . GLU A 1 175 ? 1.777   8.738   2.082   1.00 45.76  ? 204 GLU A OE1 1 
ATOM   1380 O  OE2 . GLU A 1 175 ? 1.527   10.164  3.731   1.00 41.35  ? 204 GLU A OE2 1 
ATOM   1381 N  N   . LYS A 1 176 ? 5.130   4.984   3.215   1.00 23.08  ? 205 LYS A N   1 
ATOM   1382 C  CA  . LYS A 1 176 ? 6.236   4.238   2.638   1.00 27.58  ? 205 LYS A CA  1 
ATOM   1383 C  C   . LYS A 1 176 ? 5.744   3.319   1.520   1.00 26.29  ? 205 LYS A C   1 
ATOM   1384 O  O   . LYS A 1 176 ? 6.296   3.308   0.419   1.00 24.31  ? 205 LYS A O   1 
ATOM   1385 C  CB  . LYS A 1 176 ? 6.921   3.408   3.722   1.00 31.77  ? 205 LYS A CB  1 
ATOM   1386 C  CG  . LYS A 1 176 ? 8.187   2.706   3.264   1.00 41.06  ? 205 LYS A CG  1 
ATOM   1387 C  CD  . LYS A 1 176 ? 9.255   3.711   2.829   1.00 47.25  ? 205 LYS A CD  1 
ATOM   1388 C  CE  . LYS A 1 176 ? 9.661   4.638   3.975   1.00 50.64  ? 205 LYS A CE  1 
ATOM   1389 N  NZ  . LYS A 1 176 ? 10.571  5.737   3.526   1.00 53.42  ? 205 LYS A NZ  1 
ATOM   1390 N  N   . SER A 1 177 ? 4.703   2.545   1.798   1.00 23.86  ? 206 SER A N   1 
ATOM   1391 C  CA  . SER A 1 177 ? 4.179   1.638   0.785   1.00 26.11  ? 206 SER A CA  1 
ATOM   1392 C  C   . SER A 1 177 ? 3.681   2.419   -0.416  1.00 25.40  ? 206 SER A C   1 
ATOM   1393 O  O   . SER A 1 177 ? 3.964   2.063   -1.558  1.00 26.97  ? 206 SER A O   1 
ATOM   1394 C  CB  . SER A 1 177 ? 3.041   0.788   1.353   1.00 25.52  ? 206 SER A CB  1 
ATOM   1395 O  OG  . SER A 1 177 ? 3.549   -0.147  2.286   1.00 31.22  ? 206 SER A OG  1 
ATOM   1396 N  N   . MET A 1 178 ? 2.934   3.482   -0.151  1.00 25.72  ? 207 MET A N   1 
ATOM   1397 C  CA  . MET A 1 178 ? 2.391   4.304   -1.220  1.00 27.31  ? 207 MET A CA  1 
ATOM   1398 C  C   . MET A 1 178 ? 3.502   4.891   -2.087  1.00 25.75  ? 207 MET A C   1 
ATOM   1399 O  O   . MET A 1 178 ? 3.367   4.964   -3.304  1.00 25.58  ? 207 MET A O   1 
ATOM   1400 C  CB  . MET A 1 178 ? 1.504   5.406   -0.630  1.00 30.10  ? 207 MET A CB  1 
ATOM   1401 C  CG  . MET A 1 178 ? 0.228   4.847   0.009   1.00 33.25  ? 207 MET A CG  1 
ATOM   1402 S  SD  . MET A 1 178 ? -0.909  6.085   0.671   1.00 36.76  ? 207 MET A SD  1 
ATOM   1403 C  CE  . MET A 1 178 ? -1.762  6.572   -0.829  1.00 39.99  ? 207 MET A CE  1 
ATOM   1404 N  N   . ALA A 1 179 ? 4.607   5.294   -1.467  1.00 26.76  ? 208 ALA A N   1 
ATOM   1405 C  CA  . ALA A 1 179 ? 5.724   5.843   -2.226  1.00 24.45  ? 208 ALA A CA  1 
ATOM   1406 C  C   . ALA A 1 179 ? 6.308   4.725   -3.091  1.00 23.95  ? 208 ALA A C   1 
ATOM   1407 O  O   . ALA A 1 179 ? 6.763   4.963   -4.216  1.00 23.99  ? 208 ALA A O   1 
ATOM   1408 C  CB  . ALA A 1 179 ? 6.787   6.391   -1.284  1.00 20.47  ? 208 ALA A CB  1 
ATOM   1409 N  N   . GLU A 1 180 ? 6.286   3.502   -2.571  1.00 20.54  ? 209 GLU A N   1 
ATOM   1410 C  CA  . GLU A 1 180 ? 6.815   2.373   -3.327  1.00 21.49  ? 209 GLU A CA  1 
ATOM   1411 C  C   . GLU A 1 180 ? 5.887   2.063   -4.499  1.00 17.02  ? 209 GLU A C   1 
ATOM   1412 O  O   . GLU A 1 180 ? 6.344   1.810   -5.606  1.00 17.48  ? 209 GLU A O   1 
ATOM   1413 C  CB  . GLU A 1 180 ? 6.971   1.143   -2.428  1.00 29.16  ? 209 GLU A CB  1 
ATOM   1414 C  CG  . GLU A 1 180 ? 7.729   1.424   -1.144  1.00 39.35  ? 209 GLU A CG  1 
ATOM   1415 C  CD  . GLU A 1 180 ? 7.934   0.184   -0.291  1.00 45.93  ? 209 GLU A CD  1 
ATOM   1416 O  OE1 . GLU A 1 180 ? 7.009   -0.657  -0.221  1.00 48.26  ? 209 GLU A OE1 1 
ATOM   1417 O  OE2 . GLU A 1 180 ? 9.018   0.060   0.322   1.00 48.05  ? 209 GLU A OE2 1 
ATOM   1418 N  N   . LEU A 1 181 ? 4.582   2.110   -4.268  1.00 19.39  ? 210 LEU A N   1 
ATOM   1419 C  CA  . LEU A 1 181 ? 3.635   1.834   -5.340  1.00 19.68  ? 210 LEU A CA  1 
ATOM   1420 C  C   . LEU A 1 181 ? 3.738   2.869   -6.448  1.00 21.15  ? 210 LEU A C   1 
ATOM   1421 O  O   . LEU A 1 181 ? 3.661   2.538   -7.631  1.00 22.78  ? 210 LEU A O   1 
ATOM   1422 C  CB  . LEU A 1 181 ? 2.212   1.789   -4.785  1.00 17.95  ? 210 LEU A CB  1 
ATOM   1423 C  CG  . LEU A 1 181 ? 1.965   0.568   -3.894  1.00 16.79  ? 210 LEU A CG  1 
ATOM   1424 C  CD1 . LEU A 1 181 ? 0.644   0.715   -3.135  1.00 15.54  ? 210 LEU A CD1 1 
ATOM   1425 C  CD2 . LEU A 1 181 ? 1.967   -0.687  -4.761  1.00 15.24  ? 210 LEU A CD2 1 
ATOM   1426 N  N   . THR A 1 182 ? 3.923   4.130   -6.079  1.00 22.99  ? 211 THR A N   1 
ATOM   1427 C  CA  . THR A 1 182 ? 4.046   5.169   -7.092  1.00 22.00  ? 211 THR A CA  1 
ATOM   1428 C  C   . THR A 1 182 ? 5.310   4.951   -7.915  1.00 22.28  ? 211 THR A C   1 
ATOM   1429 O  O   . THR A 1 182 ? 5.292   5.105   -9.133  1.00 25.88  ? 211 THR A O   1 
ATOM   1430 C  CB  . THR A 1 182 ? 4.092   6.576   -6.460  1.00 23.20  ? 211 THR A CB  1 
ATOM   1431 O  OG1 . THR A 1 182 ? 2.793   6.910   -5.962  1.00 20.79  ? 211 THR A OG1 1 
ATOM   1432 C  CG2 . THR A 1 182 ? 4.528   7.620   -7.491  1.00 22.70  ? 211 THR A CG2 1 
ATOM   1433 N  N   . GLN A 1 183 ? 6.406   4.593   -7.251  1.00 19.64  ? 212 GLN A N   1 
ATOM   1434 C  CA  . GLN A 1 183 ? 7.665   4.353   -7.949  1.00 19.21  ? 212 GLN A CA  1 
ATOM   1435 C  C   . GLN A 1 183 ? 7.504   3.163   -8.890  1.00 19.78  ? 212 GLN A C   1 
ATOM   1436 O  O   . GLN A 1 183 ? 7.985   3.186   -10.032 1.00 19.05  ? 212 GLN A O   1 
ATOM   1437 C  CB  . GLN A 1 183 ? 8.785   4.054   -6.954  1.00 21.27  ? 212 GLN A CB  1 
ATOM   1438 C  CG  . GLN A 1 183 ? 10.147  3.847   -7.611  1.00 26.49  ? 212 GLN A CG  1 
ATOM   1439 C  CD  . GLN A 1 183 ? 11.273  3.764   -6.598  1.00 31.05  ? 212 GLN A CD  1 
ATOM   1440 O  OE1 . GLN A 1 183 ? 11.475  4.683   -5.808  1.00 35.79  ? 212 GLN A OE1 1 
ATOM   1441 N  NE2 . GLN A 1 183 ? 12.012  2.662   -6.619  1.00 33.96  ? 212 GLN A NE2 1 
ATOM   1442 N  N   . LEU A 1 184 ? 6.832   2.125   -8.391  1.00 21.03  ? 213 LEU A N   1 
ATOM   1443 C  CA  . LEU A 1 184 ? 6.587   0.908   -9.160  1.00 22.93  ? 213 LEU A CA  1 
ATOM   1444 C  C   . LEU A 1 184 ? 5.687   1.203   -10.360 1.00 24.07  ? 213 LEU A C   1 
ATOM   1445 O  O   . LEU A 1 184 ? 5.962   0.774   -11.483 1.00 23.75  ? 213 LEU A O   1 
ATOM   1446 C  CB  . LEU A 1 184 ? 5.920   -0.150  -8.272  1.00 23.96  ? 213 LEU A CB  1 
ATOM   1447 C  CG  . LEU A 1 184 ? 5.394   -1.393  -8.994  1.00 26.19  ? 213 LEU A CG  1 
ATOM   1448 C  CD1 . LEU A 1 184 ? 6.564   -2.216  -9.511  1.00 25.34  ? 213 LEU A CD1 1 
ATOM   1449 C  CD2 . LEU A 1 184 ? 4.531   -2.218  -8.028  1.00 26.20  ? 213 LEU A CD2 1 
ATOM   1450 N  N   . PHE A 1 185 ? 4.601   1.924   -10.111 1.00 25.04  ? 214 PHE A N   1 
ATOM   1451 C  CA  . PHE A 1 185 ? 3.685   2.279   -11.181 1.00 27.70  ? 214 PHE A CA  1 
ATOM   1452 C  C   . PHE A 1 185 ? 4.482   2.979   -12.285 1.00 28.73  ? 214 PHE A C   1 
ATOM   1453 O  O   . PHE A 1 185 ? 4.425   2.586   -13.450 1.00 27.48  ? 214 PHE A O   1 
ATOM   1454 C  CB  . PHE A 1 185 ? 2.595   3.217   -10.660 1.00 30.02  ? 214 PHE A CB  1 
ATOM   1455 C  CG  . PHE A 1 185 ? 1.531   3.522   -11.668 1.00 32.81  ? 214 PHE A CG  1 
ATOM   1456 C  CD1 . PHE A 1 185 ? 0.487   2.636   -11.883 1.00 34.65  ? 214 PHE A CD1 1 
ATOM   1457 C  CD2 . PHE A 1 185 ? 1.594   4.681   -12.436 1.00 35.83  ? 214 PHE A CD2 1 
ATOM   1458 C  CE1 . PHE A 1 185 ? -0.479  2.894   -12.851 1.00 35.43  ? 214 PHE A CE1 1 
ATOM   1459 C  CE2 . PHE A 1 185 ? 0.632   4.948   -13.409 1.00 35.34  ? 214 PHE A CE2 1 
ATOM   1460 C  CZ  . PHE A 1 185 ? -0.403  4.053   -13.615 1.00 34.64  ? 214 PHE A CZ  1 
ATOM   1461 N  N   . ASN A 1 186 ? 5.232   4.013   -11.919 1.00 29.15  ? 215 ASN A N   1 
ATOM   1462 C  CA  . ASN A 1 186 ? 6.028   4.733   -12.903 1.00 31.38  ? 215 ASN A CA  1 
ATOM   1463 C  C   . ASN A 1 186 ? 7.030   3.803   -13.574 1.00 30.37  ? 215 ASN A C   1 
ATOM   1464 O  O   . ASN A 1 186 ? 7.319   3.947   -14.764 1.00 29.76  ? 215 ASN A O   1 
ATOM   1465 C  CB  . ASN A 1 186 ? 6.765   5.910   -12.258 1.00 38.18  ? 215 ASN A CB  1 
ATOM   1466 C  CG  . ASN A 1 186 ? 5.816   6.954   -11.711 1.00 43.18  ? 215 ASN A CG  1 
ATOM   1467 O  OD1 . ASN A 1 186 ? 4.794   7.263   -12.330 1.00 46.03  ? 215 ASN A OD1 1 
ATOM   1468 N  ND2 . ASN A 1 186 ? 6.150   7.513   -10.553 1.00 45.81  ? 215 ASN A ND2 1 
ATOM   1469 N  N   . ASP A 1 187 ? 7.570   2.851   -12.813 1.00 28.12  ? 216 ASP A N   1 
ATOM   1470 C  CA  . ASP A 1 187 ? 8.520   1.908   -13.382 1.00 28.39  ? 216 ASP A CA  1 
ATOM   1471 C  C   . ASP A 1 187 ? 7.854   1.090   -14.490 1.00 26.40  ? 216 ASP A C   1 
ATOM   1472 O  O   . ASP A 1 187 ? 8.443   0.860   -15.547 1.00 25.07  ? 216 ASP A O   1 
ATOM   1473 C  CB  . ASP A 1 187 ? 9.043   0.943   -12.316 1.00 37.37  ? 216 ASP A CB  1 
ATOM   1474 C  CG  . ASP A 1 187 ? 10.187  1.516   -11.507 1.00 40.16  ? 216 ASP A CG  1 
ATOM   1475 O  OD1 . ASP A 1 187 ? 10.706  2.593   -11.870 1.00 39.58  ? 216 ASP A OD1 1 
ATOM   1476 O  OD2 . ASP A 1 187 ? 10.574  0.873   -10.510 1.00 40.87  ? 216 ASP A OD2 1 
ATOM   1477 N  N   . MET A 1 188 ? 6.627   0.646   -14.243 1.00 27.60  ? 217 MET A N   1 
ATOM   1478 C  CA  . MET A 1 188 ? 5.917   -0.172  -15.221 1.00 29.16  ? 217 MET A CA  1 
ATOM   1479 C  C   . MET A 1 188 ? 5.452   0.619   -16.436 1.00 31.92  ? 217 MET A C   1 
ATOM   1480 O  O   . MET A 1 188 ? 5.263   0.049   -17.510 1.00 31.40  ? 217 MET A O   1 
ATOM   1481 C  CB  . MET A 1 188 ? 4.728   -0.876  -14.566 1.00 25.08  ? 217 MET A CB  1 
ATOM   1482 C  CG  . MET A 1 188 ? 5.117   -1.833  -13.434 1.00 24.16  ? 217 MET A CG  1 
ATOM   1483 S  SD  . MET A 1 188 ? 6.525   -2.912  -13.834 1.00 23.46  ? 217 MET A SD  1 
ATOM   1484 C  CE  . MET A 1 188 ? 5.885   -3.773  -15.254 1.00 20.62  ? 217 MET A CE  1 
ATOM   1485 N  N   . GLU A 1 189 ? 5.267   1.927   -16.266 1.00 33.78  ? 218 GLU A N   1 
ATOM   1486 C  CA  . GLU A 1 189 ? 4.842   2.806   -17.360 1.00 36.43  ? 218 GLU A CA  1 
ATOM   1487 C  C   . GLU A 1 189 ? 6.006   3.047   -18.323 1.00 33.95  ? 218 GLU A C   1 
ATOM   1488 O  O   . GLU A 1 189 ? 5.798   3.383   -19.485 1.00 35.52  ? 218 GLU A O   1 
ATOM   1489 C  CB  . GLU A 1 189 ? 4.366   4.155   -16.813 1.00 46.50  ? 218 GLU A CB  1 
ATOM   1490 C  CG  . GLU A 1 189 ? 3.040   4.125   -16.078 1.00 53.12  ? 218 GLU A CG  1 
ATOM   1491 C  CD  . GLU A 1 189 ? 1.858   4.394   -16.988 1.00 56.94  ? 218 GLU A CD  1 
ATOM   1492 O  OE1 . GLU A 1 189 ? 1.557   3.540   -17.851 1.00 60.45  ? 218 GLU A OE1 1 
ATOM   1493 O  OE2 . GLU A 1 189 ? 1.233   5.465   -16.839 1.00 57.72  ? 218 GLU A OE2 1 
ATOM   1494 N  N   . GLU A 1 190 ? 7.228   2.893   -17.827 1.00 31.35  ? 219 GLU A N   1 
ATOM   1495 C  CA  . GLU A 1 190 ? 8.408   3.089   -18.652 1.00 31.21  ? 219 GLU A CA  1 
ATOM   1496 C  C   . GLU A 1 190 ? 8.501   1.985   -19.701 1.00 30.44  ? 219 GLU A C   1 
ATOM   1497 O  O   . GLU A 1 190 ? 8.185   0.825   -19.423 1.00 27.05  ? 219 GLU A O   1 
ATOM   1498 C  CB  . GLU A 1 190 ? 9.665   3.091   -17.784 1.00 40.28  ? 219 GLU A CB  1 
ATOM   1499 C  CG  . GLU A 1 190 ? 9.584   4.073   -16.626 1.00 50.51  ? 219 GLU A CG  1 
ATOM   1500 C  CD  . GLU A 1 190 ? 10.931  4.338   -15.982 1.00 55.38  ? 219 GLU A CD  1 
ATOM   1501 O  OE1 . GLU A 1 190 ? 11.826  3.472   -16.091 1.00 57.49  ? 219 GLU A OE1 1 
ATOM   1502 O  OE2 . GLU A 1 190 ? 11.085  5.410   -15.355 1.00 57.42  ? 219 GLU A OE2 1 
ATOM   1503 N  N   . LEU A 1 191 ? 8.951   2.355   -20.895 1.00 28.67  ? 220 LEU A N   1 
ATOM   1504 C  CA  . LEU A 1 191 ? 9.060   1.421   -22.007 1.00 28.43  ? 220 LEU A CA  1 
ATOM   1505 C  C   . LEU A 1 191 ? 10.189  0.408   -21.911 1.00 29.39  ? 220 LEU A C   1 
ATOM   1506 O  O   . LEU A 1 191 ? 11.224  0.645   -21.285 1.00 28.01  ? 220 LEU A O   1 
ATOM   1507 C  CB  . LEU A 1 191 ? 9.227   2.194   -23.320 1.00 26.38  ? 220 LEU A CB  1 
ATOM   1508 C  CG  . LEU A 1 191 ? 8.377   3.444   -23.514 1.00 24.80  ? 220 LEU A CG  1 
ATOM   1509 C  CD1 . LEU A 1 191 ? 8.671   4.044   -24.888 1.00 25.34  ? 220 LEU A CD1 1 
ATOM   1510 C  CD2 . LEU A 1 191 ? 6.900   3.094   -23.364 1.00 24.28  ? 220 LEU A CD2 1 
ATOM   1511 N  N   . VAL A 1 192 ? 9.968   -0.737  -22.545 1.00 32.56  ? 221 VAL A N   1 
ATOM   1512 C  CA  . VAL A 1 192 ? 10.968  -1.786  -22.612 1.00 32.57  ? 221 VAL A CA  1 
ATOM   1513 C  C   . VAL A 1 192 ? 11.394  -1.659  -24.067 1.00 34.18  ? 221 VAL A C   1 
ATOM   1514 O  O   . VAL A 1 192 ? 10.629  -1.985  -24.978 1.00 36.41  ? 221 VAL A O   1 
ATOM   1515 C  CB  . VAL A 1 192 ? 10.357  -3.166  -22.325 1.00 27.90  ? 221 VAL A CB  1 
ATOM   1516 C  CG1 . VAL A 1 192 ? 11.401  -4.245  -22.546 1.00 27.86  ? 221 VAL A CG1 1 
ATOM   1517 C  CG2 . VAL A 1 192 ? 9.836   -3.211  -20.868 1.00 24.06  ? 221 VAL A CG2 1 
ATOM   1518 N  N   . ILE A 1 193 ? 12.612  -1.170  -24.278 1.00 33.36  ? 222 ILE A N   1 
ATOM   1519 C  CA  . ILE A 1 193 ? 13.112  -0.913  -25.625 1.00 34.16  ? 222 ILE A CA  1 
ATOM   1520 C  C   . ILE A 1 193 ? 14.166  -1.846  -26.210 1.00 31.22  ? 222 ILE A C   1 
ATOM   1521 O  O   . ILE A 1 193 ? 14.969  -2.420  -25.491 1.00 33.33  ? 222 ILE A O   1 
ATOM   1522 C  CB  . ILE A 1 193 ? 13.654  0.538   -25.700 1.00 46.60  ? 222 ILE A CB  1 
ATOM   1523 C  CG1 . ILE A 1 193 ? 12.587  1.517   -25.195 1.00 49.31  ? 222 ILE A CG1 1 
ATOM   1524 C  CG2 . ILE A 1 193 ? 14.062  0.883   -27.123 1.00 47.05  ? 222 ILE A CG2 1 
ATOM   1525 C  CD1 . ILE A 1 193 ? 11.248  1.317   -25.835 1.00 48.36  ? 222 ILE A CD1 1 
ATOM   1526 N  N   . GLU A 1 194 ? 14.146  -1.971  -27.535 1.00 30.86  ? 223 GLU A N   1 
ATOM   1527 C  CA  . GLU A 1 194 ? 15.083  -2.800  -28.302 1.00 36.39  ? 223 GLU A CA  1 
ATOM   1528 C  C   . GLU A 1 194 ? 16.519  -2.444  -27.917 1.00 42.44  ? 223 GLU A C   1 
ATOM   1529 O  O   . GLU A 1 194 ? 16.802  -1.313  -27.515 1.00 38.31  ? 223 GLU A O   1 
ATOM   1530 C  CB  . GLU A 1 194 ? 14.881  -2.522  -29.798 1.00 39.84  ? 223 GLU A CB  1 
ATOM   1531 C  CG  . GLU A 1 194 ? 15.068  -3.701  -30.737 1.00 38.30  ? 223 GLU A CG  1 
ATOM   1532 C  CD  . GLU A 1 194 ? 14.446  -3.444  -32.109 1.00 38.03  ? 223 GLU A CD  1 
ATOM   1533 O  OE1 . GLU A 1 194 ? 13.367  -2.808  -32.145 1.00 36.22  ? 223 GLU A OE1 1 
ATOM   1534 O  OE2 . GLU A 1 194 ? 15.016  -3.888  -33.138 1.00 30.13  ? 223 GLU A OE2 1 
ATOM   1535 N  N   . GLN A 1 195 ? 17.426  -3.405  -28.045 1.00 61.33  ? 224 GLN A N   1 
ATOM   1536 C  CA  . GLN A 1 195 ? 18.830  -3.174  -27.727 1.00 69.85  ? 224 GLN A CA  1 
ATOM   1537 C  C   . GLN A 1 195 ? 19.737  -3.850  -28.743 1.00 73.12  ? 224 GLN A C   1 
ATOM   1538 O  O   . GLN A 1 195 ? 19.694  -5.064  -28.908 1.00 73.65  ? 224 GLN A O   1 
ATOM   1539 C  CB  . GLN A 1 195 ? 19.166  -3.695  -26.331 1.00 82.74  ? 224 GLN A CB  1 
ATOM   1540 C  CG  . GLN A 1 195 ? 18.682  -2.812  -25.198 1.00 82.92  ? 224 GLN A CG  1 
ATOM   1541 C  CD  . GLN A 1 195 ? 19.140  -3.316  -23.839 1.00 83.21  ? 224 GLN A CD  1 
ATOM   1542 O  OE1 . GLN A 1 195 ? 20.335  -3.502  -23.603 1.00 83.72  ? 224 GLN A OE1 1 
ATOM   1543 N  NE2 . GLN A 1 195 ? 18.190  -3.535  -22.939 1.00 82.89  ? 224 GLN A NE2 1 
ATOM   1544 N  N   . GLN A 1 196 ? 20.550  -3.055  -29.432 1.00 111.23 ? 225 GLN A N   1 
ATOM   1545 C  CA  . GLN A 1 196 ? 21.480  -3.575  -30.432 1.00 110.71 ? 225 GLN A CA  1 
ATOM   1546 C  C   . GLN A 1 196 ? 22.636  -2.606  -30.592 1.00 110.96 ? 225 GLN A C   1 
ATOM   1547 O  O   . GLN A 1 196 ? 22.495  -1.465  -30.113 1.00 68.06  ? 225 GLN A O   1 
ATOM   1548 C  CB  . GLN A 1 196 ? 20.773  -3.745  -31.779 1.00 94.31  ? 225 GLN A CB  1 
ATOM   1549 C  CG  . GLN A 1 196 ? 19.739  -4.846  -31.807 1.00 94.49  ? 225 GLN A CG  1 
ATOM   1550 C  CD  . GLN A 1 196 ? 18.969  -4.891  -33.110 1.00 94.82  ? 225 GLN A CD  1 
ATOM   1551 O  OE1 . GLN A 1 196 ? 19.550  -5.034  -34.189 1.00 95.11  ? 225 GLN A OE1 1 
ATOM   1552 N  NE2 . GLN A 1 196 ? 17.648  -4.771  -33.018 1.00 94.95  ? 225 GLN A NE2 1 
ATOM   1553 O  OXT . GLN A 1 196 ? 23.654  -2.995  -31.201 1.00 94.85  ? 225 GLN A OXT 1 
HETATM 1554 ZN ZN  . ZN  B 2 .   ? 8.647   -27.132 -30.692 0.72 11.64  ? 501 ZN  A ZN  1 
HETATM 1555 ZN ZN  . ZN  C 2 .   ? -0.298  -12.806 15.790  0.70 29.59  ? 502 ZN  A ZN  1 
HETATM 1556 O  O   . HOH D 3 .   ? -9.343  11.793  6.249   1.00 20.47  ? 301 HOH A O   1 
HETATM 1557 O  O   . HOH D 3 .   ? 4.355   19.932  11.209  1.00 21.54  ? 302 HOH A O   1 
HETATM 1558 O  O   . HOH D 3 .   ? 3.296   -3.535  -0.027  1.00 22.71  ? 303 HOH A O   1 
HETATM 1559 O  O   . HOH D 3 .   ? 7.091   -2.199  -18.104 1.00 23.04  ? 304 HOH A O   1 
HETATM 1560 O  O   . HOH D 3 .   ? 4.367   -1.157  -1.537  1.00 24.05  ? 305 HOH A O   1 
HETATM 1561 O  O   . HOH D 3 .   ? 7.631   7.399   -5.118  1.00 24.08  ? 306 HOH A O   1 
HETATM 1562 O  O   . HOH D 3 .   ? 0.305   -1.168  2.255   1.00 24.87  ? 307 HOH A O   1 
HETATM 1563 O  O   . HOH D 3 .   ? 6.200   -0.627  -20.604 1.00 24.88  ? 308 HOH A O   1 
HETATM 1564 O  O   . HOH D 3 .   ? 1.323   11.725  6.058   1.00 25.21  ? 309 HOH A O   1 
HETATM 1565 O  O   . HOH D 3 .   ? 0.577   5.526   -3.918  1.00 25.27  ? 310 HOH A O   1 
HETATM 1566 O  O   . HOH D 3 .   ? -15.653 13.969  11.311  1.00 26.10  ? 311 HOH A O   1 
HETATM 1567 O  O   . HOH D 3 .   ? -1.568  -1.496  4.710   1.00 26.43  ? 312 HOH A O   1 
HETATM 1568 O  O   . HOH D 3 .   ? 5.075   -25.504 -33.308 1.00 26.50  ? 313 HOH A O   1 
HETATM 1569 O  O   . HOH D 3 .   ? 7.053   7.200   5.671   1.00 27.23  ? 314 HOH A O   1 
HETATM 1570 O  O   . HOH D 3 .   ? -4.783  13.024  17.726  1.00 27.48  ? 315 HOH A O   1 
HETATM 1571 O  O   . HOH D 3 .   ? 0.388   -0.949  6.612   1.00 27.86  ? 316 HOH A O   1 
HETATM 1572 O  O   . HOH D 3 .   ? 11.689  -0.439  -18.512 1.00 28.10  ? 317 HOH A O   1 
HETATM 1573 O  O   . HOH D 3 .   ? 8.418   0.288   -6.043  1.00 28.41  ? 318 HOH A O   1 
HETATM 1574 O  O   . HOH D 3 .   ? 5.440   -26.570 -20.766 1.00 29.13  ? 319 HOH A O   1 
HETATM 1575 O  O   . HOH D 3 .   ? -2.498  18.834  9.787   1.00 29.21  ? 320 HOH A O   1 
HETATM 1576 O  O   . HOH D 3 .   ? -0.254  0.909   8.674   1.00 29.48  ? 321 HOH A O   1 
HETATM 1577 O  O   . HOH D 3 .   ? -10.473 0.316   0.488   1.00 29.75  ? 322 HOH A O   1 
HETATM 1578 O  O   . HOH D 3 .   ? 14.558  -23.597 -31.447 1.00 30.62  ? 323 HOH A O   1 
HETATM 1579 O  O   . HOH D 3 .   ? -10.750 13.837  7.864   1.00 31.19  ? 324 HOH A O   1 
HETATM 1580 O  O   . HOH D 3 .   ? -8.632  7.498   -1.161  1.00 31.83  ? 325 HOH A O   1 
HETATM 1581 O  O   . HOH D 3 .   ? 9.478   7.788   7.325   1.00 31.87  ? 326 HOH A O   1 
HETATM 1582 O  O   . HOH D 3 .   ? 8.324   -18.108 -15.222 1.00 31.90  ? 327 HOH A O   1 
HETATM 1583 O  O   . HOH D 3 .   ? 4.585   -6.081  -24.804 1.00 32.20  ? 328 HOH A O   1 
HETATM 1584 O  O   . HOH D 3 .   ? 3.821   -21.696 -16.190 1.00 32.22  ? 329 HOH A O   1 
HETATM 1585 O  O   . HOH D 3 .   ? -4.233  23.498  17.608  1.00 32.42  ? 330 HOH A O   1 
HETATM 1586 O  O   . HOH D 3 .   ? -1.396  20.515  26.002  1.00 32.59  ? 331 HOH A O   1 
HETATM 1587 O  O   . HOH D 3 .   ? 7.286   -15.321 -15.739 1.00 32.89  ? 332 HOH A O   1 
HETATM 1588 O  O   . HOH D 3 .   ? -2.213  13.069  16.200  1.00 33.41  ? 333 HOH A O   1 
HETATM 1589 O  O   . HOH D 3 .   ? 4.252   -3.476  -23.684 1.00 33.58  ? 334 HOH A O   1 
HETATM 1590 O  O   . HOH D 3 .   ? -8.123  0.073   2.849   1.00 34.12  ? 335 HOH A O   1 
HETATM 1591 O  O   . HOH D 3 .   ? -3.707  4.563   17.775  1.00 34.16  ? 336 HOH A O   1 
HETATM 1592 O  O   . HOH D 3 .   ? -1.490  -12.185 -20.411 1.00 34.30  ? 337 HOH A O   1 
HETATM 1593 O  O   . HOH D 3 .   ? 5.168   -5.536  6.135   1.00 34.35  ? 338 HOH A O   1 
HETATM 1594 O  O   . HOH D 3 .   ? -10.979 0.214   -2.832  1.00 34.38  ? 339 HOH A O   1 
HETATM 1595 O  O   . HOH D 3 .   ? 7.238   -6.017  -26.431 1.00 34.41  ? 340 HOH A O   1 
HETATM 1596 O  O   . HOH D 3 .   ? 11.416  7.447   -5.942  1.00 34.49  ? 341 HOH A O   1 
HETATM 1597 O  O   . HOH D 3 .   ? 8.805   -23.842 -19.506 1.00 34.60  ? 342 HOH A O   1 
HETATM 1598 O  O   . HOH D 3 .   ? -13.441 20.397  9.084   1.00 34.90  ? 343 HOH A O   1 
HETATM 1599 O  O   . HOH D 3 .   ? 4.901   -15.974 -6.372  1.00 35.55  ? 344 HOH A O   1 
HETATM 1600 O  O   . HOH D 3 .   ? 7.359   -0.834  -23.889 1.00 35.66  ? 345 HOH A O   1 
HETATM 1601 O  O   . HOH D 3 .   ? -2.530  -14.524 -33.512 1.00 35.97  ? 346 HOH A O   1 
HETATM 1602 O  O   . HOH D 3 .   ? 3.773   15.337  16.759  1.00 36.44  ? 347 HOH A O   1 
HETATM 1603 O  O   . HOH D 3 .   ? -6.897  29.332  14.876  1.00 37.47  ? 348 HOH A O   1 
HETATM 1604 O  O   . HOH D 3 .   ? 4.530   -15.573 -32.405 1.00 37.93  ? 349 HOH A O   1 
HETATM 1605 O  O   . HOH D 3 .   ? -1.331  22.718  17.860  1.00 37.93  ? 350 HOH A O   1 
HETATM 1606 O  O   . HOH D 3 .   ? -1.391  10.307  15.606  1.00 37.95  ? 351 HOH A O   1 
HETATM 1607 O  O   . HOH D 3 .   ? -12.775 3.795   4.423   1.00 38.00  ? 352 HOH A O   1 
HETATM 1608 O  O   . HOH D 3 .   ? -8.724  -0.413  -4.577  1.00 38.04  ? 353 HOH A O   1 
HETATM 1609 O  O   . HOH D 3 .   ? 1.980   -17.325 -7.616  1.00 38.08  ? 354 HOH A O   1 
HETATM 1610 O  O   . HOH D 3 .   ? 5.989   -1.470  2.128   1.00 38.43  ? 355 HOH A O   1 
HETATM 1611 O  O   . HOH D 3 .   ? -2.317  10.746  0.073   1.00 39.19  ? 356 HOH A O   1 
HETATM 1612 O  O   . HOH D 3 .   ? 9.351   -16.957 -12.539 1.00 39.20  ? 357 HOH A O   1 
HETATM 1613 O  O   . HOH D 3 .   ? -13.554 3.219   12.493  1.00 39.25  ? 358 HOH A O   1 
HETATM 1614 O  O   . HOH D 3 .   ? 9.741   -20.120 -19.555 1.00 39.73  ? 359 HOH A O   1 
HETATM 1615 O  O   . HOH D 3 .   ? -3.747  -16.266 2.065   1.00 39.76  ? 360 HOH A O   1 
HETATM 1616 O  O   . HOH D 3 .   ? 2.171   -3.106  7.473   1.00 39.77  ? 361 HOH A O   1 
HETATM 1617 O  O   . HOH D 3 .   ? 13.448  -8.497  -16.030 1.00 40.53  ? 362 HOH A O   1 
HETATM 1618 O  O   . HOH D 3 .   ? 0.069   -2.850  11.039  1.00 40.61  ? 363 HOH A O   1 
HETATM 1619 O  O   . HOH D 3 .   ? 1.712   23.180  12.886  1.00 40.89  ? 364 HOH A O   1 
HETATM 1620 O  O   . HOH D 3 .   ? 14.433  -0.671  -21.810 1.00 41.10  ? 365 HOH A O   1 
HETATM 1621 O  O   . HOH D 3 .   ? 5.715   13.947  14.839  1.00 41.22  ? 366 HOH A O   1 
HETATM 1622 O  O   . HOH D 3 .   ? -4.124  -16.982 -14.156 1.00 41.91  ? 367 HOH A O   1 
HETATM 1623 O  O   . HOH D 3 .   ? -0.465  24.955  19.821  1.00 42.45  ? 368 HOH A O   1 
HETATM 1624 O  O   . HOH D 3 .   ? 10.520  -16.142 -26.001 1.00 42.85  ? 369 HOH A O   1 
HETATM 1625 O  O   . HOH D 3 .   ? -1.411  0.461   16.096  1.00 42.96  ? 370 HOH A O   1 
HETATM 1626 O  O   . HOH D 3 .   ? -1.250  10.820  12.680  1.00 43.10  ? 371 HOH A O   1 
HETATM 1627 O  O   . HOH D 3 .   ? 5.380   0.081   4.802   1.00 43.20  ? 372 HOH A O   1 
HETATM 1628 O  O   . HOH D 3 .   ? 11.786  -8.572  -3.058  1.00 43.40  ? 373 HOH A O   1 
HETATM 1629 O  O   . HOH D 3 .   ? 9.172   -19.627 -26.036 1.00 43.75  ? 374 HOH A O   1 
HETATM 1630 O  O   . HOH D 3 .   ? -2.786  3.174   15.192  1.00 43.81  ? 375 HOH A O   1 
HETATM 1631 O  O   . HOH D 3 .   ? 9.291   -2.336  1.752   1.00 44.46  ? 376 HOH A O   1 
HETATM 1632 O  O   . HOH D 3 .   ? 9.836   4.819   -2.765  1.00 44.64  ? 377 HOH A O   1 
HETATM 1633 O  O   . HOH D 3 .   ? 3.717   3.718   -21.066 1.00 45.13  ? 378 HOH A O   1 
HETATM 1634 O  O   . HOH D 3 .   ? 1.466   11.157  0.483   1.00 45.27  ? 379 HOH A O   1 
HETATM 1635 O  O   . HOH D 3 .   ? 13.397  -21.685 -28.382 1.00 45.36  ? 380 HOH A O   1 
HETATM 1636 O  O   . HOH D 3 .   ? 12.422  -12.316 -13.733 1.00 45.46  ? 381 HOH A O   1 
HETATM 1637 O  O   . HOH D 3 .   ? -3.849  -18.602 -9.769  1.00 45.48  ? 382 HOH A O   1 
HETATM 1638 O  O   . HOH D 3 .   ? -3.445  26.180  16.356  1.00 45.52  ? 383 HOH A O   1 
HETATM 1639 O  O   . HOH D 3 .   ? -4.841  9.638   1.118   1.00 45.56  ? 384 HOH A O   1 
HETATM 1640 O  O   . HOH D 3 .   ? 5.940   9.593   -3.950  1.00 45.73  ? 385 HOH A O   1 
HETATM 1641 O  O   . HOH D 3 .   ? -2.431  7.123   -12.175 1.00 46.00  ? 386 HOH A O   1 
HETATM 1642 O  O   . HOH D 3 .   ? 0.132   20.457  8.563   1.00 46.32  ? 387 HOH A O   1 
HETATM 1643 O  O   . HOH D 3 .   ? 12.041  -1.639  -29.030 1.00 46.36  ? 388 HOH A O   1 
HETATM 1644 O  O   . HOH D 3 .   ? 10.289  -10.844 -4.885  1.00 46.37  ? 389 HOH A O   1 
HETATM 1645 O  O   . HOH D 3 .   ? 1.218   14.331  15.502  1.00 46.60  ? 390 HOH A O   1 
HETATM 1646 O  O   . HOH D 3 .   ? -3.162  -13.925 -30.539 1.00 46.74  ? 391 HOH A O   1 
HETATM 1647 O  O   . HOH D 3 .   ? 4.824   -1.830  -26.336 1.00 47.20  ? 392 HOH A O   1 
HETATM 1648 O  O   . HOH D 3 .   ? 9.015   -3.109  -6.478  1.00 47.70  ? 393 HOH A O   1 
HETATM 1649 O  O   . HOH D 3 .   ? -3.798  14.831  20.616  1.00 47.71  ? 394 HOH A O   1 
HETATM 1650 O  O   . HOH D 3 .   ? 2.684   3.604   20.899  1.00 47.75  ? 395 HOH A O   1 
HETATM 1651 O  O   . HOH D 3 .   ? 6.054   6.658   14.176  1.00 47.94  ? 396 HOH A O   1 
HETATM 1652 O  O   . HOH D 3 .   ? 2.122   -0.112  4.424   1.00 48.21  ? 397 HOH A O   1 
HETATM 1653 O  O   . HOH D 3 .   ? -3.136  -15.826 -22.562 1.00 48.76  ? 398 HOH A O   1 
HETATM 1654 O  O   . HOH D 3 .   ? 16.235  -24.846 -29.353 1.00 49.11  ? 399 HOH A O   1 
HETATM 1655 O  O   . HOH D 3 .   ? 0.718   -5.282  -27.712 1.00 49.14  ? 400 HOH A O   1 
HETATM 1656 O  O   . HOH D 3 .   ? -0.779  2.175   -19.681 1.00 49.17  ? 401 HOH A O   1 
HETATM 1657 O  O   . HOH D 3 .   ? 6.926   -4.424  2.717   1.00 49.43  ? 402 HOH A O   1 
HETATM 1658 O  O   . HOH D 3 .   ? 1.491   8.660   -3.656  1.00 50.03  ? 403 HOH A O   1 
HETATM 1659 O  O   . HOH D 3 .   ? 13.688  -2.651  -19.264 1.00 50.53  ? 404 HOH A O   1 
HETATM 1660 O  O   . HOH D 3 .   ? -0.923  15.302  17.489  1.00 50.62  ? 405 HOH A O   1 
HETATM 1661 O  O   . HOH D 3 .   ? -14.599 -1.242  8.992   1.00 50.62  ? 406 HOH A O   1 
HETATM 1662 O  O   . HOH D 3 .   ? -1.758  -18.594 -15.275 1.00 50.89  ? 407 HOH A O   1 
HETATM 1663 O  O   . HOH D 3 .   ? 4.937   -2.481  6.525   1.00 51.11  ? 408 HOH A O   1 
HETATM 1664 O  O   . HOH D 3 .   ? 0.645   24.475  15.770  1.00 51.25  ? 409 HOH A O   1 
HETATM 1665 O  O   . HOH D 3 .   ? -9.257  1.663   5.130   1.00 51.51  ? 410 HOH A O   1 
HETATM 1666 O  O   . HOH D 3 .   ? 1.323   -6.465  -30.561 1.00 51.54  ? 411 HOH A O   1 
HETATM 1667 O  O   . HOH D 3 .   ? 9.450   -1.907  -27.655 1.00 51.56  ? 412 HOH A O   1 
HETATM 1668 O  O   . HOH D 3 .   ? 6.114   7.485   16.993  1.00 51.62  ? 413 HOH A O   1 
HETATM 1669 O  O   . HOH D 3 .   ? -7.114  -9.111  -11.725 1.00 51.66  ? 414 HOH A O   1 
HETATM 1670 O  O   . HOH D 3 .   ? 8.003   -16.018 -5.523  1.00 51.76  ? 415 HOH A O   1 
HETATM 1671 O  O   . HOH D 3 .   ? 6.163   -3.268  9.544   1.00 51.76  ? 416 HOH A O   1 
HETATM 1672 O  O   . HOH D 3 .   ? -4.405  4.293   31.138  1.00 51.83  ? 417 HOH A O   1 
HETATM 1673 O  O   . HOH D 3 .   ? -12.320 -11.229 2.897   1.00 51.92  ? 418 HOH A O   1 
HETATM 1674 O  O   . HOH D 3 .   ? 7.797   0.352   -26.858 1.00 51.93  ? 419 HOH A O   1 
HETATM 1675 O  O   . HOH D 3 .   ? -12.113 15.955  27.610  1.00 51.93  ? 420 HOH A O   1 
HETATM 1676 O  O   . HOH D 3 .   ? 14.611  -24.040 -26.999 1.00 51.95  ? 421 HOH A O   1 
HETATM 1677 O  O   . HOH D 3 .   ? -5.190  -15.159 -16.246 1.00 52.09  ? 422 HOH A O   1 
HETATM 1678 O  O   . HOH D 3 .   ? 6.681   -7.246  8.590   1.00 52.11  ? 423 HOH A O   1 
HETATM 1679 O  O   . HOH D 3 .   ? -9.914  0.532   16.728  1.00 52.13  ? 424 HOH A O   1 
HETATM 1680 O  O   . HOH D 3 .   ? -4.095  -12.418 -16.719 1.00 52.22  ? 425 HOH A O   1 
HETATM 1681 O  O   . HOH D 3 .   ? 5.197   22.774  9.890   1.00 52.33  ? 426 HOH A O   1 
HETATM 1682 O  O   . HOH D 3 .   ? 0.214   7.543   -10.767 1.00 52.33  ? 427 HOH A O   1 
HETATM 1683 O  O   . HOH D 3 .   ? 9.338   -0.697  -32.108 1.00 52.61  ? 428 HOH A O   1 
HETATM 1684 O  O   . HOH D 3 .   ? -11.145 18.244  8.784   1.00 52.62  ? 429 HOH A O   1 
HETATM 1685 O  O   . HOH D 3 .   ? -1.965  3.539   -16.991 1.00 52.76  ? 430 HOH A O   1 
HETATM 1686 O  O   . HOH D 3 .   ? -6.174  -1.486  -16.956 1.00 52.79  ? 431 HOH A O   1 
HETATM 1687 O  O   . HOH D 3 .   ? -5.819  -15.017 5.669   1.00 52.92  ? 432 HOH A O   1 
HETATM 1688 O  O   . HOH D 3 .   ? -2.438  -1.862  -24.025 1.00 52.98  ? 433 HOH A O   1 
HETATM 1689 O  O   . HOH D 3 .   ? 7.438   -13.275 -4.123  1.00 53.38  ? 434 HOH A O   1 
HETATM 1690 O  O   . HOH D 3 .   ? 8.010   -2.865  -29.912 1.00 53.40  ? 435 HOH A O   1 
HETATM 1691 O  O   . HOH D 3 .   ? 15.129  -12.772 -17.687 1.00 53.68  ? 436 HOH A O   1 
HETATM 1692 O  O   . HOH D 3 .   ? 11.293  -14.059 -11.092 1.00 54.64  ? 437 HOH A O   1 
HETATM 1693 O  O   . HOH D 3 .   ? 15.977  -20.250 -29.019 1.00 54.81  ? 438 HOH A O   1 
HETATM 1694 O  O   . HOH D 3 .   ? -7.212  -13.560 -6.939  1.00 55.61  ? 439 HOH A O   1 
HETATM 1695 O  O   . HOH D 3 .   ? -7.908  -5.923  -5.825  1.00 55.74  ? 440 HOH A O   1 
HETATM 1696 O  O   . HOH D 3 .   ? 7.650   11.724  15.740  1.00 56.41  ? 441 HOH A O   1 
HETATM 1697 O  O   . HOH D 3 .   ? 14.907  2.951   -4.689  1.00 56.56  ? 442 HOH A O   1 
HETATM 1698 O  O   . HOH D 3 .   ? -4.771  27.206  13.807  1.00 56.77  ? 443 HOH A O   1 
HETATM 1699 O  O   . HOH D 3 .   ? 11.792  6.956   -1.856  1.00 57.44  ? 444 HOH A O   1 
HETATM 1700 O  O   . HOH D 3 .   ? 6.709   13.286  21.767  1.00 57.69  ? 445 HOH A O   1 
HETATM 1701 O  O   . HOH D 3 .   ? -18.995 8.526   13.063  1.00 58.15  ? 446 HOH A O   1 
HETATM 1702 O  O   . HOH D 3 .   ? -9.564  -4.043  -3.834  1.00 58.83  ? 447 HOH A O   1 
HETATM 1703 O  O   . HOH D 3 .   ? 13.165  -15.521 -20.041 1.00 59.52  ? 448 HOH A O   1 
HETATM 1704 O  O   . HOH D 3 .   ? 8.533   7.327   23.972  1.00 60.51  ? 449 HOH A O   1 
HETATM 1705 O  O   . HOH D 3 .   ? -10.916 0.758   -7.261  1.00 62.02  ? 450 HOH A O   1 
HETATM 1706 O  O   . HOH D 3 .   ? 9.276   -1.853  -2.551  1.00 62.70  ? 451 HOH A O   1 
HETATM 1707 O  O   . HOH D 3 .   ? -1.144  -3.389  20.709  1.00 64.61  ? 452 HOH A O   1 
HETATM 1708 O  O   . HOH D 3 .   ? -13.757 16.233  12.465  1.00 66.77  ? 453 HOH A O   1 
# 
